data_5G31
# 
_entry.id   5G31 
# 
_audit_conform.dict_name       mmcif_pdbx.dic 
_audit_conform.dict_version    5.398 
_audit_conform.dict_location   http://mmcif.pdb.org/dictionaries/ascii/mmcif_pdbx.dic 
# 
loop_
_database_2.database_id 
_database_2.database_code 
_database_2.pdbx_database_accession 
_database_2.pdbx_DOI 
PDB   5G31         pdb_00005g31 10.2210/pdb5g31/pdb 
PDBE  EBI-66692    ?            ?                   
WWPDB D_1290066692 ?            ?                   
# 
loop_
_pdbx_audit_revision_history.ordinal 
_pdbx_audit_revision_history.data_content_type 
_pdbx_audit_revision_history.major_revision 
_pdbx_audit_revision_history.minor_revision 
_pdbx_audit_revision_history.revision_date 
1 'Structure model' 1 0 2017-03-15 
2 'Structure model' 1 1 2017-04-12 
3 'Structure model' 1 2 2017-04-19 
4 'Structure model' 1 3 2024-01-10 
5 'Structure model' 1 4 2024-11-13 
# 
_pdbx_audit_revision_details.ordinal             1 
_pdbx_audit_revision_details.revision_ordinal    1 
_pdbx_audit_revision_details.data_content_type   'Structure model' 
_pdbx_audit_revision_details.provider            repository 
_pdbx_audit_revision_details.type                'Initial release' 
_pdbx_audit_revision_details.description         ? 
_pdbx_audit_revision_details.details             ? 
# 
loop_
_pdbx_audit_revision_group.ordinal 
_pdbx_audit_revision_group.revision_ordinal 
_pdbx_audit_revision_group.data_content_type 
_pdbx_audit_revision_group.group 
1 2 'Structure model' 'Database references'    
2 3 'Structure model' 'Database references'    
3 4 'Structure model' 'Data collection'        
4 4 'Structure model' 'Database references'    
5 4 'Structure model' 'Derived calculations'   
6 4 'Structure model' Other                    
7 4 'Structure model' 'Refinement description' 
8 5 'Structure model' 'Structure summary'      
# 
loop_
_pdbx_audit_revision_category.ordinal 
_pdbx_audit_revision_category.revision_ordinal 
_pdbx_audit_revision_category.data_content_type 
_pdbx_audit_revision_category.category 
1  4 'Structure model' chem_comp_atom                
2  4 'Structure model' chem_comp_bond                
3  4 'Structure model' database_2                    
4  4 'Structure model' pdbx_database_status          
5  4 'Structure model' pdbx_initial_refinement_model 
6  4 'Structure model' pdbx_struct_conn_angle        
7  4 'Structure model' struct_conn                   
8  4 'Structure model' struct_site                   
9  5 'Structure model' pdbx_entry_details            
10 5 'Structure model' pdbx_modification_feature     
# 
loop_
_pdbx_audit_revision_item.ordinal 
_pdbx_audit_revision_item.revision_ordinal 
_pdbx_audit_revision_item.data_content_type 
_pdbx_audit_revision_item.item 
1  4 'Structure model' '_database_2.pdbx_DOI'                         
2  4 'Structure model' '_database_2.pdbx_database_accession'          
3  4 'Structure model' '_pdbx_database_status.status_code_sf'         
4  4 'Structure model' '_pdbx_struct_conn_angle.ptnr1_auth_comp_id'   
5  4 'Structure model' '_pdbx_struct_conn_angle.ptnr1_auth_seq_id'    
6  4 'Structure model' '_pdbx_struct_conn_angle.ptnr1_label_atom_id'  
7  4 'Structure model' '_pdbx_struct_conn_angle.ptnr1_label_comp_id'  
8  4 'Structure model' '_pdbx_struct_conn_angle.ptnr1_label_seq_id'   
9  4 'Structure model' '_pdbx_struct_conn_angle.ptnr3_auth_comp_id'   
10 4 'Structure model' '_pdbx_struct_conn_angle.ptnr3_auth_seq_id'    
11 4 'Structure model' '_pdbx_struct_conn_angle.ptnr3_label_atom_id'  
12 4 'Structure model' '_pdbx_struct_conn_angle.ptnr3_label_comp_id'  
13 4 'Structure model' '_pdbx_struct_conn_angle.ptnr3_label_seq_id'   
14 4 'Structure model' '_struct_conn.pdbx_dist_value'                 
15 4 'Structure model' '_struct_conn.ptnr1_auth_comp_id'              
16 4 'Structure model' '_struct_conn.ptnr1_auth_seq_id'               
17 4 'Structure model' '_struct_conn.ptnr1_label_asym_id'             
18 4 'Structure model' '_struct_conn.ptnr1_label_atom_id'             
19 4 'Structure model' '_struct_conn.ptnr1_label_comp_id'             
20 4 'Structure model' '_struct_conn.ptnr1_label_seq_id'              
21 4 'Structure model' '_struct_conn.ptnr2_auth_comp_id'              
22 4 'Structure model' '_struct_conn.ptnr2_auth_seq_id'               
23 4 'Structure model' '_struct_conn.ptnr2_label_asym_id'             
24 4 'Structure model' '_struct_conn.ptnr2_label_atom_id'             
25 4 'Structure model' '_struct_conn.ptnr2_label_comp_id'             
26 4 'Structure model' '_struct_conn.ptnr2_label_seq_id'              
27 4 'Structure model' '_struct_site.pdbx_auth_asym_id'               
28 4 'Structure model' '_struct_site.pdbx_auth_comp_id'               
29 4 'Structure model' '_struct_site.pdbx_auth_seq_id'                
30 5 'Structure model' '_pdbx_entry_details.has_protein_modification' 
# 
_pdbx_database_status.status_code                     REL 
_pdbx_database_status.entry_id                        5G31 
_pdbx_database_status.deposit_site                    PDBE 
_pdbx_database_status.process_site                    PDBE 
_pdbx_database_status.SG_entry                        . 
_pdbx_database_status.recvd_initial_deposition_date   2016-04-18 
_pdbx_database_status.pdb_format_compatible           Y 
_pdbx_database_status.status_code_sf                  REL 
_pdbx_database_status.status_code_mr                  ? 
_pdbx_database_status.status_code_cs                  ? 
_pdbx_database_status.methods_development_category    ? 
_pdbx_database_status.status_code_nmr_data            ? 
# 
loop_
_pdbx_database_related.db_name 
_pdbx_database_related.db_id 
_pdbx_database_related.content_type 
_pdbx_database_related.details 
PDB 5G2Z unspecified 'CRYSTALLOGRAPHIC STRUCTURE OF MUTANT W31A OF THIOREDOXIN FROM LITOPENAEUS VANNAMEI' 
PDB 5G30 unspecified 'CRYSTALLOGRAPHIC STRUCTURE OF MUTANT D60S OF THIOREDOXIN FROM LITOPENAEUS VANNAMEI' 
# 
loop_
_audit_author.name 
_audit_author.pdbx_ordinal 
'Campos-Acevedo, A.A.' 1 
'Rudino-Pinera, E.'    2 
# 
_citation.id                        primary 
_citation.title                     
'Is dimerization a common feature in thioredoxins? The case of thioredoxin from Litopenaeus vannamei.' 
_citation.journal_abbrev            'Acta Crystallogr D Struct Biol' 
_citation.journal_volume            73 
_citation.page_first                326 
_citation.page_last                 339 
_citation.year                      2017 
_citation.journal_id_ASTM           ? 
_citation.country                   ? 
_citation.journal_id_ISSN           2059-7983 
_citation.journal_id_CSD            ? 
_citation.book_publisher            ? 
_citation.pdbx_database_id_PubMed   28375144 
_citation.pdbx_database_id_DOI      10.1107/S2059798317002066 
# 
loop_
_citation_author.citation_id 
_citation_author.name 
_citation_author.ordinal 
_citation_author.identifier_ORCID 
primary 'Campos-Acevedo, A.A.' 1 ? 
primary 'Sotelo-Mundo, R.R.'   2 ? 
primary 'Perez, J.'            3 ? 
primary 'Rudino-Pinera, E.'    4 ? 
# 
loop_
_entity.id 
_entity.type 
_entity.src_method 
_entity.pdbx_description 
_entity.formula_weight 
_entity.pdbx_number_of_molecules 
_entity.pdbx_ec 
_entity.pdbx_mutation 
_entity.pdbx_fragment 
_entity.details 
1 polymer     man THIOREDOXIN 11942.645 1  1.8.1.9 YES ? 
'RESIDUE 11 IS A SER IN THE UNIPROT DEPOSIT B1PWB9, IN THIS STRUCTURE A PHE IS CLEARLY VISIBLE ON POSITION 11.' 
2 non-polymer syn 'ZINC ION'  65.409    1  ?       ?   ? ? 
3 water       nat water       18.015    54 ?       ?   ? ? 
# 
_entity_poly.entity_id                      1 
_entity_poly.type                           'polypeptide(L)' 
_entity_poly.nstd_linkage                   no 
_entity_poly.nstd_monomer                   no 
_entity_poly.pdbx_seq_one_letter_code       
;MVYQVKDQEDFTKQLNEAGNKLVVIDFYATWCGPCKMIAPKLEELSQSMSDVVFLKVDVDECEDIAQDNQIASMPTFLFM
KNGQKLDSLSGANYDKLLELVEKNK
;
_entity_poly.pdbx_seq_one_letter_code_can   
;MVYQVKDQEDFTKQLNEAGNKLVVIDFYATWCGPCKMIAPKLEELSQSMSDVVFLKVDVDECEDIAQDNQIASMPTFLFM
KNGQKLDSLSGANYDKLLELVEKNK
;
_entity_poly.pdbx_strand_id                 A 
_entity_poly.pdbx_target_identifier         ? 
# 
loop_
_pdbx_entity_nonpoly.entity_id 
_pdbx_entity_nonpoly.name 
_pdbx_entity_nonpoly.comp_id 
2 'ZINC ION' ZN  
3 water      HOH 
# 
loop_
_entity_poly_seq.entity_id 
_entity_poly_seq.num 
_entity_poly_seq.mon_id 
_entity_poly_seq.hetero 
1 1   MET n 
1 2   VAL n 
1 3   TYR n 
1 4   GLN n 
1 5   VAL n 
1 6   LYS n 
1 7   ASP n 
1 8   GLN n 
1 9   GLU n 
1 10  ASP n 
1 11  PHE n 
1 12  THR n 
1 13  LYS n 
1 14  GLN n 
1 15  LEU n 
1 16  ASN n 
1 17  GLU n 
1 18  ALA n 
1 19  GLY n 
1 20  ASN n 
1 21  LYS n 
1 22  LEU n 
1 23  VAL n 
1 24  VAL n 
1 25  ILE n 
1 26  ASP n 
1 27  PHE n 
1 28  TYR n 
1 29  ALA n 
1 30  THR n 
1 31  TRP n 
1 32  CYS n 
1 33  GLY n 
1 34  PRO n 
1 35  CYS n 
1 36  LYS n 
1 37  MET n 
1 38  ILE n 
1 39  ALA n 
1 40  PRO n 
1 41  LYS n 
1 42  LEU n 
1 43  GLU n 
1 44  GLU n 
1 45  LEU n 
1 46  SER n 
1 47  GLN n 
1 48  SER n 
1 49  MET n 
1 50  SER n 
1 51  ASP n 
1 52  VAL n 
1 53  VAL n 
1 54  PHE n 
1 55  LEU n 
1 56  LYS n 
1 57  VAL n 
1 58  ASP n 
1 59  VAL n 
1 60  ASP n 
1 61  GLU n 
1 62  CYS n 
1 63  GLU n 
1 64  ASP n 
1 65  ILE n 
1 66  ALA n 
1 67  GLN n 
1 68  ASP n 
1 69  ASN n 
1 70  GLN n 
1 71  ILE n 
1 72  ALA n 
1 73  SER n 
1 74  MET n 
1 75  PRO n 
1 76  THR n 
1 77  PHE n 
1 78  LEU n 
1 79  PHE n 
1 80  MET n 
1 81  LYS n 
1 82  ASN n 
1 83  GLY n 
1 84  GLN n 
1 85  LYS n 
1 86  LEU n 
1 87  ASP n 
1 88  SER n 
1 89  LEU n 
1 90  SER n 
1 91  GLY n 
1 92  ALA n 
1 93  ASN n 
1 94  TYR n 
1 95  ASP n 
1 96  LYS n 
1 97  LEU n 
1 98  LEU n 
1 99  GLU n 
1 100 LEU n 
1 101 VAL n 
1 102 GLU n 
1 103 LYS n 
1 104 ASN n 
1 105 LYS n 
# 
_entity_src_gen.entity_id                          1 
_entity_src_gen.pdbx_src_id                        1 
_entity_src_gen.pdbx_alt_source_flag               sample 
_entity_src_gen.pdbx_seq_type                      ? 
_entity_src_gen.pdbx_beg_seq_num                   ? 
_entity_src_gen.pdbx_end_seq_num                   ? 
_entity_src_gen.gene_src_common_name               'PACIFIC WHITE SHRIMP' 
_entity_src_gen.gene_src_genus                     ? 
_entity_src_gen.pdbx_gene_src_gene                 ? 
_entity_src_gen.gene_src_species                   ? 
_entity_src_gen.gene_src_strain                    ? 
_entity_src_gen.gene_src_tissue                    ? 
_entity_src_gen.gene_src_tissue_fraction           ? 
_entity_src_gen.gene_src_details                   ? 
_entity_src_gen.pdbx_gene_src_fragment             ? 
_entity_src_gen.pdbx_gene_src_scientific_name      'LITOPENAEUS VANNAMEI' 
_entity_src_gen.pdbx_gene_src_ncbi_taxonomy_id     6689 
_entity_src_gen.pdbx_gene_src_variant              ? 
_entity_src_gen.pdbx_gene_src_cell_line            ? 
_entity_src_gen.pdbx_gene_src_atcc                 ? 
_entity_src_gen.pdbx_gene_src_organ                ? 
_entity_src_gen.pdbx_gene_src_organelle            ? 
_entity_src_gen.pdbx_gene_src_cell                 ? 
_entity_src_gen.pdbx_gene_src_cellular_location    ? 
_entity_src_gen.host_org_common_name               ? 
_entity_src_gen.pdbx_host_org_scientific_name      'ESCHERICHIA COLI' 
_entity_src_gen.pdbx_host_org_ncbi_taxonomy_id     562 
_entity_src_gen.host_org_genus                     ? 
_entity_src_gen.pdbx_host_org_gene                 ? 
_entity_src_gen.pdbx_host_org_organ                ? 
_entity_src_gen.host_org_species                   ? 
_entity_src_gen.pdbx_host_org_tissue               ? 
_entity_src_gen.pdbx_host_org_tissue_fraction      ? 
_entity_src_gen.pdbx_host_org_strain               ? 
_entity_src_gen.pdbx_host_org_variant              ? 
_entity_src_gen.pdbx_host_org_cell_line            ? 
_entity_src_gen.pdbx_host_org_atcc                 ? 
_entity_src_gen.pdbx_host_org_culture_collection   ? 
_entity_src_gen.pdbx_host_org_cell                 ? 
_entity_src_gen.pdbx_host_org_organelle            ? 
_entity_src_gen.pdbx_host_org_cellular_location    ? 
_entity_src_gen.pdbx_host_org_vector_type          ? 
_entity_src_gen.pdbx_host_org_vector               ? 
_entity_src_gen.host_org_details                   ? 
_entity_src_gen.expression_system_id               ? 
_entity_src_gen.plasmid_name                       PET22B 
_entity_src_gen.plasmid_details                    ? 
_entity_src_gen.pdbx_description                   ? 
# 
loop_
_chem_comp.id 
_chem_comp.type 
_chem_comp.mon_nstd_flag 
_chem_comp.name 
_chem_comp.pdbx_synonyms 
_chem_comp.formula 
_chem_comp.formula_weight 
ALA 'L-peptide linking' y ALANINE         ? 'C3 H7 N O2'     89.093  
ASN 'L-peptide linking' y ASPARAGINE      ? 'C4 H8 N2 O3'    132.118 
ASP 'L-peptide linking' y 'ASPARTIC ACID' ? 'C4 H7 N O4'     133.103 
CYS 'L-peptide linking' y CYSTEINE        ? 'C3 H7 N O2 S'   121.158 
GLN 'L-peptide linking' y GLUTAMINE       ? 'C5 H10 N2 O3'   146.144 
GLU 'L-peptide linking' y 'GLUTAMIC ACID' ? 'C5 H9 N O4'     147.129 
GLY 'peptide linking'   y GLYCINE         ? 'C2 H5 N O2'     75.067  
HOH non-polymer         . WATER           ? 'H2 O'           18.015  
ILE 'L-peptide linking' y ISOLEUCINE      ? 'C6 H13 N O2'    131.173 
LEU 'L-peptide linking' y LEUCINE         ? 'C6 H13 N O2'    131.173 
LYS 'L-peptide linking' y LYSINE          ? 'C6 H15 N2 O2 1' 147.195 
MET 'L-peptide linking' y METHIONINE      ? 'C5 H11 N O2 S'  149.211 
PHE 'L-peptide linking' y PHENYLALANINE   ? 'C9 H11 N O2'    165.189 
PRO 'L-peptide linking' y PROLINE         ? 'C5 H9 N O2'     115.130 
SER 'L-peptide linking' y SERINE          ? 'C3 H7 N O3'     105.093 
THR 'L-peptide linking' y THREONINE       ? 'C4 H9 N O3'     119.119 
TRP 'L-peptide linking' y TRYPTOPHAN      ? 'C11 H12 N2 O2'  204.225 
TYR 'L-peptide linking' y TYROSINE        ? 'C9 H11 N O3'    181.189 
VAL 'L-peptide linking' y VALINE          ? 'C5 H11 N O2'    117.146 
ZN  non-polymer         . 'ZINC ION'      ? 'Zn 2'           65.409  
# 
loop_
_pdbx_poly_seq_scheme.asym_id 
_pdbx_poly_seq_scheme.entity_id 
_pdbx_poly_seq_scheme.seq_id 
_pdbx_poly_seq_scheme.mon_id 
_pdbx_poly_seq_scheme.ndb_seq_num 
_pdbx_poly_seq_scheme.pdb_seq_num 
_pdbx_poly_seq_scheme.auth_seq_num 
_pdbx_poly_seq_scheme.pdb_mon_id 
_pdbx_poly_seq_scheme.auth_mon_id 
_pdbx_poly_seq_scheme.pdb_strand_id 
_pdbx_poly_seq_scheme.pdb_ins_code 
_pdbx_poly_seq_scheme.hetero 
A 1 1   MET 1   1   1   MET MET A . n 
A 1 2   VAL 2   2   2   VAL VAL A . n 
A 1 3   TYR 3   3   3   TYR TYR A . n 
A 1 4   GLN 4   4   4   GLN GLN A . n 
A 1 5   VAL 5   5   5   VAL VAL A . n 
A 1 6   LYS 6   6   6   LYS LYS A . n 
A 1 7   ASP 7   7   7   ASP ASP A . n 
A 1 8   GLN 8   8   8   GLN GLN A . n 
A 1 9   GLU 9   9   9   GLU GLU A . n 
A 1 10  ASP 10  10  10  ASP ASP A . n 
A 1 11  PHE 11  11  11  PHE PHE A . n 
A 1 12  THR 12  12  12  THR THR A . n 
A 1 13  LYS 13  13  13  LYS LYS A . n 
A 1 14  GLN 14  14  14  GLN GLN A . n 
A 1 15  LEU 15  15  15  LEU LEU A . n 
A 1 16  ASN 16  16  16  ASN ASN A . n 
A 1 17  GLU 17  17  17  GLU GLU A . n 
A 1 18  ALA 18  18  18  ALA ALA A . n 
A 1 19  GLY 19  19  19  GLY GLY A . n 
A 1 20  ASN 20  20  20  ASN ASN A . n 
A 1 21  LYS 21  21  21  LYS LYS A . n 
A 1 22  LEU 22  22  22  LEU LEU A . n 
A 1 23  VAL 23  23  23  VAL VAL A . n 
A 1 24  VAL 24  24  24  VAL VAL A . n 
A 1 25  ILE 25  25  25  ILE ILE A . n 
A 1 26  ASP 26  26  26  ASP ASP A . n 
A 1 27  PHE 27  27  27  PHE PHE A . n 
A 1 28  TYR 28  28  28  TYR TYR A . n 
A 1 29  ALA 29  29  29  ALA ALA A . n 
A 1 30  THR 30  30  30  THR THR A . n 
A 1 31  TRP 31  31  31  TRP TRP A . n 
A 1 32  CYS 32  32  32  CYS CYS A . n 
A 1 33  GLY 33  33  33  GLY GLY A . n 
A 1 34  PRO 34  34  34  PRO PRO A . n 
A 1 35  CYS 35  35  35  CYS CYS A . n 
A 1 36  LYS 36  36  36  LYS LYS A . n 
A 1 37  MET 37  37  37  MET MET A . n 
A 1 38  ILE 38  38  38  ILE ILE A . n 
A 1 39  ALA 39  39  39  ALA ALA A . n 
A 1 40  PRO 40  40  40  PRO PRO A . n 
A 1 41  LYS 41  41  41  LYS LYS A . n 
A 1 42  LEU 42  42  42  LEU LEU A . n 
A 1 43  GLU 43  43  43  GLU GLU A . n 
A 1 44  GLU 44  44  44  GLU GLU A . n 
A 1 45  LEU 45  45  45  LEU LEU A . n 
A 1 46  SER 46  46  46  SER SER A . n 
A 1 47  GLN 47  47  47  GLN GLN A . n 
A 1 48  SER 48  48  48  SER SER A . n 
A 1 49  MET 49  49  49  MET MET A . n 
A 1 50  SER 50  50  50  SER SER A . n 
A 1 51  ASP 51  51  51  ASP ASP A . n 
A 1 52  VAL 52  52  52  VAL VAL A . n 
A 1 53  VAL 53  53  53  VAL VAL A . n 
A 1 54  PHE 54  54  54  PHE PHE A . n 
A 1 55  LEU 55  55  55  LEU LEU A . n 
A 1 56  LYS 56  56  56  LYS LYS A . n 
A 1 57  VAL 57  57  57  VAL VAL A . n 
A 1 58  ASP 58  58  58  ASP ASP A . n 
A 1 59  VAL 59  59  59  VAL VAL A . n 
A 1 60  ASP 60  60  60  ASP ASP A . n 
A 1 61  GLU 61  61  61  GLU GLU A . n 
A 1 62  CYS 62  62  62  CYS CYS A . n 
A 1 63  GLU 63  63  63  GLU GLU A . n 
A 1 64  ASP 64  64  64  ASP ASP A . n 
A 1 65  ILE 65  65  65  ILE ILE A . n 
A 1 66  ALA 66  66  66  ALA ALA A . n 
A 1 67  GLN 67  67  67  GLN GLN A . n 
A 1 68  ASP 68  68  68  ASP ASP A . n 
A 1 69  ASN 69  69  69  ASN ASN A . n 
A 1 70  GLN 70  70  70  GLN GLN A . n 
A 1 71  ILE 71  71  71  ILE ILE A . n 
A 1 72  ALA 72  72  72  ALA ALA A . n 
A 1 73  SER 73  73  73  SER SER A . n 
A 1 74  MET 74  74  74  MET MET A . n 
A 1 75  PRO 75  75  75  PRO PRO A . n 
A 1 76  THR 76  76  76  THR THR A . n 
A 1 77  PHE 77  77  77  PHE PHE A . n 
A 1 78  LEU 78  78  78  LEU LEU A . n 
A 1 79  PHE 79  79  79  PHE PHE A . n 
A 1 80  MET 80  80  80  MET MET A . n 
A 1 81  LYS 81  81  81  LYS LYS A . n 
A 1 82  ASN 82  82  82  ASN ASN A . n 
A 1 83  GLY 83  83  83  GLY GLY A . n 
A 1 84  GLN 84  84  84  GLN GLN A . n 
A 1 85  LYS 85  85  85  LYS LYS A . n 
A 1 86  LEU 86  86  86  LEU LEU A . n 
A 1 87  ASP 87  87  87  ASP ASP A . n 
A 1 88  SER 88  88  88  SER SER A . n 
A 1 89  LEU 89  89  89  LEU LEU A . n 
A 1 90  SER 90  90  90  SER SER A . n 
A 1 91  GLY 91  91  91  GLY GLY A . n 
A 1 92  ALA 92  92  92  ALA ALA A . n 
A 1 93  ASN 93  93  93  ASN ASN A . n 
A 1 94  TYR 94  94  94  TYR TYR A . n 
A 1 95  ASP 95  95  95  ASP ASP A . n 
A 1 96  LYS 96  96  96  LYS LYS A . n 
A 1 97  LEU 97  97  97  LEU LEU A . n 
A 1 98  LEU 98  98  98  LEU LEU A . n 
A 1 99  GLU 99  99  99  GLU GLU A . n 
A 1 100 LEU 100 100 100 LEU LEU A . n 
A 1 101 VAL 101 101 101 VAL VAL A . n 
A 1 102 GLU 102 102 102 GLU GLU A . n 
A 1 103 LYS 103 103 103 LYS LYS A . n 
A 1 104 ASN 104 104 104 ASN ASN A . n 
A 1 105 LYS 105 105 105 LYS LYS A . n 
# 
loop_
_pdbx_nonpoly_scheme.asym_id 
_pdbx_nonpoly_scheme.entity_id 
_pdbx_nonpoly_scheme.mon_id 
_pdbx_nonpoly_scheme.ndb_seq_num 
_pdbx_nonpoly_scheme.pdb_seq_num 
_pdbx_nonpoly_scheme.auth_seq_num 
_pdbx_nonpoly_scheme.pdb_mon_id 
_pdbx_nonpoly_scheme.auth_mon_id 
_pdbx_nonpoly_scheme.pdb_strand_id 
_pdbx_nonpoly_scheme.pdb_ins_code 
B 2 ZN  1  1106 1106 ZN  ZN  A . 
C 3 HOH 1  2001 2001 HOH HOH A . 
C 3 HOH 2  2002 2002 HOH HOH A . 
C 3 HOH 3  2003 2003 HOH HOH A . 
C 3 HOH 4  2004 2004 HOH HOH A . 
C 3 HOH 5  2005 2005 HOH HOH A . 
C 3 HOH 6  2006 2006 HOH HOH A . 
C 3 HOH 7  2007 2007 HOH HOH A . 
C 3 HOH 8  2008 2008 HOH HOH A . 
C 3 HOH 9  2009 2009 HOH HOH A . 
C 3 HOH 10 2010 2010 HOH HOH A . 
C 3 HOH 11 2011 2011 HOH HOH A . 
C 3 HOH 12 2012 2012 HOH HOH A . 
C 3 HOH 13 2013 2013 HOH HOH A . 
C 3 HOH 14 2014 2014 HOH HOH A . 
C 3 HOH 15 2015 2015 HOH HOH A . 
C 3 HOH 16 2016 2016 HOH HOH A . 
C 3 HOH 17 2017 2017 HOH HOH A . 
C 3 HOH 18 2018 2018 HOH HOH A . 
C 3 HOH 19 2019 2019 HOH HOH A . 
C 3 HOH 20 2020 2020 HOH HOH A . 
C 3 HOH 21 2021 2021 HOH HOH A . 
C 3 HOH 22 2022 2022 HOH HOH A . 
C 3 HOH 23 2023 2023 HOH HOH A . 
C 3 HOH 24 2024 2024 HOH HOH A . 
C 3 HOH 25 2025 2025 HOH HOH A . 
C 3 HOH 26 2026 2026 HOH HOH A . 
C 3 HOH 27 2027 2027 HOH HOH A . 
C 3 HOH 28 2028 2028 HOH HOH A . 
C 3 HOH 29 2029 2029 HOH HOH A . 
C 3 HOH 30 2030 2030 HOH HOH A . 
C 3 HOH 31 2031 2031 HOH HOH A . 
C 3 HOH 32 2032 2032 HOH HOH A . 
C 3 HOH 33 2033 2033 HOH HOH A . 
C 3 HOH 34 2034 2034 HOH HOH A . 
C 3 HOH 35 2035 2035 HOH HOH A . 
C 3 HOH 36 2036 2036 HOH HOH A . 
C 3 HOH 37 2037 2037 HOH HOH A . 
C 3 HOH 38 2038 2038 HOH HOH A . 
C 3 HOH 39 2039 2039 HOH HOH A . 
C 3 HOH 40 2040 2040 HOH HOH A . 
C 3 HOH 41 2041 2041 HOH HOH A . 
C 3 HOH 42 2042 2042 HOH HOH A . 
C 3 HOH 43 2043 2043 HOH HOH A . 
C 3 HOH 44 2044 2044 HOH HOH A . 
C 3 HOH 45 2045 2045 HOH HOH A . 
C 3 HOH 46 2046 2046 HOH HOH A . 
C 3 HOH 47 2047 2047 HOH HOH A . 
C 3 HOH 48 2048 2048 HOH HOH A . 
C 3 HOH 49 2049 2049 HOH HOH A . 
C 3 HOH 50 2050 2050 HOH HOH A . 
C 3 HOH 51 2051 2051 HOH HOH A . 
C 3 HOH 52 2052 2052 HOH HOH A . 
C 3 HOH 53 2053 2053 HOH HOH A . 
C 3 HOH 54 2054 2054 HOH HOH A . 
# 
loop_
_software.name 
_software.classification 
_software.version 
_software.citation_id 
_software.pdbx_ordinal 
PHENIX  refinement       '(PHENIX.REFINE)' ? 1 
XDS     'data reduction' .                 ? 2 
Aimless 'data scaling'   .                 ? 3 
PHASER  phasing          .                 ? 4 
# 
_cell.entry_id           5G31 
_cell.length_a           63.444 
_cell.length_b           63.444 
_cell.length_c           56.297 
_cell.angle_alpha        90.00 
_cell.angle_beta         90.00 
_cell.angle_gamma        90.00 
_cell.Z_PDB              8 
_cell.pdbx_unique_axis   ? 
# 
_symmetry.entry_id                         5G31 
_symmetry.space_group_name_H-M             'P 42 21 2' 
_symmetry.pdbx_full_space_group_name_H-M   ? 
_symmetry.cell_setting                     ? 
_symmetry.Int_Tables_number                94 
# 
_exptl.entry_id          5G31 
_exptl.method            'X-RAY DIFFRACTION' 
_exptl.crystals_number   1 
# 
_exptl_crystal.id                    1 
_exptl_crystal.density_meas          ? 
_exptl_crystal.density_Matthews      2.36 
_exptl_crystal.density_percent_sol   47.89 
_exptl_crystal.description           NONE 
# 
_exptl_crystal_grow.crystal_id      1 
_exptl_crystal_grow.method          ? 
_exptl_crystal_grow.temp            ? 
_exptl_crystal_grow.temp_details    ? 
_exptl_crystal_grow.pH              8.0 
_exptl_crystal_grow.pdbx_pH_range   ? 
_exptl_crystal_grow.pdbx_details    '20 % (W/V) POLYETHYLENE GLYCOL 3,000. 100 MM IMIDAZOLE PH 8.0. 200 MM ZINC ACETATE' 
# 
_diffrn.id                     1 
_diffrn.ambient_temp           100 
_diffrn.ambient_temp_details   ? 
_diffrn.crystal_id             1 
# 
_diffrn_detector.diffrn_id              1 
_diffrn_detector.detector               CCD 
_diffrn_detector.type                   'ADSC QUANTUM 315' 
_diffrn_detector.pdbx_collection_date   2014-03-17 
_diffrn_detector.details                ? 
# 
_diffrn_radiation.diffrn_id                        1 
_diffrn_radiation.wavelength_id                    1 
_diffrn_radiation.pdbx_monochromatic_or_laue_m_l   M 
_diffrn_radiation.monochromator                    ? 
_diffrn_radiation.pdbx_diffrn_protocol             'SINGLE WAVELENGTH' 
_diffrn_radiation.pdbx_scattering_type             x-ray 
# 
_diffrn_radiation_wavelength.id           1 
_diffrn_radiation_wavelength.wavelength   0.979 
_diffrn_radiation_wavelength.wt           1.0 
# 
_diffrn_source.diffrn_id                   1 
_diffrn_source.source                      SYNCHROTRON 
_diffrn_source.type                        'APS BEAMLINE 19-ID' 
_diffrn_source.pdbx_synchrotron_site       APS 
_diffrn_source.pdbx_synchrotron_beamline   19-ID 
_diffrn_source.pdbx_wavelength             0.979 
_diffrn_source.pdbx_wavelength_list        ? 
# 
_reflns.pdbx_diffrn_id               1 
_reflns.pdbx_ordinal                 1 
_reflns.entry_id                     5G31 
_reflns.observed_criterion_sigma_I   0.0 
_reflns.observed_criterion_sigma_F   ? 
_reflns.d_resolution_low             44.86 
_reflns.d_resolution_high            2.00 
_reflns.number_obs                   8227 
_reflns.number_all                   ? 
_reflns.percent_possible_obs         100.0 
_reflns.pdbx_Rmerge_I_obs            0.05 
_reflns.pdbx_Rsym_value              ? 
_reflns.pdbx_netI_over_sigmaI        31.70 
_reflns.B_iso_Wilson_estimate        30.69 
_reflns.pdbx_redundancy              11.6 
# 
_reflns_shell.pdbx_diffrn_id         1 
_reflns_shell.pdbx_ordinal           1 
_reflns_shell.d_res_high             2.00 
_reflns_shell.d_res_low              2.05 
_reflns_shell.percent_possible_all   100.0 
_reflns_shell.Rmerge_I_obs           0.34 
_reflns_shell.pdbx_Rsym_value        ? 
_reflns_shell.meanI_over_sigI_obs    7.60 
_reflns_shell.pdbx_redundancy        11.9 
# 
_refine.pdbx_refine_id                           'X-RAY DIFFRACTION' 
_refine.entry_id                                 5G31 
_refine.pdbx_diffrn_id                           1 
_refine.pdbx_TLS_residual_ADP_flag               ? 
_refine.ls_number_reflns_obs                     8198 
_refine.ls_number_reflns_all                     ? 
_refine.pdbx_ls_sigma_I                          ? 
_refine.pdbx_ls_sigma_F                          1.35 
_refine.pdbx_data_cutoff_high_absF               ? 
_refine.pdbx_data_cutoff_low_absF                ? 
_refine.pdbx_data_cutoff_high_rms_absF           ? 
_refine.ls_d_res_low                             44.862 
_refine.ls_d_res_high                            2.000 
_refine.ls_percent_reflns_obs                    99.91 
_refine.ls_R_factor_obs                          0.2113 
_refine.ls_R_factor_all                          ? 
_refine.ls_R_factor_R_work                       0.2081 
_refine.ls_R_factor_R_free                       0.2393 
_refine.ls_R_factor_R_free_error                 ? 
_refine.ls_R_factor_R_free_error_details         ? 
_refine.ls_percent_reflns_R_free                 10.00 
_refine.ls_number_reflns_R_free                  820 
_refine.ls_number_parameters                     ? 
_refine.ls_number_restraints                     ? 
_refine.occupancy_min                            ? 
_refine.occupancy_max                            ? 
_refine.correlation_coeff_Fo_to_Fc               ? 
_refine.correlation_coeff_Fo_to_Fc_free          ? 
_refine.B_iso_mean                               35.66 
_refine.aniso_B[1][1]                            ? 
_refine.aniso_B[2][2]                            ? 
_refine.aniso_B[3][3]                            ? 
_refine.aniso_B[1][2]                            ? 
_refine.aniso_B[1][3]                            ? 
_refine.aniso_B[2][3]                            ? 
_refine.solvent_model_details                    'FLAT BULK SOLVENT MODEL' 
_refine.solvent_model_param_ksol                 ? 
_refine.solvent_model_param_bsol                 ? 
_refine.pdbx_solvent_vdw_probe_radii             1.11 
_refine.pdbx_solvent_ion_probe_radii             ? 
_refine.pdbx_solvent_shrinkage_radii             0.90 
_refine.pdbx_ls_cross_valid_method               ? 
_refine.details                                  ? 
_refine.pdbx_starting_model                      'PDB ENTRY 3ZZX' 
_refine.pdbx_method_to_determine_struct          'MOLECULAR REPLACEMENT' 
_refine.pdbx_isotropic_thermal_model             ? 
_refine.pdbx_stereochemistry_target_values       ML 
_refine.pdbx_stereochem_target_val_spec_case     ? 
_refine.pdbx_R_Free_selection_details            ? 
_refine.pdbx_overall_ESU_R                       ? 
_refine.pdbx_overall_ESU_R_Free                  ? 
_refine.overall_SU_ML                            0.18 
_refine.pdbx_overall_phase_error                 26.04 
_refine.overall_SU_B                             ? 
_refine.overall_SU_R_Cruickshank_DPI             ? 
_refine.pdbx_overall_SU_R_free_Cruickshank_DPI   ? 
_refine.pdbx_overall_SU_R_Blow_DPI               ? 
_refine.pdbx_overall_SU_R_free_Blow_DPI          ? 
# 
_refine_hist.pdbx_refine_id                   'X-RAY DIFFRACTION' 
_refine_hist.cycle_id                         LAST 
_refine_hist.pdbx_number_atoms_protein        833 
_refine_hist.pdbx_number_atoms_nucleic_acid   0 
_refine_hist.pdbx_number_atoms_ligand         1 
_refine_hist.number_atoms_solvent             54 
_refine_hist.number_atoms_total               888 
_refine_hist.d_res_high                       2.000 
_refine_hist.d_res_low                        44.862 
# 
loop_
_refine_ls_restr.type 
_refine_ls_restr.dev_ideal 
_refine_ls_restr.dev_ideal_target 
_refine_ls_restr.weight 
_refine_ls_restr.number 
_refine_ls_restr.pdbx_refine_id 
_refine_ls_restr.pdbx_restraint_function 
f_bond_d           0.008  ? ? 892  'X-RAY DIFFRACTION' ? 
f_angle_d          0.908  ? ? 1210 'X-RAY DIFFRACTION' ? 
f_dihedral_angle_d 13.034 ? ? 560  'X-RAY DIFFRACTION' ? 
f_chiral_restr     0.054  ? ? 133  'X-RAY DIFFRACTION' ? 
f_plane_restr      0.005  ? ? 162  'X-RAY DIFFRACTION' ? 
# 
loop_
_refine_ls_shell.pdbx_refine_id 
_refine_ls_shell.pdbx_total_number_of_bins_used 
_refine_ls_shell.d_res_high 
_refine_ls_shell.d_res_low 
_refine_ls_shell.number_reflns_R_work 
_refine_ls_shell.R_factor_R_work 
_refine_ls_shell.percent_reflns_obs 
_refine_ls_shell.R_factor_R_free 
_refine_ls_shell.R_factor_R_free_error 
_refine_ls_shell.percent_reflns_R_free 
_refine_ls_shell.number_reflns_R_free 
_refine_ls_shell.number_reflns_all 
_refine_ls_shell.R_factor_all 
'X-RAY DIFFRACTION' . 2.0000 2.1253  1199 0.2178 100.00 0.2764 . . 133 . . 
'X-RAY DIFFRACTION' . 2.1253 2.2894  1194 0.2176 100.00 0.2631 . . 133 . . 
'X-RAY DIFFRACTION' . 2.2894 2.5198  1205 0.2160 100.00 0.2868 . . 134 . . 
'X-RAY DIFFRACTION' . 2.5198 2.8843  1221 0.2200 100.00 0.2717 . . 135 . . 
'X-RAY DIFFRACTION' . 2.8843 3.6337  1238 0.2085 100.00 0.2627 . . 138 . . 
'X-RAY DIFFRACTION' . 3.6337 44.8730 1321 0.1984 100.00 0.1967 . . 147 . . 
# 
_struct.entry_id                  5G31 
_struct.title                     'Crystallographic structure of mutant C73S of thioredoxin from Litopenaeus vannamei' 
_struct.pdbx_model_details        ? 
_struct.pdbx_CASP_flag            ? 
_struct.pdbx_model_type_details   ? 
# 
_struct_keywords.entry_id        5G31 
_struct_keywords.pdbx_keywords   OXIDOREDUCTASE 
_struct_keywords.text            'OXIDOREDUCTASE, THIOREDOXIN, SHRIMP, LITOPENAEUS VANNAMEI, MUTANT, DISULFIDE BOND' 
# 
loop_
_struct_asym.id 
_struct_asym.pdbx_blank_PDB_chainid_flag 
_struct_asym.pdbx_modified 
_struct_asym.entity_id 
_struct_asym.details 
A N N 1 ? 
B N N 2 ? 
C N N 3 ? 
# 
_struct_ref.id                         1 
_struct_ref.db_name                    UNP 
_struct_ref.db_code                    B1PWB9_LITVA 
_struct_ref.entity_id                  1 
_struct_ref.pdbx_seq_one_letter_code   ? 
_struct_ref.pdbx_align_begin           ? 
_struct_ref.pdbx_db_accession          B1PWB9 
_struct_ref.pdbx_db_isoform            ? 
# 
_struct_ref_seq.align_id                      1 
_struct_ref_seq.ref_id                        1 
_struct_ref_seq.pdbx_PDB_id_code              5G31 
_struct_ref_seq.pdbx_strand_id                A 
_struct_ref_seq.seq_align_beg                 1 
_struct_ref_seq.pdbx_seq_align_beg_ins_code   ? 
_struct_ref_seq.seq_align_end                 105 
_struct_ref_seq.pdbx_seq_align_end_ins_code   ? 
_struct_ref_seq.pdbx_db_accession             B1PWB9 
_struct_ref_seq.db_align_beg                  1 
_struct_ref_seq.pdbx_db_align_beg_ins_code    ? 
_struct_ref_seq.db_align_end                  105 
_struct_ref_seq.pdbx_db_align_end_ins_code    ? 
_struct_ref_seq.pdbx_auth_seq_align_beg       1 
_struct_ref_seq.pdbx_auth_seq_align_end       105 
# 
loop_
_struct_ref_seq_dif.align_id 
_struct_ref_seq_dif.pdbx_pdb_id_code 
_struct_ref_seq_dif.mon_id 
_struct_ref_seq_dif.pdbx_pdb_strand_id 
_struct_ref_seq_dif.seq_num 
_struct_ref_seq_dif.pdbx_pdb_ins_code 
_struct_ref_seq_dif.pdbx_seq_db_name 
_struct_ref_seq_dif.pdbx_seq_db_accession_code 
_struct_ref_seq_dif.db_mon_id 
_struct_ref_seq_dif.pdbx_seq_db_seq_num 
_struct_ref_seq_dif.details 
_struct_ref_seq_dif.pdbx_auth_seq_num 
_struct_ref_seq_dif.pdbx_ordinal 
1 5G31 PHE A 11 ? UNP B1PWB9 SER 11 conflict              11 1 
1 5G31 SER A 73 ? UNP B1PWB9 CYS 73 'engineered mutation' 73 2 
# 
_pdbx_struct_assembly.id                   1 
_pdbx_struct_assembly.details              author_and_software_defined_assembly 
_pdbx_struct_assembly.method_details       PISA 
_pdbx_struct_assembly.oligomeric_details   monomeric 
_pdbx_struct_assembly.oligomeric_count     1 
# 
_pdbx_struct_assembly_gen.assembly_id       1 
_pdbx_struct_assembly_gen.oper_expression   1 
_pdbx_struct_assembly_gen.asym_id_list      A,B,C 
# 
_pdbx_struct_oper_list.id                   1 
_pdbx_struct_oper_list.type                 'identity operation' 
_pdbx_struct_oper_list.name                 1_555 
_pdbx_struct_oper_list.symmetry_operation   x,y,z 
_pdbx_struct_oper_list.matrix[1][1]         1.0000000000 
_pdbx_struct_oper_list.matrix[1][2]         0.0000000000 
_pdbx_struct_oper_list.matrix[1][3]         0.0000000000 
_pdbx_struct_oper_list.vector[1]            0.0000000000 
_pdbx_struct_oper_list.matrix[2][1]         0.0000000000 
_pdbx_struct_oper_list.matrix[2][2]         1.0000000000 
_pdbx_struct_oper_list.matrix[2][3]         0.0000000000 
_pdbx_struct_oper_list.vector[2]            0.0000000000 
_pdbx_struct_oper_list.matrix[3][1]         0.0000000000 
_pdbx_struct_oper_list.matrix[3][2]         0.0000000000 
_pdbx_struct_oper_list.matrix[3][3]         1.0000000000 
_pdbx_struct_oper_list.vector[3]            0.0000000000 
# 
_struct_biol.id   1 
# 
loop_
_struct_conf.conf_type_id 
_struct_conf.id 
_struct_conf.pdbx_PDB_helix_id 
_struct_conf.beg_label_comp_id 
_struct_conf.beg_label_asym_id 
_struct_conf.beg_label_seq_id 
_struct_conf.pdbx_beg_PDB_ins_code 
_struct_conf.end_label_comp_id 
_struct_conf.end_label_asym_id 
_struct_conf.end_label_seq_id 
_struct_conf.pdbx_end_PDB_ins_code 
_struct_conf.beg_auth_comp_id 
_struct_conf.beg_auth_asym_id 
_struct_conf.beg_auth_seq_id 
_struct_conf.end_auth_comp_id 
_struct_conf.end_auth_asym_id 
_struct_conf.end_auth_seq_id 
_struct_conf.pdbx_PDB_helix_class 
_struct_conf.details 
_struct_conf.pdbx_PDB_helix_length 
HELX_P HELX_P1 1 ASP A 7  ? ALA A 18  ? ASP A 7  ALA A 18  1 ? 12 
HELX_P HELX_P2 2 CYS A 32 ? MET A 49  ? CYS A 32 MET A 49  1 ? 18 
HELX_P HELX_P3 3 CYS A 62 ? ASN A 69  ? CYS A 62 ASN A 69  1 ? 8  
HELX_P HELX_P4 4 ASN A 93 ? LYS A 105 ? ASN A 93 LYS A 105 1 ? 13 
# 
_struct_conf_type.id          HELX_P 
_struct_conf_type.criteria    ? 
_struct_conf_type.reference   ? 
# 
loop_
_struct_conn.id 
_struct_conn.conn_type_id 
_struct_conn.pdbx_leaving_atom_flag 
_struct_conn.pdbx_PDB_id 
_struct_conn.ptnr1_label_asym_id 
_struct_conn.ptnr1_label_comp_id 
_struct_conn.ptnr1_label_seq_id 
_struct_conn.ptnr1_label_atom_id 
_struct_conn.pdbx_ptnr1_label_alt_id 
_struct_conn.pdbx_ptnr1_PDB_ins_code 
_struct_conn.pdbx_ptnr1_standard_comp_id 
_struct_conn.ptnr1_symmetry 
_struct_conn.ptnr2_label_asym_id 
_struct_conn.ptnr2_label_comp_id 
_struct_conn.ptnr2_label_seq_id 
_struct_conn.ptnr2_label_atom_id 
_struct_conn.pdbx_ptnr2_label_alt_id 
_struct_conn.pdbx_ptnr2_PDB_ins_code 
_struct_conn.ptnr1_auth_asym_id 
_struct_conn.ptnr1_auth_comp_id 
_struct_conn.ptnr1_auth_seq_id 
_struct_conn.ptnr2_auth_asym_id 
_struct_conn.ptnr2_auth_comp_id 
_struct_conn.ptnr2_auth_seq_id 
_struct_conn.ptnr2_symmetry 
_struct_conn.pdbx_ptnr3_label_atom_id 
_struct_conn.pdbx_ptnr3_label_seq_id 
_struct_conn.pdbx_ptnr3_label_comp_id 
_struct_conn.pdbx_ptnr3_label_asym_id 
_struct_conn.pdbx_ptnr3_label_alt_id 
_struct_conn.pdbx_ptnr3_PDB_ins_code 
_struct_conn.details 
_struct_conn.pdbx_dist_value 
_struct_conn.pdbx_value_order 
_struct_conn.pdbx_role 
disulf1 disulf ? ? A CYS 32 SG  ? ? ? 1_555 A CYS 35 SG ? ? A CYS 32 A CYS 35   1_555 ? ? ? ? ? ? ? 2.065 ? ? 
metalc1 metalc ? ? A ASP 60 O   ? ? ? 1_555 B ZN  .  ZN ? ? A ASP 60 A ZN  1106 1_555 ? ? ? ? ? ? ? 2.029 ? ? 
metalc2 metalc ? ? A GLU 63 OE2 ? ? ? 1_555 B ZN  .  ZN ? ? A GLU 63 A ZN  1106 1_555 ? ? ? ? ? ? ? 2.099 ? ? 
# 
loop_
_struct_conn_type.id 
_struct_conn_type.criteria 
_struct_conn_type.reference 
disulf ? ? 
metalc ? ? 
# 
_pdbx_struct_conn_angle.id                    1 
_pdbx_struct_conn_angle.ptnr1_label_atom_id   O 
_pdbx_struct_conn_angle.ptnr1_label_alt_id    ? 
_pdbx_struct_conn_angle.ptnr1_label_asym_id   A 
_pdbx_struct_conn_angle.ptnr1_label_comp_id   ASP 
_pdbx_struct_conn_angle.ptnr1_label_seq_id    60 
_pdbx_struct_conn_angle.ptnr1_auth_atom_id    ? 
_pdbx_struct_conn_angle.ptnr1_auth_asym_id    A 
_pdbx_struct_conn_angle.ptnr1_auth_comp_id    ASP 
_pdbx_struct_conn_angle.ptnr1_auth_seq_id     60 
_pdbx_struct_conn_angle.ptnr1_PDB_ins_code    ? 
_pdbx_struct_conn_angle.ptnr1_symmetry        1_555 
_pdbx_struct_conn_angle.ptnr2_label_atom_id   ZN 
_pdbx_struct_conn_angle.ptnr2_label_alt_id    ? 
_pdbx_struct_conn_angle.ptnr2_label_asym_id   B 
_pdbx_struct_conn_angle.ptnr2_label_comp_id   ZN 
_pdbx_struct_conn_angle.ptnr2_label_seq_id    . 
_pdbx_struct_conn_angle.ptnr2_auth_atom_id    ? 
_pdbx_struct_conn_angle.ptnr2_auth_asym_id    A 
_pdbx_struct_conn_angle.ptnr2_auth_comp_id    ZN 
_pdbx_struct_conn_angle.ptnr2_auth_seq_id     1106 
_pdbx_struct_conn_angle.ptnr2_PDB_ins_code    ? 
_pdbx_struct_conn_angle.ptnr2_symmetry        1_555 
_pdbx_struct_conn_angle.ptnr3_label_atom_id   OE2 
_pdbx_struct_conn_angle.ptnr3_label_alt_id    ? 
_pdbx_struct_conn_angle.ptnr3_label_asym_id   A 
_pdbx_struct_conn_angle.ptnr3_label_comp_id   GLU 
_pdbx_struct_conn_angle.ptnr3_label_seq_id    63 
_pdbx_struct_conn_angle.ptnr3_auth_atom_id    ? 
_pdbx_struct_conn_angle.ptnr3_auth_asym_id    A 
_pdbx_struct_conn_angle.ptnr3_auth_comp_id    GLU 
_pdbx_struct_conn_angle.ptnr3_auth_seq_id     63 
_pdbx_struct_conn_angle.ptnr3_PDB_ins_code    ? 
_pdbx_struct_conn_angle.ptnr3_symmetry        1_555 
_pdbx_struct_conn_angle.value                 86.5 
_pdbx_struct_conn_angle.value_esd             ? 
# 
_pdbx_modification_feature.ordinal                            1 
_pdbx_modification_feature.label_comp_id                      CYS 
_pdbx_modification_feature.label_asym_id                      A 
_pdbx_modification_feature.label_seq_id                       32 
_pdbx_modification_feature.label_alt_id                       ? 
_pdbx_modification_feature.modified_residue_label_comp_id     CYS 
_pdbx_modification_feature.modified_residue_label_asym_id     A 
_pdbx_modification_feature.modified_residue_label_seq_id      35 
_pdbx_modification_feature.modified_residue_label_alt_id      ? 
_pdbx_modification_feature.auth_comp_id                       CYS 
_pdbx_modification_feature.auth_asym_id                       A 
_pdbx_modification_feature.auth_seq_id                        32 
_pdbx_modification_feature.PDB_ins_code                       ? 
_pdbx_modification_feature.symmetry                           1_555 
_pdbx_modification_feature.modified_residue_auth_comp_id      CYS 
_pdbx_modification_feature.modified_residue_auth_asym_id      A 
_pdbx_modification_feature.modified_residue_auth_seq_id       35 
_pdbx_modification_feature.modified_residue_PDB_ins_code      ? 
_pdbx_modification_feature.modified_residue_symmetry          1_555 
_pdbx_modification_feature.comp_id_linking_atom               SG 
_pdbx_modification_feature.modified_residue_id_linking_atom   SG 
_pdbx_modification_feature.modified_residue_id                . 
_pdbx_modification_feature.ref_pcm_id                         . 
_pdbx_modification_feature.ref_comp_id                        . 
_pdbx_modification_feature.type                               None 
_pdbx_modification_feature.category                           'Disulfide bridge' 
# 
loop_
_struct_mon_prot_cis.pdbx_id 
_struct_mon_prot_cis.label_comp_id 
_struct_mon_prot_cis.label_seq_id 
_struct_mon_prot_cis.label_asym_id 
_struct_mon_prot_cis.label_alt_id 
_struct_mon_prot_cis.pdbx_PDB_ins_code 
_struct_mon_prot_cis.auth_comp_id 
_struct_mon_prot_cis.auth_seq_id 
_struct_mon_prot_cis.auth_asym_id 
_struct_mon_prot_cis.pdbx_label_comp_id_2 
_struct_mon_prot_cis.pdbx_label_seq_id_2 
_struct_mon_prot_cis.pdbx_label_asym_id_2 
_struct_mon_prot_cis.pdbx_PDB_ins_code_2 
_struct_mon_prot_cis.pdbx_auth_comp_id_2 
_struct_mon_prot_cis.pdbx_auth_seq_id_2 
_struct_mon_prot_cis.pdbx_auth_asym_id_2 
_struct_mon_prot_cis.pdbx_PDB_model_num 
_struct_mon_prot_cis.pdbx_omega_angle 
1 MET 74 A . ? MET 74 A PRO 75 A ? PRO 75 A 1 -1.28 
2 MET 74 A . ? MET 74 A PRO 75 A ? PRO 75 A 1 -3.80 
# 
_struct_sheet.id               AA 
_struct_sheet.type             ? 
_struct_sheet.number_strands   5 
_struct_sheet.details          ? 
# 
loop_
_struct_sheet_order.sheet_id 
_struct_sheet_order.range_id_1 
_struct_sheet_order.range_id_2 
_struct_sheet_order.offset 
_struct_sheet_order.sense 
AA 1 2 ? parallel      
AA 2 3 ? parallel      
AA 3 4 ? anti-parallel 
AA 4 5 ? anti-parallel 
# 
loop_
_struct_sheet_range.sheet_id 
_struct_sheet_range.id 
_struct_sheet_range.beg_label_comp_id 
_struct_sheet_range.beg_label_asym_id 
_struct_sheet_range.beg_label_seq_id 
_struct_sheet_range.pdbx_beg_PDB_ins_code 
_struct_sheet_range.end_label_comp_id 
_struct_sheet_range.end_label_asym_id 
_struct_sheet_range.end_label_seq_id 
_struct_sheet_range.pdbx_end_PDB_ins_code 
_struct_sheet_range.beg_auth_comp_id 
_struct_sheet_range.beg_auth_asym_id 
_struct_sheet_range.beg_auth_seq_id 
_struct_sheet_range.end_auth_comp_id 
_struct_sheet_range.end_auth_asym_id 
_struct_sheet_range.end_auth_seq_id 
AA 1 TYR A 3  ? GLN A 4  ? TYR A 3  GLN A 4  
AA 2 VAL A 52 ? ASP A 58 ? VAL A 52 ASP A 58 
AA 3 LEU A 22 ? TYR A 28 ? LEU A 22 TYR A 28 
AA 4 THR A 76 ? LYS A 81 ? THR A 76 LYS A 81 
AA 5 GLN A 84 ? SER A 90 ? GLN A 84 SER A 90 
# 
loop_
_pdbx_struct_sheet_hbond.sheet_id 
_pdbx_struct_sheet_hbond.range_id_1 
_pdbx_struct_sheet_hbond.range_id_2 
_pdbx_struct_sheet_hbond.range_1_label_atom_id 
_pdbx_struct_sheet_hbond.range_1_label_comp_id 
_pdbx_struct_sheet_hbond.range_1_label_asym_id 
_pdbx_struct_sheet_hbond.range_1_label_seq_id 
_pdbx_struct_sheet_hbond.range_1_PDB_ins_code 
_pdbx_struct_sheet_hbond.range_1_auth_atom_id 
_pdbx_struct_sheet_hbond.range_1_auth_comp_id 
_pdbx_struct_sheet_hbond.range_1_auth_asym_id 
_pdbx_struct_sheet_hbond.range_1_auth_seq_id 
_pdbx_struct_sheet_hbond.range_2_label_atom_id 
_pdbx_struct_sheet_hbond.range_2_label_comp_id 
_pdbx_struct_sheet_hbond.range_2_label_asym_id 
_pdbx_struct_sheet_hbond.range_2_label_seq_id 
_pdbx_struct_sheet_hbond.range_2_PDB_ins_code 
_pdbx_struct_sheet_hbond.range_2_auth_atom_id 
_pdbx_struct_sheet_hbond.range_2_auth_comp_id 
_pdbx_struct_sheet_hbond.range_2_auth_asym_id 
_pdbx_struct_sheet_hbond.range_2_auth_seq_id 
AA 1 2 N TYR A 3  ? N TYR A 3  O PHE A 54 ? O PHE A 54 
AA 2 3 N VAL A 53 ? N VAL A 53 O LEU A 22 ? O LEU A 22 
AA 3 4 N PHE A 27 ? N PHE A 27 O THR A 76 ? O THR A 76 
AA 4 5 N LYS A 81 ? N LYS A 81 O GLN A 84 ? O GLN A 84 
# 
_struct_site.id                   AC1 
_struct_site.pdbx_evidence_code   Software 
_struct_site.pdbx_auth_asym_id    A 
_struct_site.pdbx_auth_comp_id    ZN 
_struct_site.pdbx_auth_seq_id     1106 
_struct_site.pdbx_auth_ins_code   ? 
_struct_site.pdbx_num_residues    2 
_struct_site.details              'BINDING SITE FOR RESIDUE ZN A 1106' 
# 
loop_
_struct_site_gen.id 
_struct_site_gen.site_id 
_struct_site_gen.pdbx_num_res 
_struct_site_gen.label_comp_id 
_struct_site_gen.label_asym_id 
_struct_site_gen.label_seq_id 
_struct_site_gen.pdbx_auth_ins_code 
_struct_site_gen.auth_comp_id 
_struct_site_gen.auth_asym_id 
_struct_site_gen.auth_seq_id 
_struct_site_gen.label_atom_id 
_struct_site_gen.label_alt_id 
_struct_site_gen.symmetry 
_struct_site_gen.details 
1 AC1 2 ASP A 60 ? ASP A 60 . ? 1_555 ? 
2 AC1 2 GLU A 63 ? GLU A 63 . ? 1_555 ? 
# 
_pdbx_entry_details.entry_id                   5G31 
_pdbx_entry_details.compound_details           ? 
_pdbx_entry_details.source_details             ? 
_pdbx_entry_details.nonpolymer_details         ? 
_pdbx_entry_details.sequence_details           
;A SERINE IS PRESENT IN RESIDUE 11 FROM UNIPROT DEPOSIT
B1PWB9, IN OUR STRUCTURE RESIDUE 11 IS A PHENILALANINE
;
_pdbx_entry_details.has_ligand_of_interest     ? 
_pdbx_entry_details.has_protein_modification   Y 
# 
loop_
_pdbx_validate_close_contact.id 
_pdbx_validate_close_contact.PDB_model_num 
_pdbx_validate_close_contact.auth_atom_id_1 
_pdbx_validate_close_contact.auth_asym_id_1 
_pdbx_validate_close_contact.auth_comp_id_1 
_pdbx_validate_close_contact.auth_seq_id_1 
_pdbx_validate_close_contact.PDB_ins_code_1 
_pdbx_validate_close_contact.label_alt_id_1 
_pdbx_validate_close_contact.auth_atom_id_2 
_pdbx_validate_close_contact.auth_asym_id_2 
_pdbx_validate_close_contact.auth_comp_id_2 
_pdbx_validate_close_contact.auth_seq_id_2 
_pdbx_validate_close_contact.PDB_ins_code_2 
_pdbx_validate_close_contact.label_alt_id_2 
_pdbx_validate_close_contact.dist 
1 1 OD2 A ASP 51   ? ? O   A HOH 2031 ? ? 1.86 
2 1 O   A HOH 2031 ? ? O   A HOH 2032 ? ? 1.94 
3 1 NZ  A LYS 105  ? ? O   A HOH 2031 ? ? 2.02 
4 1 O   A HOH 2011 ? ? O   A HOH 2038 ? ? 2.05 
5 1 OD2 A ASP 60   ? ? O   A HOH 2023 ? ? 2.07 
6 1 OD2 A ASP 95   ? ? O   A HOH 2045 ? ? 2.09 
7 1 O   A HOH 2022 ? ? O   A HOH 2023 ? ? 2.14 
8 1 OE1 A GLU 44   ? ? O   A HOH 2027 ? ? 2.15 
9 1 N   A MET 1    ? ? OE1 A GLN 47   ? ? 2.17 
# 
_pdbx_validate_torsion.id              1 
_pdbx_validate_torsion.PDB_model_num   1 
_pdbx_validate_torsion.auth_comp_id    ALA 
_pdbx_validate_torsion.auth_asym_id    A 
_pdbx_validate_torsion.auth_seq_id     92 
_pdbx_validate_torsion.PDB_ins_code    ? 
_pdbx_validate_torsion.label_alt_id    ? 
_pdbx_validate_torsion.phi             -101.07 
_pdbx_validate_torsion.psi             49.23 
# 
loop_
_pdbx_struct_special_symmetry.id 
_pdbx_struct_special_symmetry.PDB_model_num 
_pdbx_struct_special_symmetry.auth_asym_id 
_pdbx_struct_special_symmetry.auth_comp_id 
_pdbx_struct_special_symmetry.auth_seq_id 
_pdbx_struct_special_symmetry.PDB_ins_code 
_pdbx_struct_special_symmetry.label_asym_id 
_pdbx_struct_special_symmetry.label_comp_id 
_pdbx_struct_special_symmetry.label_seq_id 
1 1 A HOH 2025 ? C HOH . 
2 1 A HOH 2046 ? C HOH . 
3 1 A HOH 2054 ? C HOH . 
# 
loop_
_chem_comp_atom.comp_id 
_chem_comp_atom.atom_id 
_chem_comp_atom.type_symbol 
_chem_comp_atom.pdbx_aromatic_flag 
_chem_comp_atom.pdbx_stereo_config 
_chem_comp_atom.pdbx_ordinal 
ALA N    N  N N 1   
ALA CA   C  N S 2   
ALA C    C  N N 3   
ALA O    O  N N 4   
ALA CB   C  N N 5   
ALA OXT  O  N N 6   
ALA H    H  N N 7   
ALA H2   H  N N 8   
ALA HA   H  N N 9   
ALA HB1  H  N N 10  
ALA HB2  H  N N 11  
ALA HB3  H  N N 12  
ALA HXT  H  N N 13  
ASN N    N  N N 14  
ASN CA   C  N S 15  
ASN C    C  N N 16  
ASN O    O  N N 17  
ASN CB   C  N N 18  
ASN CG   C  N N 19  
ASN OD1  O  N N 20  
ASN ND2  N  N N 21  
ASN OXT  O  N N 22  
ASN H    H  N N 23  
ASN H2   H  N N 24  
ASN HA   H  N N 25  
ASN HB2  H  N N 26  
ASN HB3  H  N N 27  
ASN HD21 H  N N 28  
ASN HD22 H  N N 29  
ASN HXT  H  N N 30  
ASP N    N  N N 31  
ASP CA   C  N S 32  
ASP C    C  N N 33  
ASP O    O  N N 34  
ASP CB   C  N N 35  
ASP CG   C  N N 36  
ASP OD1  O  N N 37  
ASP OD2  O  N N 38  
ASP OXT  O  N N 39  
ASP H    H  N N 40  
ASP H2   H  N N 41  
ASP HA   H  N N 42  
ASP HB2  H  N N 43  
ASP HB3  H  N N 44  
ASP HD2  H  N N 45  
ASP HXT  H  N N 46  
CYS N    N  N N 47  
CYS CA   C  N R 48  
CYS C    C  N N 49  
CYS O    O  N N 50  
CYS CB   C  N N 51  
CYS SG   S  N N 52  
CYS OXT  O  N N 53  
CYS H    H  N N 54  
CYS H2   H  N N 55  
CYS HA   H  N N 56  
CYS HB2  H  N N 57  
CYS HB3  H  N N 58  
CYS HG   H  N N 59  
CYS HXT  H  N N 60  
GLN N    N  N N 61  
GLN CA   C  N S 62  
GLN C    C  N N 63  
GLN O    O  N N 64  
GLN CB   C  N N 65  
GLN CG   C  N N 66  
GLN CD   C  N N 67  
GLN OE1  O  N N 68  
GLN NE2  N  N N 69  
GLN OXT  O  N N 70  
GLN H    H  N N 71  
GLN H2   H  N N 72  
GLN HA   H  N N 73  
GLN HB2  H  N N 74  
GLN HB3  H  N N 75  
GLN HG2  H  N N 76  
GLN HG3  H  N N 77  
GLN HE21 H  N N 78  
GLN HE22 H  N N 79  
GLN HXT  H  N N 80  
GLU N    N  N N 81  
GLU CA   C  N S 82  
GLU C    C  N N 83  
GLU O    O  N N 84  
GLU CB   C  N N 85  
GLU CG   C  N N 86  
GLU CD   C  N N 87  
GLU OE1  O  N N 88  
GLU OE2  O  N N 89  
GLU OXT  O  N N 90  
GLU H    H  N N 91  
GLU H2   H  N N 92  
GLU HA   H  N N 93  
GLU HB2  H  N N 94  
GLU HB3  H  N N 95  
GLU HG2  H  N N 96  
GLU HG3  H  N N 97  
GLU HE2  H  N N 98  
GLU HXT  H  N N 99  
GLY N    N  N N 100 
GLY CA   C  N N 101 
GLY C    C  N N 102 
GLY O    O  N N 103 
GLY OXT  O  N N 104 
GLY H    H  N N 105 
GLY H2   H  N N 106 
GLY HA2  H  N N 107 
GLY HA3  H  N N 108 
GLY HXT  H  N N 109 
HOH O    O  N N 110 
HOH H1   H  N N 111 
HOH H2   H  N N 112 
ILE N    N  N N 113 
ILE CA   C  N S 114 
ILE C    C  N N 115 
ILE O    O  N N 116 
ILE CB   C  N S 117 
ILE CG1  C  N N 118 
ILE CG2  C  N N 119 
ILE CD1  C  N N 120 
ILE OXT  O  N N 121 
ILE H    H  N N 122 
ILE H2   H  N N 123 
ILE HA   H  N N 124 
ILE HB   H  N N 125 
ILE HG12 H  N N 126 
ILE HG13 H  N N 127 
ILE HG21 H  N N 128 
ILE HG22 H  N N 129 
ILE HG23 H  N N 130 
ILE HD11 H  N N 131 
ILE HD12 H  N N 132 
ILE HD13 H  N N 133 
ILE HXT  H  N N 134 
LEU N    N  N N 135 
LEU CA   C  N S 136 
LEU C    C  N N 137 
LEU O    O  N N 138 
LEU CB   C  N N 139 
LEU CG   C  N N 140 
LEU CD1  C  N N 141 
LEU CD2  C  N N 142 
LEU OXT  O  N N 143 
LEU H    H  N N 144 
LEU H2   H  N N 145 
LEU HA   H  N N 146 
LEU HB2  H  N N 147 
LEU HB3  H  N N 148 
LEU HG   H  N N 149 
LEU HD11 H  N N 150 
LEU HD12 H  N N 151 
LEU HD13 H  N N 152 
LEU HD21 H  N N 153 
LEU HD22 H  N N 154 
LEU HD23 H  N N 155 
LEU HXT  H  N N 156 
LYS N    N  N N 157 
LYS CA   C  N S 158 
LYS C    C  N N 159 
LYS O    O  N N 160 
LYS CB   C  N N 161 
LYS CG   C  N N 162 
LYS CD   C  N N 163 
LYS CE   C  N N 164 
LYS NZ   N  N N 165 
LYS OXT  O  N N 166 
LYS H    H  N N 167 
LYS H2   H  N N 168 
LYS HA   H  N N 169 
LYS HB2  H  N N 170 
LYS HB3  H  N N 171 
LYS HG2  H  N N 172 
LYS HG3  H  N N 173 
LYS HD2  H  N N 174 
LYS HD3  H  N N 175 
LYS HE2  H  N N 176 
LYS HE3  H  N N 177 
LYS HZ1  H  N N 178 
LYS HZ2  H  N N 179 
LYS HZ3  H  N N 180 
LYS HXT  H  N N 181 
MET N    N  N N 182 
MET CA   C  N S 183 
MET C    C  N N 184 
MET O    O  N N 185 
MET CB   C  N N 186 
MET CG   C  N N 187 
MET SD   S  N N 188 
MET CE   C  N N 189 
MET OXT  O  N N 190 
MET H    H  N N 191 
MET H2   H  N N 192 
MET HA   H  N N 193 
MET HB2  H  N N 194 
MET HB3  H  N N 195 
MET HG2  H  N N 196 
MET HG3  H  N N 197 
MET HE1  H  N N 198 
MET HE2  H  N N 199 
MET HE3  H  N N 200 
MET HXT  H  N N 201 
PHE N    N  N N 202 
PHE CA   C  N S 203 
PHE C    C  N N 204 
PHE O    O  N N 205 
PHE CB   C  N N 206 
PHE CG   C  Y N 207 
PHE CD1  C  Y N 208 
PHE CD2  C  Y N 209 
PHE CE1  C  Y N 210 
PHE CE2  C  Y N 211 
PHE CZ   C  Y N 212 
PHE OXT  O  N N 213 
PHE H    H  N N 214 
PHE H2   H  N N 215 
PHE HA   H  N N 216 
PHE HB2  H  N N 217 
PHE HB3  H  N N 218 
PHE HD1  H  N N 219 
PHE HD2  H  N N 220 
PHE HE1  H  N N 221 
PHE HE2  H  N N 222 
PHE HZ   H  N N 223 
PHE HXT  H  N N 224 
PRO N    N  N N 225 
PRO CA   C  N S 226 
PRO C    C  N N 227 
PRO O    O  N N 228 
PRO CB   C  N N 229 
PRO CG   C  N N 230 
PRO CD   C  N N 231 
PRO OXT  O  N N 232 
PRO H    H  N N 233 
PRO HA   H  N N 234 
PRO HB2  H  N N 235 
PRO HB3  H  N N 236 
PRO HG2  H  N N 237 
PRO HG3  H  N N 238 
PRO HD2  H  N N 239 
PRO HD3  H  N N 240 
PRO HXT  H  N N 241 
SER N    N  N N 242 
SER CA   C  N S 243 
SER C    C  N N 244 
SER O    O  N N 245 
SER CB   C  N N 246 
SER OG   O  N N 247 
SER OXT  O  N N 248 
SER H    H  N N 249 
SER H2   H  N N 250 
SER HA   H  N N 251 
SER HB2  H  N N 252 
SER HB3  H  N N 253 
SER HG   H  N N 254 
SER HXT  H  N N 255 
THR N    N  N N 256 
THR CA   C  N S 257 
THR C    C  N N 258 
THR O    O  N N 259 
THR CB   C  N R 260 
THR OG1  O  N N 261 
THR CG2  C  N N 262 
THR OXT  O  N N 263 
THR H    H  N N 264 
THR H2   H  N N 265 
THR HA   H  N N 266 
THR HB   H  N N 267 
THR HG1  H  N N 268 
THR HG21 H  N N 269 
THR HG22 H  N N 270 
THR HG23 H  N N 271 
THR HXT  H  N N 272 
TRP N    N  N N 273 
TRP CA   C  N S 274 
TRP C    C  N N 275 
TRP O    O  N N 276 
TRP CB   C  N N 277 
TRP CG   C  Y N 278 
TRP CD1  C  Y N 279 
TRP CD2  C  Y N 280 
TRP NE1  N  Y N 281 
TRP CE2  C  Y N 282 
TRP CE3  C  Y N 283 
TRP CZ2  C  Y N 284 
TRP CZ3  C  Y N 285 
TRP CH2  C  Y N 286 
TRP OXT  O  N N 287 
TRP H    H  N N 288 
TRP H2   H  N N 289 
TRP HA   H  N N 290 
TRP HB2  H  N N 291 
TRP HB3  H  N N 292 
TRP HD1  H  N N 293 
TRP HE1  H  N N 294 
TRP HE3  H  N N 295 
TRP HZ2  H  N N 296 
TRP HZ3  H  N N 297 
TRP HH2  H  N N 298 
TRP HXT  H  N N 299 
TYR N    N  N N 300 
TYR CA   C  N S 301 
TYR C    C  N N 302 
TYR O    O  N N 303 
TYR CB   C  N N 304 
TYR CG   C  Y N 305 
TYR CD1  C  Y N 306 
TYR CD2  C  Y N 307 
TYR CE1  C  Y N 308 
TYR CE2  C  Y N 309 
TYR CZ   C  Y N 310 
TYR OH   O  N N 311 
TYR OXT  O  N N 312 
TYR H    H  N N 313 
TYR H2   H  N N 314 
TYR HA   H  N N 315 
TYR HB2  H  N N 316 
TYR HB3  H  N N 317 
TYR HD1  H  N N 318 
TYR HD2  H  N N 319 
TYR HE1  H  N N 320 
TYR HE2  H  N N 321 
TYR HH   H  N N 322 
TYR HXT  H  N N 323 
VAL N    N  N N 324 
VAL CA   C  N S 325 
VAL C    C  N N 326 
VAL O    O  N N 327 
VAL CB   C  N N 328 
VAL CG1  C  N N 329 
VAL CG2  C  N N 330 
VAL OXT  O  N N 331 
VAL H    H  N N 332 
VAL H2   H  N N 333 
VAL HA   H  N N 334 
VAL HB   H  N N 335 
VAL HG11 H  N N 336 
VAL HG12 H  N N 337 
VAL HG13 H  N N 338 
VAL HG21 H  N N 339 
VAL HG22 H  N N 340 
VAL HG23 H  N N 341 
VAL HXT  H  N N 342 
ZN  ZN   ZN N N 343 
# 
loop_
_chem_comp_bond.comp_id 
_chem_comp_bond.atom_id_1 
_chem_comp_bond.atom_id_2 
_chem_comp_bond.value_order 
_chem_comp_bond.pdbx_aromatic_flag 
_chem_comp_bond.pdbx_stereo_config 
_chem_comp_bond.pdbx_ordinal 
ALA N   CA   sing N N 1   
ALA N   H    sing N N 2   
ALA N   H2   sing N N 3   
ALA CA  C    sing N N 4   
ALA CA  CB   sing N N 5   
ALA CA  HA   sing N N 6   
ALA C   O    doub N N 7   
ALA C   OXT  sing N N 8   
ALA CB  HB1  sing N N 9   
ALA CB  HB2  sing N N 10  
ALA CB  HB3  sing N N 11  
ALA OXT HXT  sing N N 12  
ASN N   CA   sing N N 13  
ASN N   H    sing N N 14  
ASN N   H2   sing N N 15  
ASN CA  C    sing N N 16  
ASN CA  CB   sing N N 17  
ASN CA  HA   sing N N 18  
ASN C   O    doub N N 19  
ASN C   OXT  sing N N 20  
ASN CB  CG   sing N N 21  
ASN CB  HB2  sing N N 22  
ASN CB  HB3  sing N N 23  
ASN CG  OD1  doub N N 24  
ASN CG  ND2  sing N N 25  
ASN ND2 HD21 sing N N 26  
ASN ND2 HD22 sing N N 27  
ASN OXT HXT  sing N N 28  
ASP N   CA   sing N N 29  
ASP N   H    sing N N 30  
ASP N   H2   sing N N 31  
ASP CA  C    sing N N 32  
ASP CA  CB   sing N N 33  
ASP CA  HA   sing N N 34  
ASP C   O    doub N N 35  
ASP C   OXT  sing N N 36  
ASP CB  CG   sing N N 37  
ASP CB  HB2  sing N N 38  
ASP CB  HB3  sing N N 39  
ASP CG  OD1  doub N N 40  
ASP CG  OD2  sing N N 41  
ASP OD2 HD2  sing N N 42  
ASP OXT HXT  sing N N 43  
CYS N   CA   sing N N 44  
CYS N   H    sing N N 45  
CYS N   H2   sing N N 46  
CYS CA  C    sing N N 47  
CYS CA  CB   sing N N 48  
CYS CA  HA   sing N N 49  
CYS C   O    doub N N 50  
CYS C   OXT  sing N N 51  
CYS CB  SG   sing N N 52  
CYS CB  HB2  sing N N 53  
CYS CB  HB3  sing N N 54  
CYS SG  HG   sing N N 55  
CYS OXT HXT  sing N N 56  
GLN N   CA   sing N N 57  
GLN N   H    sing N N 58  
GLN N   H2   sing N N 59  
GLN CA  C    sing N N 60  
GLN CA  CB   sing N N 61  
GLN CA  HA   sing N N 62  
GLN C   O    doub N N 63  
GLN C   OXT  sing N N 64  
GLN CB  CG   sing N N 65  
GLN CB  HB2  sing N N 66  
GLN CB  HB3  sing N N 67  
GLN CG  CD   sing N N 68  
GLN CG  HG2  sing N N 69  
GLN CG  HG3  sing N N 70  
GLN CD  OE1  doub N N 71  
GLN CD  NE2  sing N N 72  
GLN NE2 HE21 sing N N 73  
GLN NE2 HE22 sing N N 74  
GLN OXT HXT  sing N N 75  
GLU N   CA   sing N N 76  
GLU N   H    sing N N 77  
GLU N   H2   sing N N 78  
GLU CA  C    sing N N 79  
GLU CA  CB   sing N N 80  
GLU CA  HA   sing N N 81  
GLU C   O    doub N N 82  
GLU C   OXT  sing N N 83  
GLU CB  CG   sing N N 84  
GLU CB  HB2  sing N N 85  
GLU CB  HB3  sing N N 86  
GLU CG  CD   sing N N 87  
GLU CG  HG2  sing N N 88  
GLU CG  HG3  sing N N 89  
GLU CD  OE1  doub N N 90  
GLU CD  OE2  sing N N 91  
GLU OE2 HE2  sing N N 92  
GLU OXT HXT  sing N N 93  
GLY N   CA   sing N N 94  
GLY N   H    sing N N 95  
GLY N   H2   sing N N 96  
GLY CA  C    sing N N 97  
GLY CA  HA2  sing N N 98  
GLY CA  HA3  sing N N 99  
GLY C   O    doub N N 100 
GLY C   OXT  sing N N 101 
GLY OXT HXT  sing N N 102 
HOH O   H1   sing N N 103 
HOH O   H2   sing N N 104 
ILE N   CA   sing N N 105 
ILE N   H    sing N N 106 
ILE N   H2   sing N N 107 
ILE CA  C    sing N N 108 
ILE CA  CB   sing N N 109 
ILE CA  HA   sing N N 110 
ILE C   O    doub N N 111 
ILE C   OXT  sing N N 112 
ILE CB  CG1  sing N N 113 
ILE CB  CG2  sing N N 114 
ILE CB  HB   sing N N 115 
ILE CG1 CD1  sing N N 116 
ILE CG1 HG12 sing N N 117 
ILE CG1 HG13 sing N N 118 
ILE CG2 HG21 sing N N 119 
ILE CG2 HG22 sing N N 120 
ILE CG2 HG23 sing N N 121 
ILE CD1 HD11 sing N N 122 
ILE CD1 HD12 sing N N 123 
ILE CD1 HD13 sing N N 124 
ILE OXT HXT  sing N N 125 
LEU N   CA   sing N N 126 
LEU N   H    sing N N 127 
LEU N   H2   sing N N 128 
LEU CA  C    sing N N 129 
LEU CA  CB   sing N N 130 
LEU CA  HA   sing N N 131 
LEU C   O    doub N N 132 
LEU C   OXT  sing N N 133 
LEU CB  CG   sing N N 134 
LEU CB  HB2  sing N N 135 
LEU CB  HB3  sing N N 136 
LEU CG  CD1  sing N N 137 
LEU CG  CD2  sing N N 138 
LEU CG  HG   sing N N 139 
LEU CD1 HD11 sing N N 140 
LEU CD1 HD12 sing N N 141 
LEU CD1 HD13 sing N N 142 
LEU CD2 HD21 sing N N 143 
LEU CD2 HD22 sing N N 144 
LEU CD2 HD23 sing N N 145 
LEU OXT HXT  sing N N 146 
LYS N   CA   sing N N 147 
LYS N   H    sing N N 148 
LYS N   H2   sing N N 149 
LYS CA  C    sing N N 150 
LYS CA  CB   sing N N 151 
LYS CA  HA   sing N N 152 
LYS C   O    doub N N 153 
LYS C   OXT  sing N N 154 
LYS CB  CG   sing N N 155 
LYS CB  HB2  sing N N 156 
LYS CB  HB3  sing N N 157 
LYS CG  CD   sing N N 158 
LYS CG  HG2  sing N N 159 
LYS CG  HG3  sing N N 160 
LYS CD  CE   sing N N 161 
LYS CD  HD2  sing N N 162 
LYS CD  HD3  sing N N 163 
LYS CE  NZ   sing N N 164 
LYS CE  HE2  sing N N 165 
LYS CE  HE3  sing N N 166 
LYS NZ  HZ1  sing N N 167 
LYS NZ  HZ2  sing N N 168 
LYS NZ  HZ3  sing N N 169 
LYS OXT HXT  sing N N 170 
MET N   CA   sing N N 171 
MET N   H    sing N N 172 
MET N   H2   sing N N 173 
MET CA  C    sing N N 174 
MET CA  CB   sing N N 175 
MET CA  HA   sing N N 176 
MET C   O    doub N N 177 
MET C   OXT  sing N N 178 
MET CB  CG   sing N N 179 
MET CB  HB2  sing N N 180 
MET CB  HB3  sing N N 181 
MET CG  SD   sing N N 182 
MET CG  HG2  sing N N 183 
MET CG  HG3  sing N N 184 
MET SD  CE   sing N N 185 
MET CE  HE1  sing N N 186 
MET CE  HE2  sing N N 187 
MET CE  HE3  sing N N 188 
MET OXT HXT  sing N N 189 
PHE N   CA   sing N N 190 
PHE N   H    sing N N 191 
PHE N   H2   sing N N 192 
PHE CA  C    sing N N 193 
PHE CA  CB   sing N N 194 
PHE CA  HA   sing N N 195 
PHE C   O    doub N N 196 
PHE C   OXT  sing N N 197 
PHE CB  CG   sing N N 198 
PHE CB  HB2  sing N N 199 
PHE CB  HB3  sing N N 200 
PHE CG  CD1  doub Y N 201 
PHE CG  CD2  sing Y N 202 
PHE CD1 CE1  sing Y N 203 
PHE CD1 HD1  sing N N 204 
PHE CD2 CE2  doub Y N 205 
PHE CD2 HD2  sing N N 206 
PHE CE1 CZ   doub Y N 207 
PHE CE1 HE1  sing N N 208 
PHE CE2 CZ   sing Y N 209 
PHE CE2 HE2  sing N N 210 
PHE CZ  HZ   sing N N 211 
PHE OXT HXT  sing N N 212 
PRO N   CA   sing N N 213 
PRO N   CD   sing N N 214 
PRO N   H    sing N N 215 
PRO CA  C    sing N N 216 
PRO CA  CB   sing N N 217 
PRO CA  HA   sing N N 218 
PRO C   O    doub N N 219 
PRO C   OXT  sing N N 220 
PRO CB  CG   sing N N 221 
PRO CB  HB2  sing N N 222 
PRO CB  HB3  sing N N 223 
PRO CG  CD   sing N N 224 
PRO CG  HG2  sing N N 225 
PRO CG  HG3  sing N N 226 
PRO CD  HD2  sing N N 227 
PRO CD  HD3  sing N N 228 
PRO OXT HXT  sing N N 229 
SER N   CA   sing N N 230 
SER N   H    sing N N 231 
SER N   H2   sing N N 232 
SER CA  C    sing N N 233 
SER CA  CB   sing N N 234 
SER CA  HA   sing N N 235 
SER C   O    doub N N 236 
SER C   OXT  sing N N 237 
SER CB  OG   sing N N 238 
SER CB  HB2  sing N N 239 
SER CB  HB3  sing N N 240 
SER OG  HG   sing N N 241 
SER OXT HXT  sing N N 242 
THR N   CA   sing N N 243 
THR N   H    sing N N 244 
THR N   H2   sing N N 245 
THR CA  C    sing N N 246 
THR CA  CB   sing N N 247 
THR CA  HA   sing N N 248 
THR C   O    doub N N 249 
THR C   OXT  sing N N 250 
THR CB  OG1  sing N N 251 
THR CB  CG2  sing N N 252 
THR CB  HB   sing N N 253 
THR OG1 HG1  sing N N 254 
THR CG2 HG21 sing N N 255 
THR CG2 HG22 sing N N 256 
THR CG2 HG23 sing N N 257 
THR OXT HXT  sing N N 258 
TRP N   CA   sing N N 259 
TRP N   H    sing N N 260 
TRP N   H2   sing N N 261 
TRP CA  C    sing N N 262 
TRP CA  CB   sing N N 263 
TRP CA  HA   sing N N 264 
TRP C   O    doub N N 265 
TRP C   OXT  sing N N 266 
TRP CB  CG   sing N N 267 
TRP CB  HB2  sing N N 268 
TRP CB  HB3  sing N N 269 
TRP CG  CD1  doub Y N 270 
TRP CG  CD2  sing Y N 271 
TRP CD1 NE1  sing Y N 272 
TRP CD1 HD1  sing N N 273 
TRP CD2 CE2  doub Y N 274 
TRP CD2 CE3  sing Y N 275 
TRP NE1 CE2  sing Y N 276 
TRP NE1 HE1  sing N N 277 
TRP CE2 CZ2  sing Y N 278 
TRP CE3 CZ3  doub Y N 279 
TRP CE3 HE3  sing N N 280 
TRP CZ2 CH2  doub Y N 281 
TRP CZ2 HZ2  sing N N 282 
TRP CZ3 CH2  sing Y N 283 
TRP CZ3 HZ3  sing N N 284 
TRP CH2 HH2  sing N N 285 
TRP OXT HXT  sing N N 286 
TYR N   CA   sing N N 287 
TYR N   H    sing N N 288 
TYR N   H2   sing N N 289 
TYR CA  C    sing N N 290 
TYR CA  CB   sing N N 291 
TYR CA  HA   sing N N 292 
TYR C   O    doub N N 293 
TYR C   OXT  sing N N 294 
TYR CB  CG   sing N N 295 
TYR CB  HB2  sing N N 296 
TYR CB  HB3  sing N N 297 
TYR CG  CD1  doub Y N 298 
TYR CG  CD2  sing Y N 299 
TYR CD1 CE1  sing Y N 300 
TYR CD1 HD1  sing N N 301 
TYR CD2 CE2  doub Y N 302 
TYR CD2 HD2  sing N N 303 
TYR CE1 CZ   doub Y N 304 
TYR CE1 HE1  sing N N 305 
TYR CE2 CZ   sing Y N 306 
TYR CE2 HE2  sing N N 307 
TYR CZ  OH   sing N N 308 
TYR OH  HH   sing N N 309 
TYR OXT HXT  sing N N 310 
VAL N   CA   sing N N 311 
VAL N   H    sing N N 312 
VAL N   H2   sing N N 313 
VAL CA  C    sing N N 314 
VAL CA  CB   sing N N 315 
VAL CA  HA   sing N N 316 
VAL C   O    doub N N 317 
VAL C   OXT  sing N N 318 
VAL CB  CG1  sing N N 319 
VAL CB  CG2  sing N N 320 
VAL CB  HB   sing N N 321 
VAL CG1 HG11 sing N N 322 
VAL CG1 HG12 sing N N 323 
VAL CG1 HG13 sing N N 324 
VAL CG2 HG21 sing N N 325 
VAL CG2 HG22 sing N N 326 
VAL CG2 HG23 sing N N 327 
VAL OXT HXT  sing N N 328 
# 
_pdbx_initial_refinement_model.id               1 
_pdbx_initial_refinement_model.entity_id_list   ? 
_pdbx_initial_refinement_model.type             'experimental model' 
_pdbx_initial_refinement_model.source_name      PDB 
_pdbx_initial_refinement_model.accession_code   3ZZX 
_pdbx_initial_refinement_model.details          'PDB ENTRY 3ZZX' 
# 
_atom_sites.entry_id                    5G31 
_atom_sites.fract_transf_matrix[1][1]   -0.00588974 
_atom_sites.fract_transf_matrix[1][2]   0.00832757 
_atom_sites.fract_transf_matrix[1][3]   -0.01201679 
_atom_sites.fract_transf_matrix[2][1]   0.01336171 
_atom_sites.fract_transf_matrix[2][2]   0.00832446 
_atom_sites.fract_transf_matrix[2][3]   -0.00078011 
_atom_sites.fract_transf_matrix[3][1]   0.00668770 
_atom_sites.fract_transf_matrix[3][2]   -0.01180857 
_atom_sites.fract_transf_matrix[3][3]   -0.01146109 
_atom_sites.fract_transf_vector[1]      1.993787 
_atom_sites.fract_transf_vector[2]      0.727282 
_atom_sites.fract_transf_vector[3]      2.179763 
# 
loop_
_atom_type.symbol 
C  
N  
O  
S  
ZN 
# 
loop_
_atom_site.group_PDB 
_atom_site.id 
_atom_site.type_symbol 
_atom_site.label_atom_id 
_atom_site.label_alt_id 
_atom_site.label_comp_id 
_atom_site.label_asym_id 
_atom_site.label_entity_id 
_atom_site.label_seq_id 
_atom_site.pdbx_PDB_ins_code 
_atom_site.Cartn_x 
_atom_site.Cartn_y 
_atom_site.Cartn_z 
_atom_site.occupancy 
_atom_site.B_iso_or_equiv 
_atom_site.pdbx_formal_charge 
_atom_site.auth_seq_id 
_atom_site.auth_comp_id 
_atom_site.auth_asym_id 
_atom_site.auth_atom_id 
_atom_site.pdbx_PDB_model_num 
ATOM   1   N  N   . MET A 1 1   ? 5.944   4.703   -10.867 1.00 60.70 ? 1    MET A N   1 
ATOM   2   C  CA  . MET A 1 1   ? 5.114   3.511   -10.926 1.00 62.34 ? 1    MET A CA  1 
ATOM   3   C  C   . MET A 1 1   ? 5.001   2.899   -9.538  1.00 61.56 ? 1    MET A C   1 
ATOM   4   O  O   . MET A 1 1   ? 5.963   2.917   -8.765  1.00 62.75 ? 1    MET A O   1 
ATOM   5   C  CB  . MET A 1 1   ? 5.688   2.502   -11.931 1.00 61.89 ? 1    MET A CB  1 
ATOM   6   C  CG  . MET A 1 1   ? 4.933   1.161   -12.026 1.00 58.99 ? 1    MET A CG  1 
ATOM   7   S  SD  . MET A 1 1   ? 3.160   1.268   -11.687 1.00 83.62 ? 1    MET A SD  1 
ATOM   8   C  CE  . MET A 1 1   ? 2.585   -0.404  -12.035 1.00 56.63 ? 1    MET A CE  1 
ATOM   9   N  N   . VAL A 1 2   ? 3.813   2.387   -9.221  1.00 44.49 ? 2    VAL A N   1 
ATOM   10  C  CA  . VAL A 1 2   ? 3.601   1.651   -7.979  1.00 36.46 ? 2    VAL A CA  1 
ATOM   11  C  C   . VAL A 1 2   ? 4.081   0.224   -8.188  1.00 29.12 ? 2    VAL A C   1 
ATOM   12  O  O   . VAL A 1 2   ? 3.684   -0.440  -9.147  1.00 42.37 ? 2    VAL A O   1 
ATOM   13  C  CB  . VAL A 1 2   ? 2.117   1.678   -7.572  1.00 39.57 ? 2    VAL A CB  1 
ATOM   14  C  CG1 . VAL A 1 2   ? 1.888   0.794   -6.341  1.00 26.88 ? 2    VAL A CG1 1 
ATOM   15  C  CG2 . VAL A 1 2   ? 1.648   3.108   -7.328  1.00 30.98 ? 2    VAL A CG2 1 
ATOM   16  N  N   . TYR A 1 3   ? 4.927   -0.264  -7.297  1.00 30.97 ? 3    TYR A N   1 
ATOM   17  C  CA  . TYR A 1 3   ? 5.506   -1.581  -7.510  1.00 31.60 ? 3    TYR A CA  1 
ATOM   18  C  C   . TYR A 1 3   ? 4.575   -2.669  -6.984  1.00 36.48 ? 3    TYR A C   1 
ATOM   19  O  O   . TYR A 1 3   ? 4.193   -2.656  -5.814  1.00 27.23 ? 3    TYR A O   1 
ATOM   20  C  CB  . TYR A 1 3   ? 6.870   -1.691  -6.833  1.00 33.41 ? 3    TYR A CB  1 
ATOM   21  C  CG  . TYR A 1 3   ? 7.415   -3.082  -6.971  1.00 39.75 ? 3    TYR A CG  1 
ATOM   22  C  CD1 . TYR A 1 3   ? 7.850   -3.554  -8.207  1.00 43.77 ? 3    TYR A CD1 1 
ATOM   23  C  CD2 . TYR A 1 3   ? 7.452   -3.940  -5.888  1.00 37.51 ? 3    TYR A CD2 1 
ATOM   24  C  CE1 . TYR A 1 3   ? 8.324   -4.839  -8.348  1.00 44.29 ? 3    TYR A CE1 1 
ATOM   25  C  CE2 . TYR A 1 3   ? 7.922   -5.224  -6.020  1.00 39.93 ? 3    TYR A CE2 1 
ATOM   26  C  CZ  . TYR A 1 3   ? 8.359   -5.671  -7.247  1.00 44.10 ? 3    TYR A CZ  1 
ATOM   27  O  OH  . TYR A 1 3   ? 8.831   -6.961  -7.362  1.00 50.55 ? 3    TYR A OH  1 
ATOM   28  N  N   . GLN A 1 4   ? 4.247   -3.638  -7.833  1.00 35.84 ? 4    GLN A N   1 
ATOM   29  C  CA  . GLN A 1 4   ? 3.413   -4.747  -7.401  1.00 28.55 ? 4    GLN A CA  1 
ATOM   30  C  C   . GLN A 1 4   ? 4.266   -5.809  -6.716  1.00 31.81 ? 4    GLN A C   1 
ATOM   31  O  O   . GLN A 1 4   ? 5.157   -6.400  -7.330  1.00 36.66 ? 4    GLN A O   1 
ATOM   32  C  CB  . GLN A 1 4   ? 2.637   -5.338  -8.580  1.00 40.35 ? 4    GLN A CB  1 
ATOM   33  C  CG  . GLN A 1 4   ? 1.917   -6.648  -8.196  1.00 37.15 ? 4    GLN A CG  1 
ATOM   34  C  CD  . GLN A 1 4   ? 0.406   -6.611  -8.373  1.00 43.25 ? 4    GLN A CD  1 
ATOM   35  O  OE1 . GLN A 1 4   ? -0.193  -5.564  -8.606  1.00 53.76 ? 4    GLN A OE1 1 
ATOM   36  N  NE2 . GLN A 1 4   ? -0.218  -7.769  -8.256  1.00 57.20 ? 4    GLN A NE2 1 
ATOM   37  N  N   . VAL A 1 5   ? 4.001   -6.033  -5.428  1.00 37.10 ? 5    VAL A N   1 
ATOM   38  C  CA  . VAL A 1 5   ? 4.639   -7.124  -4.704  1.00 34.75 ? 5    VAL A CA  1 
ATOM   39  C  C   . VAL A 1 5   ? 4.188   -8.458  -5.288  1.00 42.96 ? 5    VAL A C   1 
ATOM   40  O  O   . VAL A 1 5   ? 3.001   -8.668  -5.575  1.00 40.49 ? 5    VAL A O   1 
ATOM   41  C  CB  . VAL A 1 5   ? 4.298   -7.008  -3.209  1.00 38.84 ? 5    VAL A CB  1 
ATOM   42  C  CG1 . VAL A 1 5   ? 4.644   -8.282  -2.440  1.00 38.10 ? 5    VAL A CG1 1 
ATOM   43  C  CG2 . VAL A 1 5   ? 5.009   -5.823  -2.625  1.00 38.76 ? 5    VAL A CG2 1 
ATOM   44  N  N   . LYS A 1 6   ? 5.145   -9.369  -5.472  1.00 45.16 ? 6    LYS A N   1 
ATOM   45  C  CA  . LYS A 1 6   ? 4.887   -10.661 -6.100  1.00 47.38 ? 6    LYS A CA  1 
ATOM   46  C  C   . LYS A 1 6   ? 4.643   -11.781 -5.100  1.00 39.86 ? 6    LYS A C   1 
ATOM   47  O  O   . LYS A 1 6   ? 3.860   -12.696 -5.386  1.00 45.16 ? 6    LYS A O   1 
ATOM   48  C  CB  . LYS A 1 6   ? 6.065   -11.057 -7.001  1.00 54.69 ? 6    LYS A CB  1 
ATOM   49  C  CG  . LYS A 1 6   ? 6.542   -9.960  -7.949  1.00 50.05 ? 6    LYS A CG  1 
ATOM   50  C  CD  . LYS A 1 6   ? 7.173   -10.547 -9.202  1.00 52.89 ? 6    LYS A CD  1 
ATOM   51  C  CE  . LYS A 1 6   ? 7.919   -9.492  -9.984  1.00 58.49 ? 6    LYS A CE  1 
ATOM   52  N  NZ  . LYS A 1 6   ? 9.133   -9.038  -9.240  1.00 58.13 ? 6    LYS A NZ  1 
ATOM   53  N  N   . ASP A 1 7   ? 5.299   -11.738 -3.947  1.00 38.98 ? 7    ASP A N   1 
ATOM   54  C  CA  . ASP A 1 7   ? 5.119   -12.733 -2.896  1.00 39.64 ? 7    ASP A CA  1 
ATOM   55  C  C   . ASP A 1 7   ? 5.682   -12.135 -1.613  1.00 42.14 ? 7    ASP A C   1 
ATOM   56  O  O   . ASP A 1 7   ? 6.097   -10.972 -1.582  1.00 37.99 ? 7    ASP A O   1 
ATOM   57  C  CB  . ASP A 1 7   ? 5.791   -14.061 -3.264  1.00 42.21 ? 7    ASP A CB  1 
ATOM   58  C  CG  . ASP A 1 7   ? 7.246   -13.889 -3.672  1.00 45.11 ? 7    ASP A CG  1 
ATOM   59  O  OD1 . ASP A 1 7   ? 8.023   -13.273 -2.903  1.00 37.28 ? 7    ASP A OD1 1 
ATOM   60  O  OD2 . ASP A 1 7   ? 7.614   -14.354 -4.773  1.00 51.41 ? 7    ASP A OD2 1 
ATOM   61  N  N   . GLN A 1 8   ? 5.712   -12.946 -0.555  1.00 33.03 ? 8    GLN A N   1 
ATOM   62  C  CA  . GLN A 1 8   ? 6.166   -12.457 0.743   1.00 40.43 ? 8    GLN A CA  1 
ATOM   63  C  C   . GLN A 1 8   ? 7.643   -12.086 0.724   1.00 47.64 ? 8    GLN A C   1 
ATOM   64  O  O   . GLN A 1 8   ? 8.035   -11.056 1.287   1.00 42.36 ? 8    GLN A O   1 
ATOM   65  C  CB  . GLN A 1 8   ? 5.896   -13.505 1.821   1.00 38.00 ? 8    GLN A CB  1 
ATOM   66  C  CG  . GLN A 1 8   ? 6.129   -12.996 3.239   1.00 53.81 ? 8    GLN A CG  1 
ATOM   67  C  CD  . GLN A 1 8   ? 5.434   -11.673 3.538   1.00 57.80 ? 8    GLN A CD  1 
ATOM   68  O  OE1 . GLN A 1 8   ? 4.229   -11.538 3.350   1.00 53.19 ? 8    GLN A OE1 1 
ATOM   69  N  NE2 . GLN A 1 8   ? 6.202   -10.686 3.999   1.00 50.41 ? 8    GLN A NE2 1 
ATOM   70  N  N   . GLU A 1 9   ? 8.479   -12.929 0.107   1.00 52.28 ? 9    GLU A N   1 
ATOM   71  C  CA  . GLU A 1 9   ? 9.906   -12.624 -0.023  1.00 47.19 ? 9    GLU A CA  1 
ATOM   72  C  C   . GLU A 1 9   ? 10.115  -11.283 -0.709  1.00 42.10 ? 9    GLU A C   1 
ATOM   73  O  O   . GLU A 1 9   ? 10.940  -10.470 -0.273  1.00 42.79 ? 9    GLU A O   1 
ATOM   74  C  CB  . GLU A 1 9   ? 10.601  -13.720 -0.830  1.00 50.98 ? 9    GLU A CB  1 
ATOM   75  C  CG  . GLU A 1 9   ? 10.287  -15.138 -0.387  1.00 66.73 ? 9    GLU A CG  1 
ATOM   76  C  CD  . GLU A 1 9   ? 11.547  -15.994 -0.295  1.00 81.72 ? 9    GLU A CD  1 
ATOM   77  O  OE1 . GLU A 1 9   ? 12.436  -15.816 -1.156  1.00 78.94 ? 9    GLU A OE1 1 
ATOM   78  O  OE2 . GLU A 1 9   ? 11.610  -16.871 0.590   1.00 76.77 ? 9    GLU A OE2 1 
ATOM   79  N  N   . ASP A 1 10  ? 9.380   -11.050 -1.797  1.00 38.75 ? 10   ASP A N   1 
ATOM   80  C  CA  . ASP A 1 10  ? 9.441   -9.778  -2.495  1.00 35.29 ? 10   ASP A CA  1 
ATOM   81  C  C   . ASP A 1 10  ? 8.991   -8.633  -1.590  1.00 41.75 ? 10   ASP A C   1 
ATOM   82  O  O   . ASP A 1 10  ? 9.599   -7.556  -1.584  1.00 44.09 ? 10   ASP A O   1 
ATOM   83  C  CB  . ASP A 1 10  ? 8.583   -9.871  -3.754  1.00 33.52 ? 10   ASP A CB  1 
ATOM   84  C  CG  . ASP A 1 10  ? 8.803   -8.721  -4.689  1.00 40.89 ? 10   ASP A CG  1 
ATOM   85  O  OD1 . ASP A 1 10  ? 9.898   -8.129  -4.630  1.00 50.67 ? 10   ASP A OD1 1 
ATOM   86  O  OD2 . ASP A 1 10  ? 7.892   -8.416  -5.488  1.00 41.92 ? 10   ASP A OD2 1 
ATOM   87  N  N   . PHE A 1 11  ? 7.939   -8.864  -0.802  1.00 34.90 ? 11   PHE A N   1 
ATOM   88  C  CA  . PHE A 1 11  ? 7.441   -7.853  0.125   1.00 36.18 ? 11   PHE A CA  1 
ATOM   89  C  C   . PHE A 1 11  ? 8.494   -7.487  1.167   1.00 36.18 ? 11   PHE A C   1 
ATOM   90  O  O   . PHE A 1 11  ? 8.757   -6.304  1.416   1.00 33.65 ? 11   PHE A O   1 
ATOM   91  C  CB  . PHE A 1 11  ? 6.166   -8.375  0.794   1.00 39.92 ? 11   PHE A CB  1 
ATOM   92  C  CG  . PHE A 1 11  ? 5.408   -7.336  1.572   1.00 42.22 ? 11   PHE A CG  1 
ATOM   93  C  CD1 . PHE A 1 11  ? 5.612   -5.979  1.346   1.00 43.21 ? 11   PHE A CD1 1 
ATOM   94  C  CD2 . PHE A 1 11  ? 4.475   -7.718  2.524   1.00 41.99 ? 11   PHE A CD2 1 
ATOM   95  C  CE1 . PHE A 1 11  ? 4.910   -5.029  2.068   1.00 34.99 ? 11   PHE A CE1 1 
ATOM   96  C  CE2 . PHE A 1 11  ? 3.764   -6.768  3.240   1.00 48.51 ? 11   PHE A CE2 1 
ATOM   97  C  CZ  . PHE A 1 11  ? 3.982   -5.425  3.015   1.00 40.82 ? 11   PHE A CZ  1 
ATOM   98  N  N   . THR A 1 12  ? 9.102   -8.491  1.798   1.00 33.08 ? 12   THR A N   1 
ATOM   99  C  CA  . THR A 1 12  ? 10.180  -8.220  2.749   1.00 30.36 ? 12   THR A CA  1 
ATOM   100 C  C   . THR A 1 12  ? 11.325  -7.479  2.070   1.00 40.99 ? 12   THR A C   1 
ATOM   101 O  O   . THR A 1 12  ? 11.930  -6.572  2.658   1.00 32.39 ? 12   THR A O   1 
ATOM   102 C  CB  . THR A 1 12  ? 10.684  -9.534  3.362   1.00 37.93 ? 12   THR A CB  1 
ATOM   103 O  OG1 . THR A 1 12  ? 9.646   -10.130 4.145   1.00 38.88 ? 12   THR A OG1 1 
ATOM   104 C  CG2 . THR A 1 12  ? 11.871  -9.292  4.250   1.00 31.31 ? 12   THR A CG2 1 
ATOM   105 N  N   . LYS A 1 13  ? 11.634  -7.856  0.825   1.00 33.87 ? 13   LYS A N   1 
ATOM   106 C  CA  . LYS A 1 13  ? 12.703  -7.195  0.088   1.00 34.75 ? 13   LYS A CA  1 
ATOM   107 C  C   . LYS A 1 13  ? 12.430  -5.700  -0.051  1.00 41.42 ? 13   LYS A C   1 
ATOM   108 O  O   . LYS A 1 13  ? 13.311  -4.872  0.212   1.00 37.08 ? 13   LYS A O   1 
ATOM   109 C  CB  . LYS A 1 13  ? 12.864  -7.845  -1.287  1.00 35.95 ? 13   LYS A CB  1 
ATOM   110 C  CG  . LYS A 1 13  ? 13.955  -7.219  -2.145  1.00 43.05 ? 13   LYS A CG  1 
ATOM   111 C  CD  . LYS A 1 13  ? 14.005  -7.854  -3.533  1.00 46.72 ? 13   LYS A CD  1 
ATOM   112 C  CE  . LYS A 1 13  ? 15.021  -7.153  -4.422  1.00 57.54 ? 13   LYS A CE  1 
ATOM   113 N  NZ  . LYS A 1 13  ? 15.334  -7.946  -5.642  1.00 67.62 ? 13   LYS A NZ  1 
ATOM   114 N  N   . GLN A 1 14  ? 11.202  -5.336  -0.446  1.00 35.35 ? 14   GLN A N   1 
ATOM   115 C  CA  . GLN A 1 14  ? 10.873  -3.927  -0.650  1.00 32.76 ? 14   GLN A CA  1 
ATOM   116 C  C   . GLN A 1 14  ? 10.905  -3.152  0.664   1.00 27.57 ? 14   GLN A C   1 
ATOM   117 O  O   . GLN A 1 14  ? 11.377  -2.008  0.703   1.00 31.12 ? 14   GLN A O   1 
ATOM   118 C  CB  . GLN A 1 14  ? 9.506   -3.794  -1.325  1.00 32.55 ? 14   GLN A CB  1 
ATOM   119 C  CG  . GLN A 1 14  ? 9.349   -4.570  -2.619  1.00 41.16 ? 14   GLN A CG  1 
ATOM   120 C  CD  . GLN A 1 14  ? 10.322  -4.143  -3.711  1.00 53.93 ? 14   GLN A CD  1 
ATOM   121 O  OE1 . GLN A 1 14  ? 10.633  -2.959  -3.862  1.00 43.52 ? 14   GLN A OE1 1 
ATOM   122 N  NE2 . GLN A 1 14  ? 10.804  -5.116  -4.484  1.00 49.78 ? 14   GLN A NE2 1 
ATOM   123 N  N   . LEU A 1 15  ? 10.431  -3.759  1.753   1.00 28.24 ? 15   LEU A N   1 
ATOM   124 C  CA  . LEU A 1 15  ? 10.472  -3.092  3.059   1.00 35.81 ? 15   LEU A CA  1 
ATOM   125 C  C   . LEU A 1 15  ? 11.908  -2.805  3.524   1.00 38.78 ? 15   LEU A C   1 
ATOM   126 O  O   . LEU A 1 15  ? 12.169  -1.765  4.145   1.00 35.54 ? 15   LEU A O   1 
ATOM   127 C  CB  . LEU A 1 15  ? 9.737   -3.941  4.100   1.00 24.00 ? 15   LEU A CB  1 
ATOM   128 C  CG  . LEU A 1 15  ? 8.230   -4.157  3.843   1.00 30.85 ? 15   LEU A CG  1 
ATOM   129 C  CD1 . LEU A 1 15  ? 7.591   -4.985  4.946   1.00 34.75 ? 15   LEU A CD1 1 
ATOM   130 C  CD2 . LEU A 1 15  ? 7.500   -2.835  3.680   1.00 33.43 ? 15   LEU A CD2 1 
ATOM   131 N  N   A ASN A 1 16  ? 12.840  -3.717  3.259   0.55 36.04 ? 16   ASN A N   1 
ATOM   132 N  N   B ASN A 1 16  ? 12.833  -3.726  3.259   0.45 36.00 ? 16   ASN A N   1 
ATOM   133 C  CA  A ASN A 1 16  ? 14.229  -3.451  3.631   0.55 35.69 ? 16   ASN A CA  1 
ATOM   134 C  CA  B ASN A 1 16  ? 14.232  -3.488  3.603   0.45 35.69 ? 16   ASN A CA  1 
ATOM   135 C  C   A ASN A 1 16  ? 14.821  -2.355  2.754   0.55 33.78 ? 16   ASN A C   1 
ATOM   136 C  C   B ASN A 1 16  ? 14.813  -2.368  2.753   0.45 33.81 ? 16   ASN A C   1 
ATOM   137 O  O   A ASN A 1 16  ? 15.458  -1.420  3.257   0.55 34.32 ? 16   ASN A O   1 
ATOM   138 O  O   B ASN A 1 16  ? 15.432  -1.433  3.274   0.45 34.42 ? 16   ASN A O   1 
ATOM   139 C  CB  A ASN A 1 16  ? 15.063  -4.732  3.545   0.55 35.88 ? 16   ASN A CB  1 
ATOM   140 C  CB  B ASN A 1 16  ? 15.038  -4.777  3.427   0.45 35.86 ? 16   ASN A CB  1 
ATOM   141 C  CG  A ASN A 1 16  ? 14.682  -5.759  4.609   0.55 34.09 ? 16   ASN A CG  1 
ATOM   142 C  CG  B ASN A 1 16  ? 16.521  -4.584  3.672   0.45 35.27 ? 16   ASN A CG  1 
ATOM   143 O  OD1 A ASN A 1 16  ? 14.216  -5.408  5.693   0.55 39.91 ? 16   ASN A OD1 1 
ATOM   144 O  OD1 B ASN A 1 16  ? 16.950  -4.359  4.802   0.45 40.86 ? 16   ASN A OD1 1 
ATOM   145 N  ND2 A ASN A 1 16  ? 14.897  -7.033  4.306   0.55 35.15 ? 16   ASN A ND2 1 
ATOM   146 N  ND2 B ASN A 1 16  ? 17.316  -4.685  2.611   0.45 40.63 ? 16   ASN A ND2 1 
ATOM   147 N  N   . GLU A 1 17  ? 14.599  -2.435  1.438   1.00 32.12 ? 17   GLU A N   1 
ATOM   148 C  CA  . GLU A 1 17  ? 15.163  -1.438  0.540   1.00 33.99 ? 17   GLU A CA  1 
ATOM   149 C  C   . GLU A 1 17  ? 14.575  -0.047  0.756   1.00 40.07 ? 17   GLU A C   1 
ATOM   150 O  O   . GLU A 1 17  ? 15.235  0.942   0.421   1.00 29.66 ? 17   GLU A O   1 
ATOM   151 C  CB  . GLU A 1 17  ? 14.995  -1.896  -0.911  1.00 38.59 ? 17   GLU A CB  1 
ATOM   152 C  CG  . GLU A 1 17  ? 15.687  -3.239  -1.167  1.00 48.06 ? 17   GLU A CG  1 
ATOM   153 C  CD  . GLU A 1 17  ? 15.855  -3.589  -2.644  1.00 59.26 ? 17   GLU A CD  1 
ATOM   154 O  OE1 . GLU A 1 17  ? 15.119  -3.051  -3.497  1.00 49.32 ? 17   GLU A OE1 1 
ATOM   155 O  OE2 . GLU A 1 17  ? 16.746  -4.414  -2.942  1.00 69.96 ? 17   GLU A OE2 1 
ATOM   156 N  N   . ALA A 1 18  ? 13.375  0.062   1.334   1.00 31.15 ? 18   ALA A N   1 
ATOM   157 C  CA  . ALA A 1 18  ? 12.826  1.379   1.660   1.00 30.47 ? 18   ALA A CA  1 
ATOM   158 C  C   . ALA A 1 18  ? 13.657  2.141   2.694   1.00 34.39 ? 18   ALA A C   1 
ATOM   159 O  O   . ALA A 1 18  ? 13.508  3.359   2.809   1.00 29.57 ? 18   ALA A O   1 
ATOM   160 C  CB  . ALA A 1 18  ? 11.397  1.243   2.187   1.00 29.48 ? 18   ALA A CB  1 
ATOM   161 N  N   . GLY A 1 19  ? 14.489  1.462   3.478   1.00 32.56 ? 19   GLY A N   1 
ATOM   162 C  CA  . GLY A 1 19  ? 15.278  2.193   4.476   1.00 34.39 ? 19   GLY A CA  1 
ATOM   163 C  C   . GLY A 1 19  ? 14.382  2.771   5.557   1.00 33.53 ? 19   GLY A C   1 
ATOM   164 O  O   . GLY A 1 19  ? 13.565  2.060   6.147   1.00 28.17 ? 19   GLY A O   1 
ATOM   165 N  N   . ASN A 1 20  ? 14.504  4.072   5.821   1.00 29.09 ? 20   ASN A N   1 
ATOM   166 C  CA  . ASN A 1 20  ? 13.657  4.725   6.817   1.00 34.29 ? 20   ASN A CA  1 
ATOM   167 C  C   . ASN A 1 20  ? 12.427  5.406   6.216   1.00 23.88 ? 20   ASN A C   1 
ATOM   168 O  O   . ASN A 1 20  ? 11.710  6.113   6.930   1.00 29.53 ? 20   ASN A O   1 
ATOM   169 C  CB  . ASN A 1 20  ? 14.474  5.737   7.636   1.00 30.49 ? 20   ASN A CB  1 
ATOM   170 C  CG  . ASN A 1 20  ? 15.085  6.835   6.787   1.00 45.93 ? 20   ASN A CG  1 
ATOM   171 O  OD1 . ASN A 1 20  ? 14.517  7.261   5.772   1.00 36.21 ? 20   ASN A OD1 1 
ATOM   172 N  ND2 . ASN A 1 20  ? 16.261  7.308   7.206   1.00 43.43 ? 20   ASN A ND2 1 
ATOM   173 N  N   . LYS A 1 21  ? 12.167  5.206   4.926   1.00 20.44 ? 21   LYS A N   1 
ATOM   174 C  CA  . LYS A 1 21  ? 11.057  5.854   4.249   1.00 20.12 ? 21   LYS A CA  1 
ATOM   175 C  C   . LYS A 1 21  ? 9.732   5.236   4.658   1.00 25.16 ? 21   LYS A C   1 
ATOM   176 O  O   . LYS A 1 21  ? 9.642   4.042   4.989   1.00 22.91 ? 21   LYS A O   1 
ATOM   177 C  CB  . LYS A 1 21  ? 11.195  5.743   2.730   1.00 30.28 ? 21   LYS A CB  1 
ATOM   178 C  CG  . LYS A 1 21  ? 12.345  6.540   2.111   1.00 37.24 ? 21   LYS A CG  1 
ATOM   179 C  CD  . LYS A 1 21  ? 12.629  6.019   0.718   1.00 26.49 ? 21   LYS A CD  1 
ATOM   180 C  CE  . LYS A 1 21  ? 12.927  7.125   -0.254  1.00 44.37 ? 21   LYS A CE  1 
ATOM   181 N  NZ  . LYS A 1 21  ? 12.898  6.631   -1.671  1.00 48.00 ? 21   LYS A NZ  1 
ATOM   182 N  N   . LEU A 1 22  ? 8.695   6.067   4.635   1.00 26.68 ? 22   LEU A N   1 
ATOM   183 C  CA  . LEU A 1 22  ? 7.339   5.559   4.738   1.00 24.21 ? 22   LEU A CA  1 
ATOM   184 C  C   . LEU A 1 22  ? 7.046   4.668   3.545   1.00 26.22 ? 22   LEU A C   1 
ATOM   185 O  O   . LEU A 1 22  ? 7.432   4.967   2.413   1.00 23.99 ? 22   LEU A O   1 
ATOM   186 C  CB  . LEU A 1 22  ? 6.340   6.717   4.791   1.00 25.14 ? 22   LEU A CB  1 
ATOM   187 C  CG  . LEU A 1 22  ? 4.850   6.365   4.769   1.00 28.02 ? 22   LEU A CG  1 
ATOM   188 C  CD1 . LEU A 1 22  ? 4.458   5.694   6.069   1.00 24.84 ? 22   LEU A CD1 1 
ATOM   189 C  CD2 . LEU A 1 22  ? 4.037   7.649   4.554   1.00 25.13 ? 22   LEU A CD2 1 
ATOM   190 N  N   . VAL A 1 23  ? 6.384   3.554   3.812   1.00 23.27 ? 23   VAL A N   1 
ATOM   191 C  CA  . VAL A 1 23  ? 5.920   2.621   2.793   1.00 26.98 ? 23   VAL A CA  1 
ATOM   192 C  C   . VAL A 1 23  ? 4.399   2.581   2.869   1.00 22.35 ? 23   VAL A C   1 
ATOM   193 O  O   . VAL A 1 23  ? 3.847   2.346   3.946   1.00 22.32 ? 23   VAL A O   1 
ATOM   194 C  CB  . VAL A 1 23  ? 6.501   1.214   3.025   1.00 24.20 ? 23   VAL A CB  1 
ATOM   195 C  CG1 . VAL A 1 23  ? 6.099   0.262   1.884   1.00 23.00 ? 23   VAL A CG1 1 
ATOM   196 C  CG2 . VAL A 1 23  ? 8.050   1.297   3.205   1.00 22.94 ? 23   VAL A CG2 1 
ATOM   197 N  N   . VAL A 1 24  ? 3.728   2.803   1.741   1.00 25.65 ? 24   VAL A N   1 
ATOM   198 C  CA  . VAL A 1 24  ? 2.264   2.739   1.661   1.00 24.68 ? 24   VAL A CA  1 
ATOM   199 C  C   . VAL A 1 24  ? 1.908   1.539   0.802   1.00 20.60 ? 24   VAL A C   1 
ATOM   200 O  O   . VAL A 1 24  ? 2.323   1.466   -0.363  1.00 30.30 ? 24   VAL A O   1 
ATOM   201 C  CB  . VAL A 1 24  ? 1.659   4.024   1.072   1.00 23.79 ? 24   VAL A CB  1 
ATOM   202 C  CG1 . VAL A 1 24  ? 0.132   3.902   1.008   1.00 27.35 ? 24   VAL A CG1 1 
ATOM   203 C  CG2 . VAL A 1 24  ? 2.061   5.228   1.890   1.00 25.92 ? 24   VAL A CG2 1 
ATOM   204 N  N   . ILE A 1 25  ? 1.147   0.599   1.357   1.00 20.61 ? 25   ILE A N   1 
ATOM   205 C  CA  . ILE A 1 25  ? 0.813   -0.643  0.656   1.00 19.66 ? 25   ILE A CA  1 
ATOM   206 C  C   . ILE A 1 25  ? -0.669  -0.636  0.322   1.00 23.53 ? 25   ILE A C   1 
ATOM   207 O  O   . ILE A 1 25  ? -1.510  -0.628  1.227   1.00 23.74 ? 25   ILE A O   1 
ATOM   208 C  CB  . ILE A 1 25  ? 1.172   -1.893  1.477   1.00 21.96 ? 25   ILE A CB  1 
ATOM   209 C  CG1 . ILE A 1 25  ? 2.651   -1.883  1.867   1.00 31.20 ? 25   ILE A CG1 1 
ATOM   210 C  CG2 . ILE A 1 25  ? 0.890   -3.151  0.653   1.00 22.61 ? 25   ILE A CG2 1 
ATOM   211 C  CD1 . ILE A 1 25  ? 2.948   -1.374  3.288   1.00 25.21 ? 25   ILE A CD1 1 
ATOM   212 N  N   . ASP A 1 26  ? -0.983  -0.688  -0.971  1.00 22.04 ? 26   ASP A N   1 
ATOM   213 C  CA  . ASP A 1 26  ? -2.360  -0.687  -1.476  1.00 23.69 ? 26   ASP A CA  1 
ATOM   214 C  C   . ASP A 1 26  ? -2.793  -2.133  -1.658  1.00 23.51 ? 26   ASP A C   1 
ATOM   215 O  O   . ASP A 1 26  ? -2.396  -2.795  -2.618  1.00 26.13 ? 26   ASP A O   1 
ATOM   216 C  CB  . ASP A 1 26  ? -2.443  0.091   -2.784  1.00 23.91 ? 26   ASP A CB  1 
ATOM   217 C  CG  . ASP A 1 26  ? -3.822  0.009   -3.461  1.00 29.15 ? 26   ASP A CG  1 
ATOM   218 O  OD1 . ASP A 1 26  ? -4.810  -0.489  -2.869  1.00 28.82 ? 26   ASP A OD1 1 
ATOM   219 O  OD2 . ASP A 1 26  ? -3.912  0.506   -4.603  1.00 22.71 ? 26   ASP A OD2 1 
ATOM   220 N  N   . PHE A 1 27  ? -3.582  -2.640  -0.716  1.00 23.04 ? 27   PHE A N   1 
ATOM   221 C  CA  . PHE A 1 27  ? -4.155  -3.973  -0.854  1.00 24.95 ? 27   PHE A CA  1 
ATOM   222 C  C   . PHE A 1 27  ? -5.418  -3.854  -1.698  1.00 32.01 ? 27   PHE A C   1 
ATOM   223 O  O   . PHE A 1 27  ? -6.381  -3.203  -1.282  1.00 27.03 ? 27   PHE A O   1 
ATOM   224 C  CB  . PHE A 1 27  ? -4.473  -4.578  0.519   1.00 24.01 ? 27   PHE A CB  1 
ATOM   225 C  CG  . PHE A 1 27  ? -3.256  -4.992  1.324   1.00 24.58 ? 27   PHE A CG  1 
ATOM   226 C  CD1 . PHE A 1 27  ? -2.561  -4.065  2.106   1.00 24.12 ? 27   PHE A CD1 1 
ATOM   227 C  CD2 . PHE A 1 27  ? -2.838  -6.307  1.337   1.00 30.17 ? 27   PHE A CD2 1 
ATOM   228 C  CE1 . PHE A 1 27  ? -1.462  -4.448  2.866   1.00 29.73 ? 27   PHE A CE1 1 
ATOM   229 C  CE2 . PHE A 1 27  ? -1.735  -6.698  2.092   1.00 27.53 ? 27   PHE A CE2 1 
ATOM   230 C  CZ  . PHE A 1 27  ? -1.047  -5.772  2.856   1.00 24.40 ? 27   PHE A CZ  1 
ATOM   231 N  N   . TYR A 1 28  ? -5.422  -4.466  -2.882  1.00 28.13 ? 28   TYR A N   1 
ATOM   232 C  CA  . TYR A 1 28  ? -6.500  -4.237  -3.832  1.00 29.04 ? 28   TYR A CA  1 
ATOM   233 C  C   . TYR A 1 28  ? -6.934  -5.551  -4.463  1.00 24.30 ? 28   TYR A C   1 
ATOM   234 O  O   . TYR A 1 28  ? -6.276  -6.583  -4.325  1.00 28.90 ? 28   TYR A O   1 
ATOM   235 C  CB  . TYR A 1 28  ? -6.074  -3.259  -4.923  1.00 26.37 ? 28   TYR A CB  1 
ATOM   236 C  CG  . TYR A 1 28  ? -5.171  -3.883  -5.957  1.00 32.93 ? 28   TYR A CG  1 
ATOM   237 C  CD1 . TYR A 1 28  ? -3.804  -4.026  -5.727  1.00 33.92 ? 28   TYR A CD1 1 
ATOM   238 C  CD2 . TYR A 1 28  ? -5.688  -4.329  -7.173  1.00 30.75 ? 28   TYR A CD2 1 
ATOM   239 C  CE1 . TYR A 1 28  ? -2.975  -4.601  -6.679  1.00 29.37 ? 28   TYR A CE1 1 
ATOM   240 C  CE2 . TYR A 1 28  ? -4.878  -4.911  -8.121  1.00 36.28 ? 28   TYR A CE2 1 
ATOM   241 C  CZ  . TYR A 1 28  ? -3.526  -5.041  -7.880  1.00 36.60 ? 28   TYR A CZ  1 
ATOM   242 O  OH  . TYR A 1 28  ? -2.732  -5.615  -8.842  1.00 38.61 ? 28   TYR A OH  1 
ATOM   243 N  N   . ALA A 1 29  ? -8.048  -5.498  -5.185  1.00 26.96 ? 29   ALA A N   1 
ATOM   244 C  CA  . ALA A 1 29  ? -8.516  -6.649  -5.946  1.00 33.46 ? 29   ALA A CA  1 
ATOM   245 C  C   . ALA A 1 29  ? -9.042  -6.174  -7.293  1.00 34.25 ? 29   ALA A C   1 
ATOM   246 O  O   . ALA A 1 29  ? -9.504  -5.041  -7.426  1.00 32.25 ? 29   ALA A O   1 
ATOM   247 C  CB  . ALA A 1 29  ? -9.613  -7.430  -5.204  1.00 33.95 ? 29   ALA A CB  1 
ATOM   248 N  N   . THR A 1 30  ? -8.967  -7.055  -8.294  1.00 34.18 ? 30   THR A N   1 
ATOM   249 C  CA  . THR A 1 30  ? -9.385  -6.683  -9.638  1.00 36.06 ? 30   THR A CA  1 
ATOM   250 C  C   . THR A 1 30  ? -10.894 -6.603  -9.777  1.00 34.41 ? 30   THR A C   1 
ATOM   251 O  O   . THR A 1 30  ? -11.377 -6.057  -10.771 1.00 40.76 ? 30   THR A O   1 
ATOM   252 C  CB  . THR A 1 30  ? -8.824  -7.666  -10.662 1.00 39.07 ? 30   THR A CB  1 
ATOM   253 O  OG1 . THR A 1 30  ? -9.493  -8.919  -10.526 1.00 40.93 ? 30   THR A OG1 1 
ATOM   254 C  CG2 . THR A 1 30  ? -7.338  -7.875  -10.421 1.00 45.24 ? 30   THR A CG2 1 
ATOM   255 N  N   . TRP A 1 31  ? -11.647 -7.098  -8.802  1.00 36.22 ? 31   TRP A N   1 
ATOM   256 C  CA  . TRP A 1 31  ? -13.093 -6.952  -8.799  1.00 30.49 ? 31   TRP A CA  1 
ATOM   257 C  C   . TRP A 1 31  ? -13.551 -5.701  -8.063  1.00 36.34 ? 31   TRP A C   1 
ATOM   258 O  O   . TRP A 1 31  ? -14.757 -5.496  -7.886  1.00 34.64 ? 31   TRP A O   1 
ATOM   259 C  CB  . TRP A 1 31  ? -13.750 -8.195  -8.180  1.00 29.47 ? 31   TRP A CB  1 
ATOM   260 C  CG  . TRP A 1 31  ? -13.108 -8.701  -6.922  1.00 30.57 ? 31   TRP A CG  1 
ATOM   261 C  CD1 . TRP A 1 31  ? -12.177 -9.689  -6.827  1.00 31.08 ? 31   TRP A CD1 1 
ATOM   262 C  CD2 . TRP A 1 31  ? -13.364 -8.257  -5.576  1.00 26.51 ? 31   TRP A CD2 1 
ATOM   263 N  NE1 . TRP A 1 31  ? -11.831 -9.889  -5.509  1.00 31.55 ? 31   TRP A NE1 1 
ATOM   264 C  CE2 . TRP A 1 31  ? -12.543 -9.022  -4.723  1.00 28.71 ? 31   TRP A CE2 1 
ATOM   265 C  CE3 . TRP A 1 31  ? -14.204 -7.283  -5.014  1.00 34.45 ? 31   TRP A CE3 1 
ATOM   266 C  CZ2 . TRP A 1 31  ? -12.526 -8.845  -3.337  1.00 27.39 ? 31   TRP A CZ2 1 
ATOM   267 C  CZ3 . TRP A 1 31  ? -14.195 -7.111  -3.631  1.00 27.73 ? 31   TRP A CZ3 1 
ATOM   268 C  CH2 . TRP A 1 31  ? -13.371 -7.892  -2.813  1.00 27.92 ? 31   TRP A CH2 1 
ATOM   269 N  N   . CYS A 1 32  ? -12.622 -4.865  -7.631  1.00 30.97 ? 32   CYS A N   1 
ATOM   270 C  CA  . CYS A 1 32  ? -12.936 -3.710  -6.805  1.00 34.00 ? 32   CYS A CA  1 
ATOM   271 C  C   . CYS A 1 32  ? -12.948 -2.464  -7.681  1.00 35.62 ? 32   CYS A C   1 
ATOM   272 O  O   . CYS A 1 32  ? -11.913 -2.090  -8.241  1.00 38.62 ? 32   CYS A O   1 
ATOM   273 C  CB  . CYS A 1 32  ? -11.915 -3.592  -5.670  1.00 37.76 ? 32   CYS A CB  1 
ATOM   274 S  SG  . CYS A 1 32  ? -11.838 -2.010  -4.811  1.00 35.30 ? 32   CYS A SG  1 
ATOM   275 N  N   . GLY A 1 33  ? -14.122 -1.838  -7.806  1.00 37.88 ? 33   GLY A N   1 
ATOM   276 C  CA  . GLY A 1 33  ? -14.317 -0.682  -8.657  1.00 30.52 ? 33   GLY A CA  1 
ATOM   277 C  C   . GLY A 1 33  ? -13.655 0.598   -8.173  1.00 35.61 ? 33   GLY A C   1 
ATOM   278 O  O   . GLY A 1 33  ? -12.942 1.279   -8.927  1.00 31.05 ? 33   GLY A O   1 
ATOM   279 N  N   . PRO A 1 34  ? -13.907 0.974   -6.916  1.00 39.27 ? 34   PRO A N   1 
ATOM   280 C  CA  . PRO A 1 34  ? -13.123 2.068   -6.307  1.00 41.63 ? 34   PRO A CA  1 
ATOM   281 C  C   . PRO A 1 34  ? -11.612 1.907   -6.448  1.00 42.03 ? 34   PRO A C   1 
ATOM   282 O  O   . PRO A 1 34  ? -10.916 2.905   -6.662  1.00 40.28 ? 34   PRO A O   1 
ATOM   283 C  CB  . PRO A 1 34  ? -13.551 2.019   -4.836  1.00 32.75 ? 34   PRO A CB  1 
ATOM   284 C  CG  . PRO A 1 34  ? -14.957 1.497   -4.888  1.00 40.89 ? 34   PRO A CG  1 
ATOM   285 C  CD  . PRO A 1 34  ? -14.986 0.506   -6.024  1.00 35.98 ? 34   PRO A CD  1 
ATOM   286 N  N   . CYS A 1 35  ? -11.085 0.688   -6.316  1.00 34.94 ? 35   CYS A N   1 
ATOM   287 C  CA  . CYS A 1 35  ? -9.650  0.486   -6.513  1.00 34.38 ? 35   CYS A CA  1 
ATOM   288 C  C   . CYS A 1 35  ? -9.230  0.883   -7.922  1.00 43.43 ? 35   CYS A C   1 
ATOM   289 O  O   . CYS A 1 35  ? -8.172  1.495   -8.115  1.00 35.30 ? 35   CYS A O   1 
ATOM   290 C  CB  . CYS A 1 35  ? -9.264  -0.974  -6.251  1.00 29.63 ? 35   CYS A CB  1 
ATOM   291 S  SG  . CYS A 1 35  ? -9.794  -1.740  -4.692  1.00 35.69 ? 35   CYS A SG  1 
ATOM   292 N  N   . LYS A 1 36  ? -10.048 0.536   -8.925  1.00 38.48 ? 36   LYS A N   1 
ATOM   293 C  CA  . LYS A 1 36  ? -9.737  0.937   -10.293 1.00 42.69 ? 36   LYS A CA  1 
ATOM   294 C  C   . LYS A 1 36  ? -9.787  2.449   -10.437 1.00 39.55 ? 36   LYS A C   1 
ATOM   295 O  O   . LYS A 1 36  ? -9.009  3.032   -11.199 1.00 40.79 ? 36   LYS A O   1 
ATOM   296 C  CB  . LYS A 1 36  ? -10.718 0.286   -11.273 1.00 40.26 ? 36   LYS A CB  1 
ATOM   297 C  CG  . LYS A 1 36  ? -10.907 -1.197  -11.072 1.00 50.73 ? 36   LYS A CG  1 
ATOM   298 C  CD  . LYS A 1 36  ? -11.378 -1.873  -12.352 1.00 55.66 ? 36   LYS A CD  1 
ATOM   299 C  CE  . LYS A 1 36  ? -11.614 -3.354  -12.117 1.00 56.84 ? 36   LYS A CE  1 
ATOM   300 N  NZ  . LYS A 1 36  ? -10.438 -4.186  -12.509 1.00 52.20 ? 36   LYS A NZ  1 
ATOM   301 N  N   . MET A 1 37  ? -10.701 3.102   -9.712  1.00 41.62 ? 37   MET A N   1 
ATOM   302 C  CA  . MET A 1 37  ? -10.874 4.545   -9.864  1.00 39.50 ? 37   MET A CA  1 
ATOM   303 C  C   . MET A 1 37  ? -9.697  5.322   -9.277  1.00 45.42 ? 37   MET A C   1 
ATOM   304 O  O   . MET A 1 37  ? -9.236  6.301   -9.872  1.00 46.99 ? 37   MET A O   1 
ATOM   305 C  CB  . MET A 1 37  ? -12.188 4.984   -9.213  1.00 40.21 ? 37   MET A CB  1 
ATOM   306 C  CG  . MET A 1 37  ? -13.458 4.419   -9.896  1.00 45.33 ? 37   MET A CG  1 
ATOM   307 S  SD  . MET A 1 37  ? -13.730 5.026   -11.580 1.00 65.67 ? 37   MET A SD  1 
ATOM   308 C  CE  . MET A 1 37  ? -12.943 3.752   -12.571 1.00 46.67 ? 37   MET A CE  1 
ATOM   309 N  N   . ILE A 1 38  ? -9.196  4.909   -8.109  1.00 42.18 ? 38   ILE A N   1 
ATOM   310 C  CA  . ILE A 1 38  ? -8.094  5.646   -7.492  1.00 38.44 ? 38   ILE A CA  1 
ATOM   311 C  C   . ILE A 1 38  ? -6.749  5.261   -8.086  1.00 43.87 ? 38   ILE A C   1 
ATOM   312 O  O   . ILE A 1 38  ? -5.773  6.011   -7.932  1.00 41.30 ? 38   ILE A O   1 
ATOM   313 C  CB  . ILE A 1 38  ? -8.165  5.458   -5.960  1.00 40.07 ? 38   ILE A CB  1 
ATOM   314 C  CG1 . ILE A 1 38  ? -7.303  6.502   -5.239  1.00 41.60 ? 38   ILE A CG1 1 
ATOM   315 C  CG2 . ILE A 1 38  ? -7.806  4.022   -5.548  1.00 34.33 ? 38   ILE A CG2 1 
ATOM   316 C  CD1 . ILE A 1 38  ? -7.275  6.345   -3.729  1.00 36.07 ? 38   ILE A CD1 1 
ATOM   317 N  N   . ALA A 1 39  ? -6.683  4.148   -8.820  1.00 40.09 ? 39   ALA A N   1 
ATOM   318 C  CA  . ALA A 1 39  ? -5.415  3.647   -9.359  1.00 36.40 ? 39   ALA A CA  1 
ATOM   319 C  C   . ALA A 1 39  ? -4.619  4.681   -10.152 1.00 39.68 ? 39   ALA A C   1 
ATOM   320 O  O   . ALA A 1 39  ? -3.410  4.820   -9.890  1.00 37.49 ? 39   ALA A O   1 
ATOM   321 C  CB  . ALA A 1 39  ? -5.692  2.394   -10.202 1.00 47.83 ? 39   ALA A CB  1 
ATOM   322 N  N   . PRO A 1 40  ? -5.188  5.430   -11.109 1.00 42.83 ? 40   PRO A N   1 
ATOM   323 C  CA  . PRO A 1 40  ? -4.369  6.442   -11.806 1.00 42.77 ? 40   PRO A CA  1 
ATOM   324 C  C   . PRO A 1 40  ? -3.901  7.584   -10.913 1.00 41.32 ? 40   PRO A C   1 
ATOM   325 O  O   . PRO A 1 40  ? -2.795  8.107   -11.123 1.00 45.53 ? 40   PRO A O   1 
ATOM   326 C  CB  . PRO A 1 40  ? -5.303  6.941   -12.918 1.00 46.58 ? 40   PRO A CB  1 
ATOM   327 C  CG  . PRO A 1 40  ? -6.244  5.825   -13.138 1.00 37.46 ? 40   PRO A CG  1 
ATOM   328 C  CD  . PRO A 1 40  ? -6.500  5.277   -11.766 1.00 46.13 ? 40   PRO A CD  1 
ATOM   329 N  N   . LYS A 1 41  ? -4.707  8.001   -9.932  1.00 38.02 ? 41   LYS A N   1 
ATOM   330 C  CA  . LYS A 1 41  ? -4.252  9.033   -9.002  1.00 43.58 ? 41   LYS A CA  1 
ATOM   331 C  C   . LYS A 1 41  ? -3.076  8.537   -8.168  1.00 42.46 ? 41   LYS A C   1 
ATOM   332 O  O   . LYS A 1 41  ? -2.111  9.280   -7.931  1.00 34.32 ? 41   LYS A O   1 
ATOM   333 C  CB  . LYS A 1 41  ? -5.406  9.474   -8.097  1.00 35.68 ? 41   LYS A CB  1 
ATOM   334 C  CG  . LYS A 1 41  ? -6.560  10.180  -8.830  1.00 51.55 ? 41   LYS A CG  1 
ATOM   335 C  CD  . LYS A 1 41  ? -6.583  11.705  -8.578  1.00 59.92 ? 41   LYS A CD  1 
ATOM   336 C  CE  . LYS A 1 41  ? -5.376  12.422  -9.200  1.00 59.26 ? 41   LYS A CE  1 
ATOM   337 N  NZ  . LYS A 1 41  ? -5.504  13.909  -9.183  1.00 60.88 ? 41   LYS A NZ  1 
ATOM   338 N  N   . LEU A 1 42  ? -3.150  7.283   -7.705  1.00 33.16 ? 42   LEU A N   1 
ATOM   339 C  CA  . LEU A 1 42  ? -2.054  6.683   -6.952  1.00 31.06 ? 42   LEU A CA  1 
ATOM   340 C  C   . LEU A 1 42  ? -0.781  6.607   -7.800  1.00 37.48 ? 42   LEU A C   1 
ATOM   341 O  O   . LEU A 1 42  ? 0.327   6.794   -7.291  1.00 31.11 ? 42   LEU A O   1 
ATOM   342 C  CB  . LEU A 1 42  ? -2.484  5.301   -6.452  1.00 30.35 ? 42   LEU A CB  1 
ATOM   343 C  CG  . LEU A 1 42  ? -1.469  4.381   -5.776  1.00 47.01 ? 42   LEU A CG  1 
ATOM   344 C  CD1 . LEU A 1 42  ? -1.226  4.759   -4.319  1.00 41.67 ? 42   LEU A CD1 1 
ATOM   345 C  CD2 . LEU A 1 42  ? -1.915  2.927   -5.864  1.00 56.24 ? 42   LEU A CD2 1 
ATOM   346 N  N   . GLU A 1 43  ? -0.923  6.359   -9.104  1.00 34.25 ? 43   GLU A N   1 
ATOM   347 C  CA  . GLU A 1 43  ? 0.244   6.351   -9.984  1.00 41.02 ? 43   GLU A CA  1 
ATOM   348 C  C   . GLU A 1 43  ? 0.927   7.713   -10.002 1.00 42.33 ? 43   GLU A C   1 
ATOM   349 O  O   . GLU A 1 43  ? 2.140   7.816   -9.789  1.00 37.99 ? 43   GLU A O   1 
ATOM   350 C  CB  . GLU A 1 43  ? -0.160  5.947   -11.399 1.00 40.24 ? 43   GLU A CB  1 
ATOM   351 C  CG  . GLU A 1 43  ? -0.392  4.461   -11.559 1.00 55.08 ? 43   GLU A CG  1 
ATOM   352 C  CD  . GLU A 1 43  ? 0.819   3.643   -11.153 1.00 52.86 ? 43   GLU A CD  1 
ATOM   353 O  OE1 . GLU A 1 43  ? 1.957   4.080   -11.429 1.00 49.09 ? 43   GLU A OE1 1 
ATOM   354 O  OE2 . GLU A 1 43  ? 0.630   2.558   -10.559 1.00 65.19 ? 43   GLU A OE2 1 
ATOM   355 N  N   . GLU A 1 44  ? 0.162   8.776   -10.259 1.00 39.09 ? 44   GLU A N   1 
ATOM   356 C  CA  . GLU A 1 44  ? 0.769   10.101  -10.329 1.00 47.54 ? 44   GLU A CA  1 
ATOM   357 C  C   . GLU A 1 44  ? 1.390   10.481  -8.995  1.00 45.52 ? 44   GLU A C   1 
ATOM   358 O  O   . GLU A 1 44  ? 2.440   11.137  -8.953  1.00 36.95 ? 44   GLU A O   1 
ATOM   359 C  CB  . GLU A 1 44  ? -0.265  11.139  -10.764 1.00 43.76 ? 44   GLU A CB  1 
ATOM   360 C  CG  . GLU A 1 44  ? -0.377  11.283  -12.278 1.00 59.80 ? 44   GLU A CG  1 
ATOM   361 C  CD  . GLU A 1 44  ? 0.842   11.949  -12.894 1.00 62.11 ? 44   GLU A CD  1 
ATOM   362 O  OE1 . GLU A 1 44  ? 1.008   13.182  -12.729 1.00 67.95 ? 44   GLU A OE1 1 
ATOM   363 O  OE2 . GLU A 1 44  ? 1.644   11.243  -13.547 1.00 66.68 ? 44   GLU A OE2 1 
ATOM   364 N  N   . LEU A 1 45  ? 0.761   10.068  -7.895  1.00 36.00 ? 45   LEU A N   1 
ATOM   365 C  CA  . LEU A 1 45  ? 1.314   10.344  -6.575  1.00 31.42 ? 45   LEU A CA  1 
ATOM   366 C  C   . LEU A 1 45  ? 2.689   9.719   -6.423  1.00 31.45 ? 45   LEU A C   1 
ATOM   367 O  O   . LEU A 1 45  ? 3.618   10.364  -5.921  1.00 39.38 ? 45   LEU A O   1 
ATOM   368 C  CB  . LEU A 1 45  ? 0.365   9.836   -5.487  1.00 33.79 ? 45   LEU A CB  1 
ATOM   369 C  CG  . LEU A 1 45  ? 0.771   10.110  -4.038  1.00 35.32 ? 45   LEU A CG  1 
ATOM   370 C  CD1 . LEU A 1 45  ? 0.889   11.604  -3.772  1.00 34.03 ? 45   LEU A CD1 1 
ATOM   371 C  CD2 . LEU A 1 45  ? -0.235  9.461   -3.083  1.00 28.85 ? 45   LEU A CD2 1 
ATOM   372 N  N   . SER A 1 46  ? 2.849   8.460   -6.856  1.00 32.43 ? 46   SER A N   1 
ATOM   373 C  CA  . SER A 1 46  ? 4.150   7.823   -6.722  1.00 35.85 ? 46   SER A CA  1 
ATOM   374 C  C   . SER A 1 46  ? 5.177   8.471   -7.636  1.00 44.49 ? 46   SER A C   1 
ATOM   375 O  O   . SER A 1 46  ? 6.371   8.451   -7.329  1.00 38.01 ? 46   SER A O   1 
ATOM   376 C  CB  . SER A 1 46  ? 4.051   6.317   -6.995  1.00 31.71 ? 46   SER A CB  1 
ATOM   377 O  OG  . SER A 1 46  ? 3.758   6.032   -8.345  1.00 44.89 ? 46   SER A OG  1 
ATOM   378 N  N   . GLN A 1 47  ? 4.736   9.051   -8.754  1.00 40.16 ? 47   GLN A N   1 
ATOM   379 C  CA  . GLN A 1 47  ? 5.664   9.765   -9.621  1.00 40.00 ? 47   GLN A CA  1 
ATOM   380 C  C   . GLN A 1 47  ? 6.061   11.110  -9.032  1.00 45.69 ? 47   GLN A C   1 
ATOM   381 O  O   . GLN A 1 47  ? 7.191   11.566  -9.240  1.00 42.54 ? 47   GLN A O   1 
ATOM   382 C  CB  . GLN A 1 47  ? 5.044   9.965   -11.006 1.00 38.82 ? 47   GLN A CB  1 
ATOM   383 C  CG  . GLN A 1 47  ? 4.583   8.691   -11.687 1.00 54.22 ? 47   GLN A CG  1 
ATOM   384 C  CD  . GLN A 1 47  ? 5.736   7.781   -12.074 1.00 63.74 ? 47   GLN A CD  1 
ATOM   385 O  OE1 . GLN A 1 47  ? 5.646   6.558   -11.958 1.00 64.46 ? 47   GLN A OE1 1 
ATOM   386 N  NE2 . GLN A 1 47  ? 6.825   8.376   -12.539 1.00 68.29 ? 47   GLN A NE2 1 
ATOM   387 N  N   . SER A 1 48  ? 5.153   11.755  -8.296  1.00 39.37 ? 48   SER A N   1 
ATOM   388 C  CA  . SER A 1 48  ? 5.438   13.067  -7.726  1.00 39.01 ? 48   SER A CA  1 
ATOM   389 C  C   . SER A 1 48  ? 6.187   12.991  -6.407  1.00 42.34 ? 48   SER A C   1 
ATOM   390 O  O   . SER A 1 48  ? 6.911   13.929  -6.049  1.00 45.86 ? 48   SER A O   1 
ATOM   391 C  CB  . SER A 1 48  ? 4.139   13.841  -7.496  1.00 44.60 ? 48   SER A CB  1 
ATOM   392 O  OG  . SER A 1 48  ? 4.151   14.445  -6.209  1.00 48.65 ? 48   SER A OG  1 
ATOM   393 N  N   . MET A 1 49  ? 6.027   11.902  -5.670  1.00 37.43 ? 49   MET A N   1 
ATOM   394 C  CA  . MET A 1 49  ? 6.483   11.831  -4.288  1.00 41.18 ? 49   MET A CA  1 
ATOM   395 C  C   . MET A 1 49  ? 7.511   10.704  -4.148  1.00 40.62 ? 49   MET A C   1 
ATOM   396 O  O   . MET A 1 49  ? 7.158   9.566   -3.838  1.00 36.58 ? 49   MET A O   1 
ATOM   397 C  CB  . MET A 1 49  ? 5.261   11.643  -3.392  1.00 38.30 ? 49   MET A CB  1 
ATOM   398 C  CG  . MET A 1 49  ? 5.533   11.705  -1.943  1.00 32.91 ? 49   MET A CG  1 
ATOM   399 S  SD  . MET A 1 49  ? 4.055   11.849  -0.939  1.00 31.73 ? 49   MET A SD  1 
ATOM   400 C  CE  . MET A 1 49  ? 3.429   13.440  -1.481  1.00 37.73 ? 49   MET A CE  1 
ATOM   401 N  N   . SER A 1 50  ? 8.786   11.024  -4.384  1.00 30.86 ? 50   SER A N   1 
ATOM   402 C  CA  . SER A 1 50  ? 9.874   10.059  -4.239  1.00 33.23 ? 50   SER A CA  1 
ATOM   403 C  C   . SER A 1 50  ? 10.291  9.863   -2.788  1.00 33.85 ? 50   SER A C   1 
ATOM   404 O  O   . SER A 1 50  ? 11.044  8.930   -2.498  1.00 43.93 ? 50   SER A O   1 
ATOM   405 C  CB  . SER A 1 50  ? 11.081  10.493  -5.090  1.00 34.55 ? 50   SER A CB  1 
ATOM   406 O  OG  . SER A 1 50  ? 11.853  11.491  -4.432  1.00 51.12 ? 50   SER A OG  1 
ATOM   407 N  N   . ASP A 1 51  ? 9.738   10.662  -1.885  1.00 38.53 ? 51   ASP A N   1 
ATOM   408 C  CA  . ASP A 1 51  ? 10.031  10.509  -0.469  1.00 42.51 ? 51   ASP A CA  1 
ATOM   409 C  C   . ASP A 1 51  ? 9.149   9.426   0.171   1.00 32.19 ? 51   ASP A C   1 
ATOM   410 O  O   . ASP A 1 51  ? 9.107   9.313   1.396   1.00 29.91 ? 51   ASP A O   1 
ATOM   411 C  CB  . ASP A 1 51  ? 9.846   11.839  0.262   1.00 27.59 ? 51   ASP A CB  1 
ATOM   412 C  CG  . ASP A 1 51  ? 8.427   12.363  0.170   1.00 32.37 ? 51   ASP A CG  1 
ATOM   413 O  OD1 . ASP A 1 51  ? 7.603   11.733  -0.527  1.00 34.57 ? 51   ASP A OD1 1 
ATOM   414 O  OD2 . ASP A 1 51  ? 8.135   13.407  0.792   1.00 12.75 ? 51   ASP A OD2 1 
ATOM   415 N  N   . VAL A 1 52  ? 8.450   8.632   -0.644  1.00 35.07 ? 52   VAL A N   1 
ATOM   416 C  CA  . VAL A 1 52  ? 7.592   7.581   -0.099  1.00 30.06 ? 52   VAL A CA  1 
ATOM   417 C  C   . VAL A 1 52  ? 7.602   6.409   -1.066  1.00 29.88 ? 52   VAL A C   1 
ATOM   418 O  O   . VAL A 1 52  ? 7.587   6.598   -2.287  1.00 31.63 ? 52   VAL A O   1 
ATOM   419 C  CB  . VAL A 1 52  ? 6.156   8.115   0.133   1.00 31.42 ? 52   VAL A CB  1 
ATOM   420 C  CG1 . VAL A 1 52  ? 5.177   7.006   0.563   1.00 22.04 ? 52   VAL A CG1 1 
ATOM   421 C  CG2 . VAL A 1 52  ? 6.155   9.277   1.163   1.00 24.16 ? 52   VAL A CG2 1 
ATOM   422 N  N   . VAL A 1 53  ? 7.637   5.197   -0.521  1.00 26.32 ? 53   VAL A N   1 
ATOM   423 C  CA  . VAL A 1 53  ? 7.613   3.969   -1.310  1.00 22.30 ? 53   VAL A CA  1 
ATOM   424 C  C   . VAL A 1 53  ? 6.165   3.483   -1.422  1.00 31.04 ? 53   VAL A C   1 
ATOM   425 O  O   . VAL A 1 53  ? 5.504   3.229   -0.410  1.00 28.35 ? 53   VAL A O   1 
ATOM   426 C  CB  . VAL A 1 53  ? 8.516   2.890   -0.685  1.00 21.20 ? 53   VAL A CB  1 
ATOM   427 C  CG1 . VAL A 1 53  ? 8.375   1.587   -1.432  1.00 25.75 ? 53   VAL A CG1 1 
ATOM   428 C  CG2 . VAL A 1 53  ? 9.986   3.347   -0.708  1.00 26.94 ? 53   VAL A CG2 1 
ATOM   429 N  N   . PHE A 1 54  ? 5.666   3.341   -2.644  1.00 27.78 ? 54   PHE A N   1 
ATOM   430 C  CA  . PHE A 1 54  ? 4.294   2.897   -2.877  1.00 32.40 ? 54   PHE A CA  1 
ATOM   431 C  C   . PHE A 1 54  ? 4.339   1.492   -3.452  1.00 35.18 ? 54   PHE A C   1 
ATOM   432 O  O   . PHE A 1 54  ? 4.964   1.261   -4.491  1.00 29.75 ? 54   PHE A O   1 
ATOM   433 C  CB  . PHE A 1 54  ? 3.532   3.845   -3.804  1.00 29.79 ? 54   PHE A CB  1 
ATOM   434 C  CG  . PHE A 1 54  ? 3.308   5.201   -3.214  1.00 28.04 ? 54   PHE A CG  1 
ATOM   435 C  CD1 . PHE A 1 54  ? 2.211   5.443   -2.394  1.00 26.89 ? 54   PHE A CD1 1 
ATOM   436 C  CD2 . PHE A 1 54  ? 4.219   6.229   -3.436  1.00 27.77 ? 54   PHE A CD2 1 
ATOM   437 C  CE1 . PHE A 1 54  ? 2.002   6.703   -1.838  1.00 29.25 ? 54   PHE A CE1 1 
ATOM   438 C  CE2 . PHE A 1 54  ? 4.025   7.486   -2.879  1.00 29.43 ? 54   PHE A CE2 1 
ATOM   439 C  CZ  . PHE A 1 54  ? 2.922   7.729   -2.082  1.00 28.49 ? 54   PHE A CZ  1 
ATOM   440 N  N   . LEU A 1 55  ? 3.719   0.557   -2.745  1.00 25.62 ? 55   LEU A N   1 
ATOM   441 C  CA  . LEU A 1 55  ? 3.613   -0.825  -3.158  1.00 25.81 ? 55   LEU A CA  1 
ATOM   442 C  C   . LEU A 1 55  ? 2.137   -1.138  -3.323  1.00 30.42 ? 55   LEU A C   1 
ATOM   443 O  O   . LEU A 1 55  ? 1.275   -0.399  -2.847  1.00 25.23 ? 55   LEU A O   1 
ATOM   444 C  CB  . LEU A 1 55  ? 4.260   -1.766  -2.128  1.00 27.25 ? 55   LEU A CB  1 
ATOM   445 C  CG  . LEU A 1 55  ? 5.682   -1.499  -1.621  1.00 26.82 ? 55   LEU A CG  1 
ATOM   446 C  CD1 . LEU A 1 55  ? 6.064   -2.559  -0.642  1.00 28.54 ? 55   LEU A CD1 1 
ATOM   447 C  CD2 . LEU A 1 55  ? 6.705   -1.448  -2.764  1.00 26.82 ? 55   LEU A CD2 1 
ATOM   448 N  N   . LYS A 1 56  ? 1.845   -2.213  -4.034  1.00 27.68 ? 56   LYS A N   1 
ATOM   449 C  CA  . LYS A 1 56  ? 0.482   -2.714  -4.097  1.00 26.29 ? 56   LYS A CA  1 
ATOM   450 C  C   . LYS A 1 56  ? 0.519   -4.226  -4.027  1.00 33.19 ? 56   LYS A C   1 
ATOM   451 O  O   . LYS A 1 56  ? 1.533   -4.856  -4.354  1.00 32.17 ? 56   LYS A O   1 
ATOM   452 C  CB  . LYS A 1 56  ? -0.263  -2.245  -5.355  1.00 27.23 ? 56   LYS A CB  1 
ATOM   453 C  CG  . LYS A 1 56  ? 0.316   -2.717  -6.683  1.00 33.36 ? 56   LYS A CG  1 
ATOM   454 C  CD  . LYS A 1 56  ? -0.400  -1.995  -7.820  1.00 35.08 ? 56   LYS A CD  1 
ATOM   455 C  CE  . LYS A 1 56  ? 0.172   -2.352  -9.181  1.00 40.10 ? 56   LYS A CE  1 
ATOM   456 N  NZ  . LYS A 1 56  ? -0.529  -1.574  -10.244 1.00 48.29 ? 56   LYS A NZ  1 
ATOM   457 N  N   . VAL A 1 57  ? -0.590  -4.794  -3.555  1.00 25.75 ? 57   VAL A N   1 
ATOM   458 C  CA  . VAL A 1 57  ? -0.734  -6.233  -3.348  1.00 27.01 ? 57   VAL A CA  1 
ATOM   459 C  C   . VAL A 1 57  ? -2.101  -6.644  -3.871  1.00 36.03 ? 57   VAL A C   1 
ATOM   460 O  O   . VAL A 1 57  ? -3.129  -6.177  -3.360  1.00 27.01 ? 57   VAL A O   1 
ATOM   461 C  CB  . VAL A 1 57  ? -0.611  -6.633  -1.866  1.00 30.88 ? 57   VAL A CB  1 
ATOM   462 C  CG1 . VAL A 1 57  ? -1.028  -8.092  -1.686  1.00 27.82 ? 57   VAL A CG1 1 
ATOM   463 C  CG2 . VAL A 1 57  ? 0.809   -6.385  -1.342  1.00 29.95 ? 57   VAL A CG2 1 
ATOM   464 N  N   . ASP A 1 58  ? -2.116  -7.494  -4.901  1.00 32.83 ? 58   ASP A N   1 
ATOM   465 C  CA  . ASP A 1 58  ? -3.344  -8.128  -5.360  1.00 34.35 ? 58   ASP A CA  1 
ATOM   466 C  C   . ASP A 1 58  ? -3.696  -9.221  -4.369  1.00 29.01 ? 58   ASP A C   1 
ATOM   467 O  O   . ASP A 1 58  ? -2.990  -10.231 -4.278  1.00 32.76 ? 58   ASP A O   1 
ATOM   468 C  CB  . ASP A 1 58  ? -3.154  -8.702  -6.764  1.00 36.31 ? 58   ASP A CB  1 
ATOM   469 C  CG  . ASP A 1 58  ? -4.461  -9.199  -7.392  1.00 41.28 ? 58   ASP A CG  1 
ATOM   470 O  OD1 . ASP A 1 58  ? -5.407  -9.557  -6.660  1.00 36.73 ? 58   ASP A OD1 1 
ATOM   471 O  OD2 . ASP A 1 58  ? -4.530  -9.260  -8.635  1.00 40.20 ? 58   ASP A OD2 1 
ATOM   472 N  N   . VAL A 1 59  ? -4.779  -9.024  -3.612  1.00 30.07 ? 59   VAL A N   1 
ATOM   473 C  CA  . VAL A 1 59  ? -5.092  -9.964  -2.537  1.00 33.58 ? 59   VAL A CA  1 
ATOM   474 C  C   . VAL A 1 59  ? -5.326  -11.359 -3.102  1.00 36.26 ? 59   VAL A C   1 
ATOM   475 O  O   . VAL A 1 59  ? -5.057  -12.365 -2.436  1.00 35.54 ? 59   VAL A O   1 
ATOM   476 C  CB  . VAL A 1 59  ? -6.301  -9.462  -1.720  1.00 36.29 ? 59   VAL A CB  1 
ATOM   477 C  CG1 . VAL A 1 59  ? -5.933  -8.143  -1.007  1.00 32.31 ? 59   VAL A CG1 1 
ATOM   478 C  CG2 . VAL A 1 59  ? -7.513  -9.278  -2.602  1.00 29.48 ? 59   VAL A CG2 1 
ATOM   479 N  N   . ASP A 1 60  ? -5.767  -11.440 -4.354  1.00 40.85 ? 60   ASP A N   1 
ATOM   480 C  CA  . ASP A 1 60  ? -6.038  -12.722 -4.984  1.00 44.72 ? 60   ASP A CA  1 
ATOM   481 C  C   . ASP A 1 60  ? -4.789  -13.391 -5.551  1.00 47.93 ? 60   ASP A C   1 
ATOM   482 O  O   . ASP A 1 60  ? -4.822  -14.600 -5.793  1.00 60.90 ? 60   ASP A O   1 
ATOM   483 C  CB  . ASP A 1 60  ? -7.091  -12.539 -6.083  1.00 50.00 ? 60   ASP A CB  1 
ATOM   484 C  CG  . ASP A 1 60  ? -8.357  -11.842 -5.567  1.00 58.73 ? 60   ASP A CG  1 
ATOM   485 O  OD1 . ASP A 1 60  ? -8.490  -11.707 -4.335  1.00 60.15 ? 60   ASP A OD1 1 
ATOM   486 O  OD2 . ASP A 1 60  ? -9.242  -11.462 -6.371  1.00 53.62 ? 60   ASP A OD2 1 
ATOM   487 N  N   . GLU A 1 61  ? -3.696  -12.651 -5.779  1.00 39.51 ? 61   GLU A N   1 
ATOM   488 C  CA  . GLU A 1 61  ? -2.428  -13.295 -6.112  1.00 42.94 ? 61   GLU A CA  1 
ATOM   489 C  C   . GLU A 1 61  ? -1.509  -13.478 -4.911  1.00 42.97 ? 61   GLU A C   1 
ATOM   490 O  O   . GLU A 1 61  ? -0.646  -14.362 -4.938  1.00 46.31 ? 61   GLU A O   1 
ATOM   491 C  CB  . GLU A 1 61  ? -1.679  -12.518 -7.208  1.00 41.15 ? 61   GLU A CB  1 
ATOM   492 C  CG  . GLU A 1 61  ? -2.551  -12.006 -8.356  1.00 62.57 ? 61   GLU A CG  1 
ATOM   493 C  CD  . GLU A 1 61  ? -1.784  -11.100 -9.340  1.00 76.85 ? 61   GLU A CD  1 
ATOM   494 O  OE1 . GLU A 1 61  ? -1.223  -10.075 -8.894  1.00 74.01 ? 61   GLU A OE1 1 
ATOM   495 O  OE2 . GLU A 1 61  ? -1.768  -11.409 -10.555 1.00 70.89 ? 61   GLU A OE2 1 
ATOM   496 N  N   . CYS A 1 62  ? -1.666  -12.686 -3.855  1.00 39.02 ? 62   CYS A N   1 
ATOM   497 C  CA  . CYS A 1 62  ? -0.839  -12.831 -2.665  1.00 35.67 ? 62   CYS A CA  1 
ATOM   498 C  C   . CYS A 1 62  ? -1.722  -13.061 -1.437  1.00 37.48 ? 62   CYS A C   1 
ATOM   499 O  O   . CYS A 1 62  ? -1.689  -12.296 -0.476  1.00 37.25 ? 62   CYS A O   1 
ATOM   500 C  CB  . CYS A 1 62  ? 0.066   -11.612 -2.493  1.00 44.70 ? 62   CYS A CB  1 
ATOM   501 S  SG  . CYS A 1 62  ? 1.130   -11.276 -3.936  1.00 38.45 ? 62   CYS A SG  1 
ATOM   502 N  N   . GLU A 1 63  ? -2.486  -14.162 -1.461  1.00 47.62 ? 63   GLU A N   1 
ATOM   503 C  CA  . GLU A 1 63  ? -3.464  -14.445 -0.405  1.00 38.43 ? 63   GLU A CA  1 
ATOM   504 C  C   . GLU A 1 63  ? -2.857  -14.435 0.989   1.00 37.12 ? 63   GLU A C   1 
ATOM   505 O  O   . GLU A 1 63  ? -3.465  -13.905 1.931   1.00 33.10 ? 63   GLU A O   1 
ATOM   506 C  CB  . GLU A 1 63  ? -4.138  -15.795 -0.646  1.00 41.72 ? 63   GLU A CB  1 
ATOM   507 C  CG  . GLU A 1 63  ? -5.243  -15.762 -1.658  1.00 43.90 ? 63   GLU A CG  1 
ATOM   508 C  CD  . GLU A 1 63  ? -4.758  -16.059 -3.057  1.00 55.97 ? 63   GLU A CD  1 
ATOM   509 O  OE1 . GLU A 1 63  ? -3.559  -15.834 -3.339  1.00 51.04 ? 63   GLU A OE1 1 
ATOM   510 O  OE2 . GLU A 1 63  ? -5.577  -16.534 -3.874  1.00 56.63 ? 63   GLU A OE2 1 
ATOM   511 N  N   . ASP A 1 64  ? -1.673  -15.036 1.155   1.00 34.95 ? 64   ASP A N   1 
ATOM   512 C  CA  . ASP A 1 64  ? -1.108  -15.121 2.495   1.00 39.75 ? 64   ASP A CA  1 
ATOM   513 C  C   . ASP A 1 64  ? -0.672  -13.761 3.023   1.00 34.42 ? 64   ASP A C   1 
ATOM   514 O  O   . ASP A 1 64  ? -0.758  -13.526 4.233   1.00 34.91 ? 64   ASP A O   1 
ATOM   515 C  CB  . ASP A 1 64  ? 0.057   -16.109 2.543   1.00 42.76 ? 64   ASP A CB  1 
ATOM   516 C  CG  . ASP A 1 64  ? -0.408  -17.555 2.450   1.00 55.87 ? 64   ASP A CG  1 
ATOM   517 O  OD1 . ASP A 1 64  ? -1.641  -17.792 2.397   1.00 46.61 ? 64   ASP A OD1 1 
ATOM   518 O  OD2 . ASP A 1 64  ? 0.457   -18.458 2.484   1.00 72.55 ? 64   ASP A OD2 1 
ATOM   519 N  N   . ILE A 1 65  ? -0.246  -12.844 2.152   1.00 37.94 ? 65   ILE A N   1 
ATOM   520 C  CA  . ILE A 1 65  ? 0.065   -11.498 2.630   1.00 35.54 ? 65   ILE A CA  1 
ATOM   521 C  C   . ILE A 1 65  ? -1.204  -10.815 3.127   1.00 34.28 ? 65   ILE A C   1 
ATOM   522 O  O   . ILE A 1 65  ? -1.207  -10.170 4.181   1.00 30.89 ? 65   ILE A O   1 
ATOM   523 C  CB  . ILE A 1 65  ? 0.755   -10.665 1.534   1.00 37.00 ? 65   ILE A CB  1 
ATOM   524 C  CG1 . ILE A 1 65  ? 2.068   -11.308 1.077   1.00 39.61 ? 65   ILE A CG1 1 
ATOM   525 C  CG2 . ILE A 1 65  ? 1.049   -9.249  2.040   1.00 34.62 ? 65   ILE A CG2 1 
ATOM   526 C  CD1 . ILE A 1 65  ? 2.661   -10.613 -0.178  1.00 32.69 ? 65   ILE A CD1 1 
ATOM   527 N  N   . ALA A 1 66  ? -2.305  -10.963 2.388   1.00 33.43 ? 66   ALA A N   1 
ATOM   528 C  CA  . ALA A 1 66  ? -3.567  -10.349 2.798   1.00 34.54 ? 66   ALA A CA  1 
ATOM   529 C  C   . ALA A 1 66  ? -4.043  -10.920 4.124   1.00 30.61 ? 66   ALA A C   1 
ATOM   530 O  O   . ALA A 1 66  ? -4.542  -10.182 4.984   1.00 30.29 ? 66   ALA A O   1 
ATOM   531 C  CB  . ALA A 1 66  ? -4.631  -10.545 1.716   1.00 32.97 ? 66   ALA A CB  1 
ATOM   532 N  N   . GLN A 1 67  ? -3.867  -12.230 4.321   1.00 36.81 ? 67   GLN A N   1 
ATOM   533 C  CA  . GLN A 1 67  ? -4.341  -12.849 5.552   1.00 35.30 ? 67   GLN A CA  1 
ATOM   534 C  C   . GLN A 1 67  ? -3.446  -12.491 6.734   1.00 33.90 ? 67   GLN A C   1 
ATOM   535 O  O   . GLN A 1 67  ? -3.946  -12.249 7.840   1.00 37.88 ? 67   GLN A O   1 
ATOM   536 C  CB  . GLN A 1 67  ? -4.443  -14.370 5.382   1.00 38.08 ? 67   GLN A CB  1 
ATOM   537 C  CG  . GLN A 1 67  ? -5.117  -15.056 6.579   1.00 38.03 ? 67   GLN A CG  1 
ATOM   538 C  CD  . GLN A 1 67  ? -5.478  -16.513 6.314   1.00 61.09 ? 67   GLN A CD  1 
ATOM   539 O  OE1 . GLN A 1 67  ? -4.808  -17.208 5.546   1.00 53.47 ? 67   GLN A OE1 1 
ATOM   540 N  NE2 . GLN A 1 67  ? -6.544  -16.982 6.960   1.00 56.14 ? 67   GLN A NE2 1 
ATOM   541 N  N   . ASP A 1 68  ? -2.124  -12.444 6.524   1.00 34.80 ? 68   ASP A N   1 
ATOM   542 C  CA  . ASP A 1 68  ? -1.214  -12.037 7.599   1.00 29.80 ? 68   ASP A CA  1 
ATOM   543 C  C   . ASP A 1 68  ? -1.514  -10.635 8.109   1.00 36.17 ? 68   ASP A C   1 
ATOM   544 O  O   . ASP A 1 68  ? -1.320  -10.354 9.298   1.00 35.63 ? 68   ASP A O   1 
ATOM   545 C  CB  . ASP A 1 68  ? 0.235   -12.130 7.125   1.00 38.89 ? 68   ASP A CB  1 
ATOM   546 C  CG  . ASP A 1 68  ? 0.804   -13.514 7.305   1.00 50.62 ? 68   ASP A CG  1 
ATOM   547 O  OD1 . ASP A 1 68  ? 0.006   -14.426 7.616   1.00 46.95 ? 68   ASP A OD1 1 
ATOM   548 O  OD2 . ASP A 1 68  ? 2.028   -13.701 7.133   1.00 54.87 ? 68   ASP A OD2 1 
ATOM   549 N  N   . ASN A 1 69  ? -2.000  -9.751  7.240   1.00 35.34 ? 69   ASN A N   1 
ATOM   550 C  CA  . ASN A 1 69  ? -2.311  -8.376  7.612   1.00 40.27 ? 69   ASN A CA  1 
ATOM   551 C  C   . ASN A 1 69  ? -3.786  -8.162  7.898   1.00 34.32 ? 69   ASN A C   1 
ATOM   552 O  O   . ASN A 1 69  ? -4.220  -7.009  8.029   1.00 34.21 ? 69   ASN A O   1 
ATOM   553 C  CB  . ASN A 1 69  ? -1.824  -7.425  6.519   1.00 33.00 ? 69   ASN A CB  1 
ATOM   554 C  CG  . ASN A 1 69  ? -0.338  -7.386  6.455   1.00 37.23 ? 69   ASN A CG  1 
ATOM   555 O  OD1 . ASN A 1 69  ? 0.292   -6.646  7.205   1.00 40.85 ? 69   ASN A OD1 1 
ATOM   556 N  ND2 . ASN A 1 69  ? 0.250   -8.244  5.616   1.00 28.19 ? 69   ASN A ND2 1 
ATOM   557 N  N   A GLN A 1 70  ? -4.557  -9.245  8.016   0.56 37.25 ? 70   GLN A N   1 
ATOM   558 N  N   B GLN A 1 70  ? -4.567  -9.238  7.963   0.44 37.28 ? 70   GLN A N   1 
ATOM   559 C  CA  A GLN A 1 70  ? -5.972  -9.212  8.399   0.56 40.26 ? 70   GLN A CA  1 
ATOM   560 C  CA  B GLN A 1 70  ? -5.955  -9.181  8.416   0.44 40.26 ? 70   GLN A CA  1 
ATOM   561 C  C   A GLN A 1 70  ? -6.746  -8.142  7.627   0.56 37.22 ? 70   GLN A C   1 
ATOM   562 C  C   B GLN A 1 70  ? -6.763  -8.153  7.626   0.44 37.23 ? 70   GLN A C   1 
ATOM   563 O  O   A GLN A 1 70  ? -7.509  -7.351  8.190   0.56 33.00 ? 70   GLN A O   1 
ATOM   564 O  O   B GLN A 1 70  ? -7.565  -7.395  8.177   0.44 33.07 ? 70   GLN A O   1 
ATOM   565 C  CB  A GLN A 1 70  ? -6.126  -9.032  9.914   0.56 43.45 ? 70   GLN A CB  1 
ATOM   566 C  CB  B GLN A 1 70  ? -6.006  -8.902  9.918   0.44 43.13 ? 70   GLN A CB  1 
ATOM   567 C  CG  A GLN A 1 70  ? -6.116  -10.355 10.704  0.56 52.90 ? 70   GLN A CG  1 
ATOM   568 C  CG  B GLN A 1 70  ? -5.405  -10.034 10.739  0.44 47.60 ? 70   GLN A CG  1 
ATOM   569 C  CD  A GLN A 1 70  ? -7.277  -11.281 10.339  0.56 52.95 ? 70   GLN A CD  1 
ATOM   570 C  CD  B GLN A 1 70  ? -4.750  -9.549  12.004  0.44 51.62 ? 70   GLN A CD  1 
ATOM   571 O  OE1 A GLN A 1 70  ? -7.144  -12.165 9.489   0.56 46.06 ? 70   GLN A OE1 1 
ATOM   572 O  OE1 B GLN A 1 70  ? -5.363  -9.552  13.068  0.44 49.24 ? 70   GLN A OE1 1 
ATOM   573 N  NE2 A GLN A 1 70  ? -8.421  -11.081 10.990  0.56 52.34 ? 70   GLN A NE2 1 
ATOM   574 N  NE2 B GLN A 1 70  ? -3.492  -9.138  11.902  0.44 53.64 ? 70   GLN A NE2 1 
ATOM   575 N  N   . ILE A 1 71  ? -6.538  -8.129  6.311   1.00 30.27 ? 71   ILE A N   1 
ATOM   576 C  CA  . ILE A 1 71  ? -7.280  -7.227  5.443   1.00 28.99 ? 71   ILE A CA  1 
ATOM   577 C  C   . ILE A 1 71  ? -8.758  -7.592  5.468   1.00 40.46 ? 71   ILE A C   1 
ATOM   578 O  O   . ILE A 1 71  ? -9.125  -8.766  5.345   1.00 34.14 ? 71   ILE A O   1 
ATOM   579 C  CB  . ILE A 1 71  ? -6.710  -7.299  4.018   1.00 30.60 ? 71   ILE A CB  1 
ATOM   580 C  CG1 . ILE A 1 71  ? -5.214  -6.942  4.026   1.00 27.97 ? 71   ILE A CG1 1 
ATOM   581 C  CG2 . ILE A 1 71  ? -7.482  -6.397  3.082   1.00 29.78 ? 71   ILE A CG2 1 
ATOM   582 C  CD1 . ILE A 1 71  ? -4.933  -5.569  4.629   1.00 18.26 ? 71   ILE A CD1 1 
ATOM   583 N  N   . ALA A 1 72  ? -9.616  -6.578  5.593   1.00 31.08 ? 72   ALA A N   1 
ATOM   584 C  CA  . ALA A 1 72  ? -11.063 -6.769  5.631   1.00 35.97 ? 72   ALA A CA  1 
ATOM   585 C  C   . ALA A 1 72  ? -11.852 -5.819  4.736   1.00 36.85 ? 72   ALA A C   1 
ATOM   586 O  O   . ALA A 1 72  ? -13.024 -6.100  4.468   1.00 49.09 ? 72   ALA A O   1 
ATOM   587 C  CB  . ALA A 1 72  ? -11.590 -6.632  7.073   1.00 38.31 ? 72   ALA A CB  1 
ATOM   588 N  N   . SER A 1 73  ? -11.276 -4.710  4.278   1.00 33.12 ? 73   SER A N   1 
ATOM   589 C  CA  . SER A 1 73  ? -11.956 -3.827  3.342   1.00 29.75 ? 73   SER A CA  1 
ATOM   590 C  C   . SER A 1 73  ? -11.143 -3.738  2.063   1.00 33.50 ? 73   SER A C   1 
ATOM   591 O  O   . SER A 1 73  ? -9.913  -3.877  2.078   1.00 28.56 ? 73   SER A O   1 
ATOM   592 C  CB  . SER A 1 73  ? -12.162 -2.412  3.904   1.00 38.95 ? 73   SER A CB  1 
ATOM   593 O  OG  . SER A 1 73  ? -12.480 -2.422  5.284   1.00 49.07 ? 73   SER A OG  1 
ATOM   594 N  N   A MET A 1 74  ? -11.844 -3.501  0.961   0.38 26.71 ? 74   MET A N   1 
ATOM   595 N  N   B MET A 1 74  ? -11.843 -3.521  0.954   0.62 28.93 ? 74   MET A N   1 
ATOM   596 C  CA  A MET A 1 74  ? -11.210 -3.343  -0.341  0.38 29.94 ? 74   MET A CA  1 
ATOM   597 C  CA  B MET A 1 74  ? -11.197 -3.342  -0.342  0.62 30.79 ? 74   MET A CA  1 
ATOM   598 C  C   A MET A 1 74  ? -11.509 -1.966  -0.930  0.38 29.56 ? 74   MET A C   1 
ATOM   599 C  C   B MET A 1 74  ? -11.508 -1.961  -0.904  0.62 29.49 ? 74   MET A C   1 
ATOM   600 O  O   A MET A 1 74  ? -12.666 -1.652  -1.210  0.38 28.40 ? 74   MET A O   1 
ATOM   601 O  O   B MET A 1 74  ? -12.675 -1.636  -1.122  0.62 25.61 ? 74   MET A O   1 
ATOM   602 C  CB  A MET A 1 74  ? -11.678 -4.442  -1.299  0.38 32.20 ? 74   MET A CB  1 
ATOM   603 C  CB  B MET A 1 74  ? -11.645 -4.418  -1.334  0.62 32.19 ? 74   MET A CB  1 
ATOM   604 C  CG  A MET A 1 74  ? -11.131 -5.832  -0.989  0.38 28.86 ? 74   MET A CG  1 
ATOM   605 C  CG  B MET A 1 74  ? -10.655 -4.658  -2.482  0.62 27.77 ? 74   MET A CG  1 
ATOM   606 S  SD  A MET A 1 74  ? -9.497  -6.142  -1.699  0.38 36.56 ? 74   MET A SD  1 
ATOM   607 S  SD  B MET A 1 74  ? -9.090  -5.257  -1.853  0.62 45.34 ? 74   MET A SD  1 
ATOM   608 C  CE  A MET A 1 74  ? -8.420  -5.538  -0.404  0.38 21.61 ? 74   MET A CE  1 
ATOM   609 C  CE  B MET A 1 74  ? -9.608  -6.508  -0.679  0.62 30.00 ? 74   MET A CE  1 
ATOM   610 N  N   . PRO A 1 75  ? -10.466 -1.133  -1.108  1.00 28.84 ? 75   PRO A N   1 
ATOM   611 C  CA  . PRO A 1 75  ? -9.056  -1.413  -0.761  1.00 28.42 ? 75   PRO A CA  1 
ATOM   612 C  C   . PRO A 1 75  ? -8.700  -1.133  0.706   1.00 28.64 ? 75   PRO A C   1 
ATOM   613 O  O   . PRO A 1 75  ? -9.492  -0.548  1.443   1.00 24.26 ? 75   PRO A O   1 
ATOM   614 C  CB  . PRO A 1 75  ? -8.273  -0.459  -1.688  1.00 24.99 ? 75   PRO A CB  1 
ATOM   615 C  CG  . PRO A 1 75  ? -9.169  0.724   -1.840  1.00 26.93 ? 75   PRO A CG  1 
ATOM   616 C  CD  . PRO A 1 75  ? -10.619 0.183   -1.765  1.00 23.17 ? 75   PRO A CD  1 
ATOM   617 N  N   . THR A 1 76  ? -7.511  -1.563  1.130   1.00 23.62 ? 76   THR A N   1 
ATOM   618 C  CA  . THR A 1 76  ? -6.933  -1.151  2.403   1.00 26.89 ? 76   THR A CA  1 
ATOM   619 C  C   . THR A 1 76  ? -5.540  -0.629  2.113   1.00 26.21 ? 76   THR A C   1 
ATOM   620 O  O   . THR A 1 76  ? -4.784  -1.269  1.376   1.00 25.87 ? 76   THR A O   1 
ATOM   621 C  CB  . THR A 1 76  ? -6.848  -2.296  3.428   1.00 25.04 ? 76   THR A CB  1 
ATOM   622 O  OG1 . THR A 1 76  ? -8.159  -2.789  3.721   1.00 31.35 ? 76   THR A OG1 1 
ATOM   623 C  CG2 . THR A 1 76  ? -6.214  -1.812  4.733   1.00 19.30 ? 76   THR A CG2 1 
ATOM   624 N  N   . PHE A 1 77  ? -5.211  0.535   2.659   1.00 24.42 ? 77   PHE A N   1 
ATOM   625 C  CA  . PHE A 1 77  ? -3.855  1.073   2.560   1.00 21.99 ? 77   PHE A CA  1 
ATOM   626 C  C   . PHE A 1 77  ? -3.193  0.909   3.911   1.00 24.41 ? 77   PHE A C   1 
ATOM   627 O  O   . PHE A 1 77  ? -3.718  1.382   4.924   1.00 25.29 ? 77   PHE A O   1 
ATOM   628 C  CB  . PHE A 1 77  ? -3.862  2.533   2.120   1.00 22.64 ? 77   PHE A CB  1 
ATOM   629 C  CG  . PHE A 1 77  ? -4.416  2.729   0.750   1.00 21.50 ? 77   PHE A CG  1 
ATOM   630 C  CD1 . PHE A 1 77  ? -3.584  2.687   -0.362  1.00 22.61 ? 77   PHE A CD1 1 
ATOM   631 C  CD2 . PHE A 1 77  ? -5.772  2.960   0.562   1.00 28.18 ? 77   PHE A CD2 1 
ATOM   632 C  CE1 . PHE A 1 77  ? -4.094  2.875   -1.635  1.00 26.06 ? 77   PHE A CE1 1 
ATOM   633 C  CE2 . PHE A 1 77  ? -6.292  3.134   -0.707  1.00 26.00 ? 77   PHE A CE2 1 
ATOM   634 C  CZ  . PHE A 1 77  ? -5.452  3.088   -1.814  1.00 27.22 ? 77   PHE A CZ  1 
ATOM   635 N  N   . LEU A 1 78  ? -2.078  0.196   3.931   1.00 19.93 ? 78   LEU A N   1 
ATOM   636 C  CA  . LEU A 1 78  ? -1.299  0.008   5.143   1.00 23.56 ? 78   LEU A CA  1 
ATOM   637 C  C   . LEU A 1 78  ? -0.117  0.967   5.102   1.00 21.90 ? 78   LEU A C   1 
ATOM   638 O  O   . LEU A 1 78  ? 0.452   1.214   4.033   1.00 23.86 ? 78   LEU A O   1 
ATOM   639 C  CB  . LEU A 1 78  ? -0.834  -1.447  5.237   1.00 27.93 ? 78   LEU A CB  1 
ATOM   640 C  CG  . LEU A 1 78  ? 0.055   -1.892  6.396   1.00 35.87 ? 78   LEU A CG  1 
ATOM   641 C  CD1 . LEU A 1 78  ? -0.728  -1.887  7.696   1.00 40.04 ? 78   LEU A CD1 1 
ATOM   642 C  CD2 . LEU A 1 78  ? 0.637   -3.276  6.097   1.00 36.35 ? 78   LEU A CD2 1 
ATOM   643 N  N   . PHE A 1 79  ? 0.212   1.544   6.260   1.00 23.13 ? 79   PHE A N   1 
ATOM   644 C  CA  . PHE A 1 79  ? 1.290   2.518   6.394   1.00 23.71 ? 79   PHE A CA  1 
ATOM   645 C  C   . PHE A 1 79  ? 2.352   1.916   7.308   1.00 23.75 ? 79   PHE A C   1 
ATOM   646 O  O   . PHE A 1 79  ? 2.123   1.755   8.511   1.00 24.57 ? 79   PHE A O   1 
ATOM   647 C  CB  . PHE A 1 79  ? 0.773   3.849   6.948   1.00 20.63 ? 79   PHE A CB  1 
ATOM   648 C  CG  . PHE A 1 79  ? -0.233  4.526   6.069   1.00 24.59 ? 79   PHE A CG  1 
ATOM   649 C  CD1 . PHE A 1 79  ? -1.563  4.121   6.080   1.00 21.40 ? 79   PHE A CD1 1 
ATOM   650 C  CD2 . PHE A 1 79  ? 0.147   5.583   5.236   1.00 20.61 ? 79   PHE A CD2 1 
ATOM   651 C  CE1 . PHE A 1 79  ? -2.499  4.736   5.255   1.00 27.73 ? 79   PHE A CE1 1 
ATOM   652 C  CE2 . PHE A 1 79  ? -0.778  6.219   4.415   1.00 21.52 ? 79   PHE A CE2 1 
ATOM   653 C  CZ  . PHE A 1 79  ? -2.106  5.792   4.421   1.00 27.97 ? 79   PHE A CZ  1 
ATOM   654 N  N   A MET A 1 80  ? 3.506   1.580   6.742   0.57 24.04 ? 80   MET A N   1 
ATOM   655 N  N   B MET A 1 80  ? 3.502   1.573   6.732   0.43 24.58 ? 80   MET A N   1 
ATOM   656 C  CA  A MET A 1 80  ? 4.592   0.985   7.502   0.57 27.42 ? 80   MET A CA  1 
ATOM   657 C  CA  B MET A 1 80  ? 4.610   0.966   7.458   0.43 26.43 ? 80   MET A CA  1 
ATOM   658 C  C   A MET A 1 80  ? 5.829   1.866   7.429   0.57 25.03 ? 80   MET A C   1 
ATOM   659 C  C   B MET A 1 80  ? 5.817   1.896   7.437   0.43 24.31 ? 80   MET A C   1 
ATOM   660 O  O   A MET A 1 80  ? 6.067   2.540   6.425   0.57 25.74 ? 80   MET A O   1 
ATOM   661 O  O   B MET A 1 80  ? 6.019   2.646   6.480   0.43 25.57 ? 80   MET A O   1 
ATOM   662 C  CB  A MET A 1 80  ? 4.940   -0.403  6.977   0.57 26.92 ? 80   MET A CB  1 
ATOM   663 C  CB  B MET A 1 80  ? 5.002   -0.386  6.841   0.43 26.90 ? 80   MET A CB  1 
ATOM   664 C  CG  A MET A 1 80  ? 3.765   -1.347  6.901   0.57 29.63 ? 80   MET A CG  1 
ATOM   665 C  CG  B MET A 1 80  ? 3.866   -1.394  6.735   0.43 29.77 ? 80   MET A CG  1 
ATOM   666 S  SD  A MET A 1 80  ? 4.366   -2.999  6.568   0.57 29.43 ? 80   MET A SD  1 
ATOM   667 S  SD  B MET A 1 80  ? 3.532   -2.250  8.278   0.43 28.54 ? 80   MET A SD  1 
ATOM   668 C  CE  A MET A 1 80  ? 5.451   -3.240  7.977   0.57 30.06 ? 80   MET A CE  1 
ATOM   669 C  CE  B MET A 1 80  ? 5.153   -2.901  8.663   0.43 28.03 ? 80   MET A CE  1 
ATOM   670 N  N   . LYS A 1 81  ? 6.631   1.831   8.493   1.00 27.44 ? 81   LYS A N   1 
ATOM   671 C  CA  . LYS A 1 81  ? 7.865   2.613   8.556   1.00 28.60 ? 81   LYS A CA  1 
ATOM   672 C  C   . LYS A 1 81  ? 8.809   1.969   9.560   1.00 30.81 ? 81   LYS A C   1 
ATOM   673 O  O   . LYS A 1 81  ? 8.403   1.695   10.690  1.00 23.09 ? 81   LYS A O   1 
ATOM   674 C  CB  . LYS A 1 81  ? 7.578   4.053   8.959   1.00 26.16 ? 81   LYS A CB  1 
ATOM   675 C  CG  . LYS A 1 81  ? 8.535   5.072   8.355   1.00 25.43 ? 81   LYS A CG  1 
ATOM   676 C  CD  . LYS A 1 81  ? 8.211   6.491   8.858   1.00 32.39 ? 81   LYS A CD  1 
ATOM   677 C  CE  . LYS A 1 81  ? 9.135   7.527   8.238   1.00 33.32 ? 81   LYS A CE  1 
ATOM   678 N  NZ  . LYS A 1 81  ? 10.449  7.489   8.921   1.00 26.59 ? 81   LYS A NZ  1 
ATOM   679 N  N   . ASN A 1 82  ? 10.060  1.751   9.153   1.00 26.05 ? 82   ASN A N   1 
ATOM   680 C  CA  . ASN A 1 82  ? 11.082  1.121   9.999   1.00 30.20 ? 82   ASN A CA  1 
ATOM   681 C  C   . ASN A 1 82  ? 10.540  -0.144  10.656  1.00 32.94 ? 82   ASN A C   1 
ATOM   682 O  O   . ASN A 1 82  ? 10.628  -0.335  11.872  1.00 31.57 ? 82   ASN A O   1 
ATOM   683 C  CB  . ASN A 1 82  ? 11.618  2.110   11.041  1.00 25.58 ? 82   ASN A CB  1 
ATOM   684 C  CG  . ASN A 1 82  ? 12.274  3.329   10.391  1.00 30.72 ? 82   ASN A CG  1 
ATOM   685 O  OD1 . ASN A 1 82  ? 13.069  3.193   9.458   1.00 30.34 ? 82   ASN A OD1 1 
ATOM   686 N  ND2 . ASN A 1 82  ? 11.899  4.516   10.837  1.00 24.16 ? 82   ASN A ND2 1 
ATOM   687 N  N   . GLY A 1 83  ? 9.919   -0.988  9.836   1.00 37.47 ? 83   GLY A N   1 
ATOM   688 C  CA  . GLY A 1 83  ? 9.393   -2.260  10.293  1.00 35.55 ? 83   GLY A CA  1 
ATOM   689 C  C   . GLY A 1 83  ? 8.164   -2.216  11.178  1.00 39.41 ? 83   GLY A C   1 
ATOM   690 O  O   . GLY A 1 83  ? 7.716   -3.276  11.622  1.00 41.50 ? 83   GLY A O   1 
ATOM   691 N  N   . GLN A 1 84  ? 7.590   -1.047  11.453  1.00 32.84 ? 84   GLN A N   1 
ATOM   692 C  CA  . GLN A 1 84  ? 6.399   -0.951  12.285  1.00 30.89 ? 84   GLN A CA  1 
ATOM   693 C  C   . GLN A 1 84  ? 5.184   -0.556  11.446  1.00 44.53 ? 84   GLN A C   1 
ATOM   694 O  O   . GLN A 1 84  ? 5.291   0.256   10.522  1.00 25.44 ? 84   GLN A O   1 
ATOM   695 C  CB  . GLN A 1 84  ? 6.589   0.071   13.407  1.00 33.09 ? 84   GLN A CB  1 
ATOM   696 C  CG  . GLN A 1 84  ? 7.894   -0.065  14.182  1.00 40.40 ? 84   GLN A CG  1 
ATOM   697 C  CD  . GLN A 1 84  ? 8.061   1.051   15.208  1.00 61.12 ? 84   GLN A CD  1 
ATOM   698 O  OE1 . GLN A 1 84  ? 9.173   1.541   15.442  1.00 55.28 ? 84   GLN A OE1 1 
ATOM   699 N  NE2 . GLN A 1 84  ? 6.945   1.457   15.830  1.00 55.24 ? 84   GLN A NE2 1 
ATOM   700 N  N   . LYS A 1 85  ? 4.031   -1.142  11.777  1.00 32.29 ? 85   LYS A N   1 
ATOM   701 C  CA  . LYS A 1 85  ? 2.743   -0.696  11.251  1.00 33.21 ? 85   LYS A CA  1 
ATOM   702 C  C   . LYS A 1 85  ? 2.335   0.584   11.968  1.00 31.78 ? 85   LYS A C   1 
ATOM   703 O  O   . LYS A 1 85  ? 2.228   0.608   13.195  1.00 32.94 ? 85   LYS A O   1 
ATOM   704 C  CB  . LYS A 1 85  ? 1.676   -1.776  11.439  1.00 33.77 ? 85   LYS A CB  1 
ATOM   705 C  CG  . LYS A 1 85  ? 0.256   -1.278  11.103  1.00 46.86 ? 85   LYS A CG  1 
ATOM   706 C  CD  . LYS A 1 85  ? -0.839  -2.269  11.528  1.00 50.19 ? 85   LYS A CD  1 
ATOM   707 C  CE  . LYS A 1 85  ? -2.230  -1.636  11.442  1.00 51.93 ? 85   LYS A CE  1 
ATOM   708 N  NZ  . LYS A 1 85  ? -2.309  -0.309  12.154  1.00 52.26 ? 85   LYS A NZ  1 
ATOM   709 N  N   . LEU A 1 86  ? 2.138   1.659   11.217  1.00 26.53 ? 86   LEU A N   1 
ATOM   710 C  CA  . LEU A 1 86  ? 1.798   2.932   11.831  1.00 28.53 ? 86   LEU A CA  1 
ATOM   711 C  C   . LEU A 1 86  ? 0.341   3.313   11.670  1.00 29.13 ? 86   LEU A C   1 
ATOM   712 O  O   . LEU A 1 86  ? -0.182  4.038   12.510  1.00 28.74 ? 86   LEU A O   1 
ATOM   713 C  CB  . LEU A 1 86  ? 2.663   4.056   11.242  1.00 26.81 ? 86   LEU A CB  1 
ATOM   714 C  CG  . LEU A 1 86  ? 4.180   3.971   11.468  1.00 29.43 ? 86   LEU A CG  1 
ATOM   715 C  CD1 . LEU A 1 86  ? 4.828   5.217   10.896  1.00 31.56 ? 86   LEU A CD1 1 
ATOM   716 C  CD2 . LEU A 1 86  ? 4.499   3.820   12.944  1.00 39.65 ? 86   LEU A CD2 1 
ATOM   717 N  N   . ASP A 1 87  ? -0.314  2.857   10.606  1.00 24.85 ? 87   ASP A N   1 
ATOM   718 C  CA  . ASP A 1 87  ? -1.628  3.365   10.259  1.00 27.28 ? 87   ASP A CA  1 
ATOM   719 C  C   . ASP A 1 87  ? -2.257  2.445   9.233   1.00 28.99 ? 87   ASP A C   1 
ATOM   720 O  O   . ASP A 1 87  ? -1.587  1.627   8.599   1.00 20.34 ? 87   ASP A O   1 
ATOM   721 C  CB  . ASP A 1 87  ? -1.550  4.792   9.699   1.00 28.60 ? 87   ASP A CB  1 
ATOM   722 C  CG  . ASP A 1 87  ? -2.570  5.708   10.313  1.00 39.22 ? 87   ASP A CG  1 
ATOM   723 O  OD1 . ASP A 1 87  ? -3.624  5.212   10.782  1.00 30.69 ? 87   ASP A OD1 1 
ATOM   724 O  OD2 . ASP A 1 87  ? -2.297  6.929   10.344  1.00 35.13 ? 87   ASP A OD2 1 
ATOM   725 N  N   . SER A 1 88  ? -3.555  2.642   9.040   1.00 22.56 ? 88   SER A N   1 
ATOM   726 C  CA  . SER A 1 88  ? -4.322  1.899   8.056   1.00 30.73 ? 88   SER A CA  1 
ATOM   727 C  C   . SER A 1 88  ? -5.403  2.820   7.506   1.00 27.17 ? 88   SER A C   1 
ATOM   728 O  O   . SER A 1 88  ? -5.811  3.779   8.169   1.00 34.19 ? 88   SER A O   1 
ATOM   729 C  CB  . SER A 1 88  ? -4.938  0.635   8.685   1.00 28.42 ? 88   SER A CB  1 
ATOM   730 O  OG  . SER A 1 88  ? -5.759  -0.042  7.753   1.00 45.03 ? 88   SER A OG  1 
ATOM   731 N  N   . LEU A 1 89  ? -5.849  2.544   6.280   1.00 27.55 ? 89   LEU A N   1 
ATOM   732 C  CA  . LEU A 1 89  ? -6.972  3.259   5.679   1.00 21.78 ? 89   LEU A CA  1 
ATOM   733 C  C   . LEU A 1 89  ? -7.846  2.271   4.925   1.00 23.21 ? 89   LEU A C   1 
ATOM   734 O  O   . LEU A 1 89  ? -7.365  1.577   4.027   1.00 24.58 ? 89   LEU A O   1 
ATOM   735 C  CB  . LEU A 1 89  ? -6.505  4.375   4.728   1.00 29.51 ? 89   LEU A CB  1 
ATOM   736 C  CG  . LEU A 1 89  ? -7.616  5.085   3.929   1.00 26.21 ? 89   LEU A CG  1 
ATOM   737 C  CD1 . LEU A 1 89  ? -8.607  5.820   4.844   1.00 25.21 ? 89   LEU A CD1 1 
ATOM   738 C  CD2 . LEU A 1 89  ? -7.016  6.057   2.901   1.00 21.72 ? 89   LEU A CD2 1 
ATOM   739 N  N   . SER A 1 90  ? -9.129  2.206   5.291   1.00 26.45 ? 90   SER A N   1 
ATOM   740 C  CA  . SER A 1 90  ? -10.109 1.415   4.550   1.00 31.05 ? 90   SER A CA  1 
ATOM   741 C  C   . SER A 1 90  ? -10.797 2.283   3.502   1.00 28.85 ? 90   SER A C   1 
ATOM   742 O  O   . SER A 1 90  ? -11.231 3.400   3.802   1.00 34.15 ? 90   SER A O   1 
ATOM   743 C  CB  . SER A 1 90  ? -11.162 0.819   5.491   1.00 26.20 ? 90   SER A CB  1 
ATOM   744 O  OG  . SER A 1 90  ? -10.560 0.157   6.586   1.00 33.88 ? 90   SER A OG  1 
ATOM   745 N  N   . GLY A 1 91  ? -10.901 1.763   2.279   1.00 23.98 ? 91   GLY A N   1 
ATOM   746 C  CA  . GLY A 1 91  ? -11.611 2.448   1.224   1.00 24.25 ? 91   GLY A CA  1 
ATOM   747 C  C   . GLY A 1 91  ? -10.692 3.311   0.386   1.00 34.46 ? 91   GLY A C   1 
ATOM   748 O  O   . GLY A 1 91  ? -9.536  3.577   0.727   1.00 30.00 ? 91   GLY A O   1 
ATOM   749 N  N   . ALA A 1 92  ? -11.237 3.773   -0.732  1.00 32.79 ? 92   ALA A N   1 
ATOM   750 C  CA  . ALA A 1 92  ? -10.456 4.456   -1.766  1.00 31.40 ? 92   ALA A CA  1 
ATOM   751 C  C   . ALA A 1 92  ? -10.619 5.965   -1.695  1.00 34.04 ? 92   ALA A C   1 
ATOM   752 O  O   . ALA A 1 92  ? -10.873 6.607   -2.701  1.00 36.98 ? 92   ALA A O   1 
ATOM   753 C  CB  . ALA A 1 92  ? -10.847 3.931   -3.139  1.00 32.52 ? 92   ALA A CB  1 
ATOM   754 N  N   . ASN A 1 93  ? -10.466 6.554   -0.507  1.00 31.57 ? 93   ASN A N   1 
ATOM   755 C  CA  . ASN A 1 93  ? -10.579 8.001   -0.330  1.00 38.88 ? 93   ASN A CA  1 
ATOM   756 C  C   . ASN A 1 93  ? -9.197  8.593   -0.582  1.00 36.63 ? 93   ASN A C   1 
ATOM   757 O  O   . ASN A 1 93  ? -8.299  8.468   0.248   1.00 27.98 ? 93   ASN A O   1 
ATOM   758 C  CB  . ASN A 1 93  ? -11.101 8.330   1.066   1.00 36.54 ? 93   ASN A CB  1 
ATOM   759 C  CG  . ASN A 1 93  ? -11.369 9.815   1.266   1.00 42.50 ? 93   ASN A CG  1 
ATOM   760 O  OD1 . ASN A 1 93  ? -10.806 10.674  0.583   1.00 41.52 ? 93   ASN A OD1 1 
ATOM   761 N  ND2 . ASN A 1 93  ? -12.267 10.120  2.193   1.00 60.55 ? 93   ASN A ND2 1 
ATOM   762 N  N   . TYR A 1 94  ? -9.026  9.224   -1.747  1.00 34.23 ? 94   TYR A N   1 
ATOM   763 C  CA  . TYR A 1 94  ? -7.710  9.743   -2.120  1.00 31.03 ? 94   TYR A CA  1 
ATOM   764 C  C   . TYR A 1 94  ? -7.308  10.943  -1.276  1.00 31.69 ? 94   TYR A C   1 
ATOM   765 O  O   . TYR A 1 94  ? -6.122  11.107  -0.960  1.00 32.00 ? 94   TYR A O   1 
ATOM   766 C  CB  . TYR A 1 94  ? -7.704  10.109  -3.601  1.00 31.74 ? 94   TYR A CB  1 
ATOM   767 C  CG  . TYR A 1 94  ? -6.402  10.691  -4.111  1.00 32.27 ? 94   TYR A CG  1 
ATOM   768 C  CD1 . TYR A 1 94  ? -5.270  9.900   -4.245  1.00 35.44 ? 94   TYR A CD1 1 
ATOM   769 C  CD2 . TYR A 1 94  ? -6.303  12.034  -4.468  1.00 40.87 ? 94   TYR A CD2 1 
ATOM   770 C  CE1 . TYR A 1 94  ? -4.071  10.434  -4.715  1.00 37.19 ? 94   TYR A CE1 1 
ATOM   771 C  CE2 . TYR A 1 94  ? -5.104  12.576  -4.942  1.00 33.10 ? 94   TYR A CE2 1 
ATOM   772 C  CZ  . TYR A 1 94  ? -4.001  11.768  -5.058  1.00 33.22 ? 94   TYR A CZ  1 
ATOM   773 O  OH  . TYR A 1 94  ? -2.826  12.277  -5.525  1.00 31.94 ? 94   TYR A OH  1 
ATOM   774 N  N   . ASP A 1 95  ? -8.265  11.784  -0.879  1.00 28.74 ? 95   ASP A N   1 
ATOM   775 C  CA  . ASP A 1 95  ? -7.887  12.932  -0.063  1.00 34.71 ? 95   ASP A CA  1 
ATOM   776 C  C   . ASP A 1 95  ? -7.491  12.512  1.343   1.00 35.04 ? 95   ASP A C   1 
ATOM   777 O  O   . ASP A 1 95  ? -6.611  13.137  1.947   1.00 28.25 ? 95   ASP A O   1 
ATOM   778 C  CB  . ASP A 1 95  ? -9.017  13.963  -0.020  1.00 39.05 ? 95   ASP A CB  1 
ATOM   779 C  CG  . ASP A 1 95  ? -9.097  14.786  -1.295  1.00 46.75 ? 95   ASP A CG  1 
ATOM   780 O  OD1 . ASP A 1 95  ? -8.138  15.529  -1.596  1.00 69.45 ? 95   ASP A OD1 1 
ATOM   781 O  OD2 . ASP A 1 95  ? -10.102 14.673  -2.018  1.00 60.89 ? 95   ASP A OD2 1 
ATOM   782 N  N   . LYS A 1 96  ? -8.119  11.464  1.882   1.00 25.10 ? 96   LYS A N   1 
ATOM   783 C  CA  . LYS A 1 96  ? -7.704  10.971  3.193   1.00 28.50 ? 96   LYS A CA  1 
ATOM   784 C  C   . LYS A 1 96  ? -6.349  10.278  3.099   1.00 26.87 ? 96   LYS A C   1 
ATOM   785 O  O   . LYS A 1 96  ? -5.515  10.390  4.009   1.00 25.71 ? 96   LYS A O   1 
ATOM   786 C  CB  . LYS A 1 96  ? -8.756  10.015  3.753   1.00 36.23 ? 96   LYS A CB  1 
ATOM   787 C  CG  . LYS A 1 96  ? -8.511  9.605   5.197   1.00 34.94 ? 96   LYS A CG  1 
ATOM   788 C  CD  . LYS A 1 96  ? -8.481  10.815  6.106   1.00 46.00 ? 96   LYS A CD  1 
ATOM   789 C  CE  . LYS A 1 96  ? -8.417  10.412  7.574   1.00 41.29 ? 96   LYS A CE  1 
ATOM   790 N  NZ  . LYS A 1 96  ? -8.561  11.597  8.467   1.00 41.91 ? 96   LYS A NZ  1 
ATOM   791 N  N   . LEU A 1 97  ? -6.121  9.554   2.004   1.00 23.29 ? 97   LEU A N   1 
ATOM   792 C  CA  . LEU A 1 97  ? -4.808  8.972   1.751   1.00 31.68 ? 97   LEU A CA  1 
ATOM   793 C  C   . LEU A 1 97  ? -3.719  10.034  1.767   1.00 28.52 ? 97   LEU A C   1 
ATOM   794 O  O   . LEU A 1 97  ? -2.679  9.867   2.419   1.00 19.75 ? 97   LEU A O   1 
ATOM   795 C  CB  . LEU A 1 97  ? -4.816  8.242   0.414   1.00 26.30 ? 97   LEU A CB  1 
ATOM   796 C  CG  . LEU A 1 97  ? -3.478  7.670   -0.059  1.00 25.73 ? 97   LEU A CG  1 
ATOM   797 C  CD1 . LEU A 1 97  ? -2.985  6.624   0.899   1.00 27.83 ? 97   LEU A CD1 1 
ATOM   798 C  CD2 . LEU A 1 97  ? -3.622  7.087   -1.453  1.00 34.58 ? 97   LEU A CD2 1 
ATOM   799 N  N   . LEU A 1 98  ? -3.932  11.139  1.045   1.00 22.13 ? 98   LEU A N   1 
ATOM   800 C  CA  . LEU A 1 98  ? -2.928  12.192  1.039   1.00 19.44 ? 98   LEU A CA  1 
ATOM   801 C  C   . LEU A 1 98  ? -2.683  12.719  2.449   1.00 24.08 ? 98   LEU A C   1 
ATOM   802 O  O   . LEU A 1 98  ? -1.539  13.010  2.825   1.00 22.23 ? 98   LEU A O   1 
ATOM   803 C  CB  . LEU A 1 98  ? -3.366  13.328  0.104   1.00 31.89 ? 98   LEU A CB  1 
ATOM   804 C  CG  . LEU A 1 98  ? -3.242  13.083  -1.395  1.00 31.04 ? 98   LEU A CG  1 
ATOM   805 C  CD1 . LEU A 1 98  ? -3.876  14.210  -2.192  1.00 41.18 ? 98   LEU A CD1 1 
ATOM   806 C  CD2 . LEU A 1 98  ? -1.782  12.928  -1.811  1.00 26.73 ? 98   LEU A CD2 1 
ATOM   807 N  N   . GLU A 1 99  ? -3.749  12.861  3.243   1.00 20.81 ? 99   GLU A N   1 
ATOM   808 C  CA  . GLU A 1 99  ? -3.594  13.363  4.607   1.00 27.56 ? 99   GLU A CA  1 
ATOM   809 C  C   . GLU A 1 99  ? -2.833  12.369  5.472   1.00 30.19 ? 99   GLU A C   1 
ATOM   810 O  O   . GLU A 1 99  ? -2.013  12.766  6.314   1.00 27.31 ? 99   GLU A O   1 
ATOM   811 C  CB  . GLU A 1 99  ? -4.963  13.668  5.231   1.00 27.99 ? 99   GLU A CB  1 
ATOM   812 C  CG  . GLU A 1 99  ? -5.606  14.963  4.716   1.00 40.37 ? 99   GLU A CG  1 
ATOM   813 C  CD  . GLU A 1 99  ? -7.047  15.146  5.191   1.00 57.58 ? 99   GLU A CD  1 
ATOM   814 O  OE1 . GLU A 1 99  ? -7.411  14.546  6.228   1.00 50.55 ? 99   GLU A OE1 1 
ATOM   815 O  OE2 . GLU A 1 99  ? -7.815  15.889  4.526   1.00 52.57 ? 99   GLU A OE2 1 
ATOM   816 N  N   . LEU A 1 100 ? -3.089  11.069  5.279   1.00 20.53 ? 100  LEU A N   1 
ATOM   817 C  CA  . LEU A 1 100 ? -2.390  10.084  6.085   1.00 18.02 ? 100  LEU A CA  1 
ATOM   818 C  C   . LEU A 1 100 ? -0.946  9.924   5.637   1.00 17.37 ? 100  LEU A C   1 
ATOM   819 O  O   . LEU A 1 100 ? -0.088  9.614   6.462   1.00 23.59 ? 100  LEU A O   1 
ATOM   820 C  CB  . LEU A 1 100 ? -3.114  8.742   6.049   1.00 24.25 ? 100  LEU A CB  1 
ATOM   821 C  CG  . LEU A 1 100 ? -4.498  8.799   6.710   1.00 22.67 ? 100  LEU A CG  1 
ATOM   822 C  CD1 . LEU A 1 100 ? -5.230  7.482   6.516   1.00 27.78 ? 100  LEU A CD1 1 
ATOM   823 C  CD2 . LEU A 1 100 ? -4.373  9.169   8.209   1.00 23.39 ? 100  LEU A CD2 1 
ATOM   824 N  N   . VAL A 1 101 ? -0.659  10.131  4.353   1.00 20.37 ? 101  VAL A N   1 
ATOM   825 C  CA  . VAL A 1 101 ? 0.729   10.143  3.897   1.00 22.97 ? 101  VAL A CA  1 
ATOM   826 C  C   . VAL A 1 101 ? 1.497   11.246  4.608   1.00 28.39 ? 101  VAL A C   1 
ATOM   827 O  O   . VAL A 1 101 ? 2.576   11.023  5.165   1.00 22.06 ? 101  VAL A O   1 
ATOM   828 C  CB  . VAL A 1 101 ? 0.783   10.300  2.365   1.00 22.51 ? 101  VAL A CB  1 
ATOM   829 C  CG1 . VAL A 1 101 ? 2.201   10.694  1.881   1.00 23.58 ? 101  VAL A CG1 1 
ATOM   830 C  CG2 . VAL A 1 101 ? 0.334   9.025   1.690   1.00 23.19 ? 101  VAL A CG2 1 
ATOM   831 N  N   . GLU A 1 102 ? 0.930   12.453  4.626   1.00 20.64 ? 102  GLU A N   1 
ATOM   832 C  CA  . GLU A 1 102 ? 1.599   13.577  5.274   1.00 20.89 ? 102  GLU A CA  1 
ATOM   833 C  C   . GLU A 1 102 ? 1.757   13.332  6.772   1.00 29.01 ? 102  GLU A C   1 
ATOM   834 O  O   . GLU A 1 102 ? 2.809   13.623  7.351   1.00 26.19 ? 102  GLU A O   1 
ATOM   835 C  CB  . GLU A 1 102 ? 0.811   14.854  4.990   1.00 29.56 ? 102  GLU A CB  1 
ATOM   836 C  CG  . GLU A 1 102 ? 1.235   16.058  5.782   1.00 24.81 ? 102  GLU A CG  1 
ATOM   837 C  CD  . GLU A 1 102 ? 2.606   16.554  5.405   1.00 33.06 ? 102  GLU A CD  1 
ATOM   838 O  OE1 . GLU A 1 102 ? 3.145   16.169  4.339   1.00 27.42 ? 102  GLU A OE1 1 
ATOM   839 O  OE2 . GLU A 1 102 ? 3.145   17.344  6.198   1.00 31.24 ? 102  GLU A OE2 1 
ATOM   840 N  N   . LYS A 1 103 ? 0.728   12.783  7.414   1.00 21.98 ? 103  LYS A N   1 
ATOM   841 C  CA  . LYS A 1 103 ? 0.809   12.506  8.845   1.00 24.07 ? 103  LYS A CA  1 
ATOM   842 C  C   . LYS A 1 103 ? 1.954   11.551  9.181   1.00 24.33 ? 103  LYS A C   1 
ATOM   843 O  O   . LYS A 1 103 ? 2.643   11.729  10.192  1.00 26.60 ? 103  LYS A O   1 
ATOM   844 C  CB  . LYS A 1 103 ? -0.534  11.931  9.324   1.00 23.81 ? 103  LYS A CB  1 
ATOM   845 C  CG  . LYS A 1 103 ? -0.516  11.307  10.726  1.00 23.59 ? 103  LYS A CG  1 
ATOM   846 C  CD  . LYS A 1 103 ? -1.857  10.624  10.993  1.00 28.43 ? 103  LYS A CD  1 
ATOM   847 C  CE  . LYS A 1 103 ? -1.856  9.851   12.304  1.00 31.80 ? 103  LYS A CE  1 
ATOM   848 N  NZ  . LYS A 1 103 ? -3.043  8.937   12.344  1.00 33.59 ? 103  LYS A NZ  1 
ATOM   849 N  N   . ASN A 1 104 ? 2.162   10.516  8.357   1.00 22.60 ? 104  ASN A N   1 
ATOM   850 C  CA  . ASN A 1 104 ? 3.022   9.397   8.725   1.00 23.15 ? 104  ASN A CA  1 
ATOM   851 C  C   . ASN A 1 104 ? 4.417   9.452   8.098   1.00 28.33 ? 104  ASN A C   1 
ATOM   852 O  O   . ASN A 1 104 ? 5.283   8.647   8.472   1.00 26.30 ? 104  ASN A O   1 
ATOM   853 C  CB  . ASN A 1 104 ? 2.341   8.058   8.358   1.00 19.99 ? 104  ASN A CB  1 
ATOM   854 C  CG  . ASN A 1 104 ? 1.160   7.745   9.263   1.00 25.76 ? 104  ASN A CG  1 
ATOM   855 O  OD1 . ASN A 1 104 ? 1.339   7.539   10.452  1.00 27.00 ? 104  ASN A OD1 1 
ATOM   856 N  ND2 . ASN A 1 104 ? -0.060  7.738   8.700   1.00 21.96 ? 104  ASN A ND2 1 
ATOM   857 N  N   . LYS A 1 105 ? 4.674   10.378  7.185   1.00 19.33 ? 105  LYS A N   1 
ATOM   858 C  CA  . LYS A 1 105 ? 5.984   10.390  6.543   1.00 29.54 ? 105  LYS A CA  1 
ATOM   859 C  C   . LYS A 1 105 ? 6.990   11.080  7.452   1.00 28.07 ? 105  LYS A C   1 
ATOM   860 O  O   . LYS A 1 105 ? 6.621   11.777  8.416   1.00 24.88 ? 105  LYS A O   1 
ATOM   861 C  CB  . LYS A 1 105 ? 5.934   11.069  5.163   1.00 29.07 ? 105  LYS A CB  1 
ATOM   862 C  CG  . LYS A 1 105 ? 5.604   12.545  5.176   1.00 27.57 ? 105  LYS A CG  1 
ATOM   863 C  CD  . LYS A 1 105 ? 5.083   13.021  3.786   1.00 33.21 ? 105  LYS A CD  1 
ATOM   864 C  CE  . LYS A 1 105 ? 6.085   12.748  2.664   1.00 30.37 ? 105  LYS A CE  1 
ATOM   865 N  NZ  . LYS A 1 105 ? 5.866   13.647  1.464   1.00 27.18 ? 105  LYS A NZ  1 
ATOM   866 O  OXT . LYS A 1 105 ? 8.213   10.959  7.250   1.00 42.18 ? 105  LYS A OXT 1 
HETATM 867 ZN ZN  . ZN  B 2 .   ? -5.709  -16.416 -5.965  1.00 60.29 ? 1106 ZN  A ZN  1 
HETATM 868 O  O   . HOH C 3 .   ? 1.801   -15.088 -1.379  1.00 49.56 ? 2001 HOH A O   1 
HETATM 869 O  O   . HOH C 3 .   ? 0.365   -8.904  -5.401  1.00 40.14 ? 2002 HOH A O   1 
HETATM 870 O  O   . HOH C 3 .   ? -2.875  -8.269  -10.719 1.00 48.34 ? 2003 HOH A O   1 
HETATM 871 O  O   . HOH C 3 .   ? 12.726  1.751   -2.485  1.00 42.34 ? 2004 HOH A O   1 
HETATM 872 O  O   . HOH C 3 .   ? 2.435   -14.853 -3.920  1.00 51.97 ? 2005 HOH A O   1 
HETATM 873 O  O   . HOH C 3 .   ? 9.488   -14.348 -6.041  1.00 59.69 ? 2006 HOH A O   1 
HETATM 874 O  O   . HOH C 3 .   ? 4.150   -15.183 -0.663  1.00 52.50 ? 2007 HOH A O   1 
HETATM 875 O  O   . HOH C 3 .   ? 12.980  -10.843 1.279   1.00 41.42 ? 2008 HOH A O   1 
HETATM 876 O  O   . HOH C 3 .   ? 8.999   -8.871  6.482   1.00 47.93 ? 2009 HOH A O   1 
HETATM 877 O  O   . HOH C 3 .   ? 11.241  -0.505  -1.680  1.00 39.75 ? 2010 HOH A O   1 
HETATM 878 O  O   . HOH C 3 .   ? 10.192  -0.558  6.103   1.00 36.74 ? 2011 HOH A O   1 
HETATM 879 O  O   . HOH C 3 .   ? 13.619  -0.489  6.177   1.00 37.26 ? 2012 HOH A O   1 
HETATM 880 O  O   . HOH C 3 .   ? 16.124  4.170   1.295   1.00 58.31 ? 2013 HOH A O   1 
HETATM 881 O  O   . HOH C 3 .   ? 10.849  2.219   6.265   1.00 24.91 ? 2014 HOH A O   1 
HETATM 882 O  O   . HOH C 3 .   ? 14.396  8.903   4.081   1.00 35.51 ? 2015 HOH A O   1 
HETATM 883 O  O   . HOH C 3 .   ? 17.911  6.610   8.867   1.00 43.87 ? 2016 HOH A O   1 
HETATM 884 O  O   . HOH C 3 .   ? 10.141  5.930   -3.415  1.00 45.47 ? 2017 HOH A O   1 
HETATM 885 O  O   . HOH C 3 .   ? 9.276   9.036   4.049   1.00 38.24 ? 2018 HOH A O   1 
HETATM 886 O  O   . HOH C 3 .   ? 0.423   2.026   -2.501  1.00 39.67 ? 2019 HOH A O   1 
HETATM 887 O  O   . HOH C 3 .   ? -5.099  -0.936  -7.876  1.00 43.78 ? 2020 HOH A O   1 
HETATM 888 O  O   . HOH C 3 .   ? -8.041  -9.564  -7.650  1.00 39.54 ? 2021 HOH A O   1 
HETATM 889 O  O   . HOH C 3 .   ? -8.154  -10.896 -9.783  1.00 33.87 ? 2022 HOH A O   1 
HETATM 890 O  O   . HOH C 3 .   ? -9.449  -11.871 -8.389  1.00 49.23 ? 2023 HOH A O   1 
HETATM 891 O  O   . HOH C 3 .   ? -14.849 -2.445  -3.965  1.00 43.91 ? 2024 HOH A O   1 
HETATM 892 O  O   . HOH C 3 .   ? 9.872   14.205  6.808   0.50 53.69 ? 2025 HOH A O   1 
HETATM 893 O  O   . HOH C 3 .   ? -1.699  1.577   -9.245  1.00 47.14 ? 2026 HOH A O   1 
HETATM 894 O  O   . HOH C 3 .   ? 2.656   13.722  -13.999 1.00 38.05 ? 2027 HOH A O   1 
HETATM 895 O  O   . HOH C 3 .   ? 7.542   6.996   -4.886  1.00 34.33 ? 2028 HOH A O   1 
HETATM 896 O  O   . HOH C 3 .   ? 9.942   13.536  -7.938  1.00 51.43 ? 2029 HOH A O   1 
HETATM 897 O  O   . HOH C 3 .   ? 11.993  13.431  -7.162  1.00 41.41 ? 2030 HOH A O   1 
HETATM 898 O  O   . HOH C 3 .   ? 7.325   15.029  1.215   1.00 18.32 ? 2031 HOH A O   1 
HETATM 899 O  O   . HOH C 3 .   ? 8.183   16.162  2.530   1.00 43.81 ? 2032 HOH A O   1 
HETATM 900 O  O   . HOH C 3 .   ? 7.129   4.138   -5.130  1.00 30.49 ? 2033 HOH A O   1 
HETATM 901 O  O   . HOH C 3 .   ? -5.898  -11.217 -9.891  1.00 41.95 ? 2034 HOH A O   1 
HETATM 902 O  O   . HOH C 3 .   ? -5.250  -3.386  9.405   1.00 59.54 ? 2035 HOH A O   1 
HETATM 903 O  O   . HOH C 3 .   ? -8.777  -3.930  6.097   1.00 29.60 ? 2036 HOH A O   1 
HETATM 904 O  O   . HOH C 3 .   ? 8.366   3.224   12.833  1.00 39.55 ? 2037 HOH A O   1 
HETATM 905 O  O   . HOH C 3 .   ? 8.720   -1.091  7.424   1.00 44.93 ? 2038 HOH A O   1 
HETATM 906 O  O   . HOH C 3 .   ? 11.278  3.090   14.549  1.00 37.85 ? 2039 HOH A O   1 
HETATM 907 O  O   . HOH C 3 .   ? -5.348  6.488   11.443  1.00 46.67 ? 2040 HOH A O   1 
HETATM 908 O  O   . HOH C 3 .   ? -8.233  0.331   8.084   1.00 33.12 ? 2041 HOH A O   1 
HETATM 909 O  O   . HOH C 3 .   ? -9.974  3.669   7.668   1.00 32.93 ? 2042 HOH A O   1 
HETATM 910 O  O   . HOH C 3 .   ? -13.902 3.278   -1.360  1.00 36.66 ? 2043 HOH A O   1 
HETATM 911 O  O   . HOH C 3 .   ? -14.047 5.670   0.288   1.00 48.24 ? 2044 HOH A O   1 
HETATM 912 O  O   . HOH C 3 .   ? -9.993  14.675  -4.105  1.00 44.24 ? 2045 HOH A O   1 
HETATM 913 O  O   . HOH C 3 .   ? -7.005  16.077  -4.968  0.50 48.33 ? 2046 HOH A O   1 
HETATM 914 O  O   . HOH C 3 .   ? 0.463   14.293  1.108   1.00 29.23 ? 2047 HOH A O   1 
HETATM 915 O  O   . HOH C 3 .   ? -2.143  15.307  7.621   1.00 36.36 ? 2048 HOH A O   1 
HETATM 916 O  O   . HOH C 3 .   ? -9.551  16.751  5.725   1.00 40.29 ? 2049 HOH A O   1 
HETATM 917 O  O   . HOH C 3 .   ? 3.058   14.904  1.696   1.00 27.42 ? 2050 HOH A O   1 
HETATM 918 O  O   . HOH C 3 .   ? 2.858   18.514  8.352   1.00 30.82 ? 2051 HOH A O   1 
HETATM 919 O  O   . HOH C 3 .   ? 5.960   8.628   10.956  1.00 31.33 ? 2052 HOH A O   1 
HETATM 920 O  O   . HOH C 3 .   ? 3.406   8.194   12.330  1.00 27.42 ? 2053 HOH A O   1 
HETATM 921 O  O   . HOH C 3 .   ? 9.155   12.609  8.035   0.50 27.58 ? 2054 HOH A O   1 
# 
